data_2ENY
#
_entry.id   2ENY
#
_entity_poly.entity_id   1
_entity_poly.type   'polypeptide(L)'
_entity_poly.pdbx_seq_one_letter_code
;GSSGSSGHVGITKRLKTMEVLEGESCSFECVLSHESASDPAMWTVGGKTVGSSSRFQATRQGRKYILVVREAAPSDAGEV
VFSVRGLTSKASLIVRERSGPSSG
;
_entity_poly.pdbx_strand_id   A
#
# COMPACT_ATOMS: atom_id res chain seq x y z
N GLY A 1 -38.78 6.07 10.77
CA GLY A 1 -38.56 5.37 12.03
C GLY A 1 -37.41 5.94 12.82
N SER A 2 -36.23 5.31 12.68
CA SER A 2 -35.05 5.75 13.38
C SER A 2 -33.87 5.92 12.42
N SER A 3 -33.44 7.17 12.24
CA SER A 3 -32.32 7.46 11.35
C SER A 3 -31.01 7.56 12.12
N GLY A 4 -29.94 7.07 11.51
CA GLY A 4 -28.64 7.09 12.15
C GLY A 4 -28.03 5.72 12.30
N SER A 5 -26.75 5.67 12.64
CA SER A 5 -26.04 4.40 12.81
C SER A 5 -24.93 4.53 13.84
N SER A 6 -24.81 3.52 14.69
CA SER A 6 -23.78 3.53 15.74
C SER A 6 -22.53 2.79 15.26
N GLY A 7 -22.73 1.63 14.64
CA GLY A 7 -21.62 0.86 14.15
C GLY A 7 -20.52 1.71 13.54
N HIS A 8 -19.27 1.36 13.83
CA HIS A 8 -18.13 2.11 13.30
C HIS A 8 -17.45 1.34 12.18
N VAL A 9 -16.49 1.99 11.52
CA VAL A 9 -15.75 1.37 10.43
C VAL A 9 -14.25 1.38 10.70
N GLY A 10 -13.57 0.32 10.28
CA GLY A 10 -12.13 0.22 10.49
C GLY A 10 -11.46 -0.66 9.46
N ILE A 11 -10.14 -0.82 9.59
CA ILE A 11 -9.38 -1.66 8.67
C ILE A 11 -9.43 -3.12 9.08
N THR A 12 -10.16 -3.92 8.31
CA THR A 12 -10.28 -5.35 8.59
C THR A 12 -9.12 -6.13 8.00
N LYS A 13 -8.45 -5.53 7.02
CA LYS A 13 -7.32 -6.17 6.37
C LYS A 13 -6.09 -5.26 6.37
N ARG A 14 -5.34 -5.28 7.46
CA ARG A 14 -4.14 -4.45 7.59
C ARG A 14 -3.08 -4.89 6.59
N LEU A 15 -2.35 -3.91 6.05
CA LEU A 15 -1.30 -4.19 5.07
C LEU A 15 -0.45 -5.39 5.51
N LYS A 16 0.36 -5.89 4.60
CA LYS A 16 1.22 -7.04 4.89
C LYS A 16 2.59 -6.85 4.25
N THR A 17 3.57 -7.63 4.72
CA THR A 17 4.92 -7.56 4.21
C THR A 17 5.00 -8.06 2.77
N MET A 18 5.66 -7.29 1.91
CA MET A 18 5.80 -7.66 0.50
C MET A 18 7.26 -7.70 0.09
N GLU A 19 7.73 -8.88 -0.32
CA GLU A 19 9.11 -9.05 -0.73
C GLU A 19 9.20 -9.19 -2.26
N VAL A 20 10.07 -8.37 -2.86
CA VAL A 20 10.25 -8.40 -4.30
C VAL A 20 11.73 -8.26 -4.66
N LEU A 21 12.05 -8.55 -5.92
CA LEU A 21 13.43 -8.45 -6.40
C LEU A 21 13.70 -7.09 -7.03
N GLU A 22 14.81 -6.48 -6.65
CA GLU A 22 15.19 -5.18 -7.18
C GLU A 22 14.88 -5.08 -8.67
N GLY A 23 13.88 -4.27 -9.02
CA GLY A 23 13.50 -4.11 -10.42
C GLY A 23 12.25 -4.89 -10.77
N GLU A 24 11.36 -5.04 -9.80
CA GLU A 24 10.11 -5.76 -10.02
C GLU A 24 8.90 -4.88 -9.73
N SER A 25 7.71 -5.45 -9.91
CA SER A 25 6.47 -4.71 -9.66
C SER A 25 5.65 -5.37 -8.57
N CYS A 26 5.40 -4.64 -7.50
CA CYS A 26 4.61 -5.15 -6.37
C CYS A 26 3.34 -4.34 -6.18
N SER A 27 2.21 -5.04 -6.03
CA SER A 27 0.93 -4.37 -5.84
C SER A 27 0.36 -4.69 -4.47
N PHE A 28 0.43 -3.72 -3.56
CA PHE A 28 -0.08 -3.89 -2.20
C PHE A 28 -1.60 -3.91 -2.19
N GLU A 29 -2.17 -4.66 -1.25
CA GLU A 29 -3.62 -4.76 -1.14
C GLU A 29 -4.10 -4.27 0.22
N CYS A 30 -5.19 -3.52 0.22
CA CYS A 30 -5.75 -2.98 1.46
C CYS A 30 -7.27 -2.86 1.36
N VAL A 31 -7.96 -3.55 2.28
CA VAL A 31 -9.42 -3.52 2.30
C VAL A 31 -9.94 -2.82 3.55
N LEU A 32 -10.99 -2.03 3.38
CA LEU A 32 -11.59 -1.30 4.49
C LEU A 32 -12.97 -1.85 4.82
N SER A 33 -13.25 -2.01 6.11
CA SER A 33 -14.53 -2.53 6.56
C SER A 33 -15.66 -2.03 5.66
N HIS A 34 -15.61 -0.74 5.31
CA HIS A 34 -16.63 -0.15 4.45
C HIS A 34 -16.00 0.45 3.21
N GLU A 35 -16.85 0.92 2.29
CA GLU A 35 -16.37 1.52 1.04
C GLU A 35 -15.58 2.79 1.32
N SER A 36 -15.71 3.31 2.54
CA SER A 36 -15.00 4.53 2.92
C SER A 36 -15.01 5.55 1.79
N ALA A 37 -16.17 5.71 1.17
CA ALA A 37 -16.32 6.67 0.08
C ALA A 37 -16.28 8.10 0.59
N SER A 38 -16.98 8.35 1.69
CA SER A 38 -17.03 9.69 2.27
C SER A 38 -15.71 10.41 2.10
N ASP A 39 -14.65 9.83 2.65
CA ASP A 39 -13.32 10.42 2.56
C ASP A 39 -12.42 9.59 1.65
N PRO A 40 -11.54 10.27 0.90
CA PRO A 40 -10.61 9.61 -0.03
C PRO A 40 -9.52 8.83 0.71
N ALA A 41 -8.76 8.04 -0.04
CA ALA A 41 -7.67 7.25 0.54
C ALA A 41 -6.32 7.74 0.07
N MET A 42 -5.30 7.55 0.90
CA MET A 42 -3.94 7.97 0.57
C MET A 42 -2.99 6.79 0.58
N TRP A 43 -1.90 6.91 -0.18
CA TRP A 43 -0.90 5.84 -0.27
C TRP A 43 0.50 6.40 -0.06
N THR A 44 1.16 5.95 0.99
CA THR A 44 2.51 6.41 1.30
C THR A 44 3.48 5.23 1.40
N VAL A 45 4.30 5.06 0.38
CA VAL A 45 5.28 3.97 0.35
C VAL A 45 6.67 4.48 0.67
N GLY A 46 7.28 3.93 1.72
CA GLY A 46 8.61 4.34 2.11
C GLY A 46 8.61 5.58 2.96
N GLY A 47 7.72 6.53 2.63
CA GLY A 47 7.64 7.76 3.40
C GLY A 47 7.41 8.97 2.51
N LYS A 48 6.68 8.77 1.42
CA LYS A 48 6.39 9.85 0.48
C LYS A 48 4.99 9.71 -0.10
N THR A 49 4.48 10.80 -0.67
CA THR A 49 3.14 10.79 -1.26
C THR A 49 3.20 10.42 -2.74
N VAL A 50 2.48 9.36 -3.10
CA VAL A 50 2.45 8.90 -4.49
C VAL A 50 1.04 8.97 -5.06
N GLY A 51 0.07 8.44 -4.30
CA GLY A 51 -1.31 8.45 -4.73
C GLY A 51 -1.44 8.27 -6.23
N SER A 52 -1.96 9.30 -6.90
CA SER A 52 -2.14 9.25 -8.35
C SER A 52 -0.87 9.71 -9.07
N SER A 53 -0.21 8.77 -9.75
CA SER A 53 1.01 9.08 -10.48
C SER A 53 1.24 8.08 -11.60
N SER A 54 1.99 8.48 -12.61
CA SER A 54 2.29 7.61 -13.75
C SER A 54 2.83 6.27 -13.28
N ARG A 55 3.83 6.31 -12.42
CA ARG A 55 4.45 5.09 -11.89
C ARG A 55 3.51 4.41 -10.90
N PHE A 56 3.15 5.11 -9.84
CA PHE A 56 2.27 4.57 -8.82
C PHE A 56 0.81 4.88 -9.14
N GLN A 57 0.07 3.85 -9.54
CA GLN A 57 -1.33 4.00 -9.89
C GLN A 57 -2.23 3.36 -8.83
N ALA A 58 -2.55 4.13 -7.79
CA ALA A 58 -3.40 3.64 -6.71
C ALA A 58 -4.84 3.46 -7.19
N THR A 59 -5.13 2.31 -7.77
CA THR A 59 -6.48 2.03 -8.27
C THR A 59 -7.44 1.75 -7.12
N ARG A 60 -8.73 1.74 -7.43
CA ARG A 60 -9.75 1.49 -6.42
C ARG A 60 -10.82 0.55 -6.95
N GLN A 61 -11.23 -0.41 -6.13
CA GLN A 61 -12.25 -1.38 -6.52
C GLN A 61 -13.28 -1.56 -5.42
N GLY A 62 -14.43 -0.91 -5.58
CA GLY A 62 -15.49 -1.02 -4.58
C GLY A 62 -15.01 -0.68 -3.19
N ARG A 63 -14.68 -1.70 -2.40
CA ARG A 63 -14.20 -1.50 -1.04
C ARG A 63 -12.79 -2.05 -0.88
N LYS A 64 -11.98 -1.92 -1.92
CA LYS A 64 -10.61 -2.40 -1.89
C LYS A 64 -9.69 -1.47 -2.66
N TYR A 65 -8.42 -1.44 -2.28
CA TYR A 65 -7.44 -0.59 -2.94
C TYR A 65 -6.19 -1.39 -3.33
N ILE A 66 -5.66 -1.10 -4.51
CA ILE A 66 -4.47 -1.78 -5.01
C ILE A 66 -3.43 -0.80 -5.51
N LEU A 67 -2.39 -0.59 -4.73
CA LEU A 67 -1.32 0.34 -5.09
C LEU A 67 -0.21 -0.39 -5.85
N VAL A 68 -0.07 -0.09 -7.13
CA VAL A 68 0.95 -0.71 -7.96
C VAL A 68 2.25 0.07 -7.90
N VAL A 69 3.36 -0.65 -7.73
CA VAL A 69 4.68 -0.02 -7.65
C VAL A 69 5.56 -0.47 -8.82
N ARG A 70 6.10 0.50 -9.55
CA ARG A 70 6.96 0.21 -10.68
C ARG A 70 8.40 0.65 -10.41
N GLU A 71 9.35 -0.05 -11.00
CA GLU A 71 10.76 0.27 -10.81
C GLU A 71 11.14 0.21 -9.33
N ALA A 72 10.78 -0.89 -8.67
CA ALA A 72 11.09 -1.07 -7.26
C ALA A 72 12.58 -0.97 -7.01
N ALA A 73 12.96 -0.08 -6.09
CA ALA A 73 14.37 0.11 -5.75
C ALA A 73 14.64 -0.30 -4.31
N PRO A 74 15.93 -0.47 -3.97
CA PRO A 74 16.35 -0.86 -2.62
C PRO A 74 16.13 0.24 -1.60
N SER A 75 16.32 1.48 -2.03
CA SER A 75 16.15 2.63 -1.15
C SER A 75 14.73 2.67 -0.58
N ASP A 76 13.74 2.76 -1.46
CA ASP A 76 12.34 2.80 -1.05
C ASP A 76 12.09 1.84 0.11
N ALA A 77 12.67 0.65 0.01
CA ALA A 77 12.51 -0.36 1.05
C ALA A 77 12.62 0.26 2.44
N GLY A 78 11.62 0.02 3.27
CA GLY A 78 11.62 0.57 4.61
C GLY A 78 10.35 0.26 5.38
N GLU A 79 9.38 1.17 5.29
CA GLU A 79 8.10 0.99 5.98
C GLU A 79 6.97 1.67 5.22
N VAL A 80 5.97 0.90 4.82
CA VAL A 80 4.83 1.44 4.09
C VAL A 80 3.71 1.84 5.04
N VAL A 81 2.95 2.87 4.66
CA VAL A 81 1.85 3.36 5.47
C VAL A 81 0.64 3.70 4.61
N PHE A 82 -0.56 3.43 5.15
CA PHE A 82 -1.79 3.71 4.43
C PHE A 82 -2.80 4.41 5.33
N SER A 83 -3.03 5.69 5.07
CA SER A 83 -3.97 6.48 5.87
C SER A 83 -5.27 6.71 5.09
N VAL A 84 -6.38 6.77 5.81
CA VAL A 84 -7.69 7.00 5.20
C VAL A 84 -8.71 7.45 6.23
N ARG A 85 -9.36 8.57 5.98
CA ARG A 85 -10.36 9.11 6.88
C ARG A 85 -9.86 9.09 8.32
N GLY A 86 -8.55 9.13 8.48
CA GLY A 86 -7.95 9.11 9.81
C GLY A 86 -7.17 7.85 10.08
N LEU A 87 -7.79 6.70 9.84
CA LEU A 87 -7.14 5.42 10.06
C LEU A 87 -5.74 5.40 9.46
N THR A 88 -4.91 4.45 9.89
CA THR A 88 -3.55 4.34 9.40
C THR A 88 -3.00 2.93 9.65
N SER A 89 -2.17 2.46 8.73
CA SER A 89 -1.57 1.14 8.85
C SER A 89 -0.06 1.20 8.67
N LYS A 90 0.59 0.05 8.79
CA LYS A 90 2.04 -0.03 8.64
C LYS A 90 2.46 -1.38 8.07
N ALA A 91 3.58 -1.39 7.35
CA ALA A 91 4.09 -2.62 6.75
C ALA A 91 5.58 -2.50 6.44
N SER A 92 6.16 -3.58 5.95
CA SER A 92 7.59 -3.60 5.62
C SER A 92 7.81 -4.07 4.19
N LEU A 93 8.70 -3.38 3.48
CA LEU A 93 9.01 -3.72 2.10
C LEU A 93 10.44 -4.19 1.95
N ILE A 94 10.63 -5.34 1.31
CA ILE A 94 11.96 -5.89 1.10
C ILE A 94 12.34 -5.89 -0.37
N VAL A 95 13.56 -5.44 -0.67
CA VAL A 95 14.04 -5.39 -2.04
C VAL A 95 15.46 -5.95 -2.15
N ARG A 96 15.57 -7.19 -2.64
CA ARG A 96 16.86 -7.83 -2.79
C ARG A 96 17.45 -7.56 -4.17
N GLU A 97 18.69 -7.10 -4.19
CA GLU A 97 19.36 -6.80 -5.46
C GLU A 97 19.22 -7.95 -6.45
N ARG A 98 18.98 -7.61 -7.71
CA ARG A 98 18.82 -8.61 -8.75
C ARG A 98 19.90 -9.69 -8.65
N SER A 99 19.61 -10.86 -9.20
CA SER A 99 20.55 -11.98 -9.17
C SER A 99 20.32 -12.92 -10.34
N GLY A 100 21.21 -13.90 -10.49
CA GLY A 100 21.08 -14.86 -11.57
C GLY A 100 21.85 -14.44 -12.80
N PRO A 101 22.37 -15.43 -13.55
CA PRO A 101 23.14 -15.18 -14.77
C PRO A 101 22.27 -14.67 -15.91
N SER A 102 20.98 -14.98 -15.85
CA SER A 102 20.04 -14.56 -16.88
C SER A 102 20.00 -13.04 -16.98
N SER A 103 19.53 -12.53 -18.11
CA SER A 103 19.44 -11.09 -18.33
C SER A 103 18.01 -10.68 -18.68
N GLY A 104 17.68 -9.42 -18.40
CA GLY A 104 16.35 -8.92 -18.68
C GLY A 104 16.29 -7.41 -18.72
N GLY A 1 -31.28 -7.12 28.04
CA GLY A 1 -30.93 -6.94 26.63
C GLY A 1 -29.50 -6.51 26.45
N SER A 2 -29.25 -5.68 25.43
CA SER A 2 -27.92 -5.19 25.15
C SER A 2 -27.97 -4.00 24.19
N SER A 3 -27.31 -2.91 24.58
CA SER A 3 -27.28 -1.70 23.77
C SER A 3 -27.03 -2.04 22.30
N GLY A 4 -28.03 -1.76 21.46
CA GLY A 4 -27.89 -2.04 20.04
C GLY A 4 -27.15 -0.95 19.30
N SER A 5 -25.89 -1.22 18.96
CA SER A 5 -25.06 -0.25 18.25
C SER A 5 -23.97 -0.96 17.46
N SER A 6 -23.29 -0.19 16.61
CA SER A 6 -22.21 -0.74 15.78
C SER A 6 -21.31 0.37 15.24
N GLY A 7 -20.02 0.27 15.54
CA GLY A 7 -19.07 1.27 15.09
C GLY A 7 -17.63 0.83 15.28
N HIS A 8 -16.83 1.71 15.86
CA HIS A 8 -15.42 1.41 16.09
C HIS A 8 -14.73 0.96 14.80
N VAL A 9 -14.99 1.70 13.73
CA VAL A 9 -14.40 1.37 12.43
C VAL A 9 -12.92 1.01 12.57
N GLY A 10 -12.50 -0.02 11.86
CA GLY A 10 -11.11 -0.45 11.92
C GLY A 10 -10.70 -1.25 10.70
N ILE A 11 -9.39 -1.31 10.44
CA ILE A 11 -8.87 -2.04 9.30
C ILE A 11 -9.20 -3.52 9.40
N THR A 12 -9.89 -4.04 8.39
CA THR A 12 -10.27 -5.44 8.36
C THR A 12 -9.18 -6.30 7.73
N LYS A 13 -8.51 -5.75 6.72
CA LYS A 13 -7.43 -6.45 6.03
C LYS A 13 -6.19 -5.58 5.92
N ARG A 14 -5.46 -5.47 7.02
CA ARG A 14 -4.24 -4.65 7.05
C ARG A 14 -3.28 -5.10 5.96
N LEU A 15 -2.30 -4.25 5.65
CA LEU A 15 -1.32 -4.55 4.63
C LEU A 15 -0.45 -5.73 5.04
N LYS A 16 0.33 -6.26 4.10
CA LYS A 16 1.21 -7.39 4.37
C LYS A 16 2.59 -7.15 3.78
N THR A 17 3.63 -7.57 4.51
CA THR A 17 5.00 -7.41 4.07
C THR A 17 5.27 -8.21 2.79
N MET A 18 5.78 -7.53 1.77
CA MET A 18 6.08 -8.17 0.50
C MET A 18 7.59 -8.28 0.29
N GLU A 19 8.00 -9.20 -0.58
CA GLU A 19 9.41 -9.39 -0.87
C GLU A 19 9.64 -9.61 -2.36
N VAL A 20 10.18 -8.60 -3.03
CA VAL A 20 10.45 -8.67 -4.46
C VAL A 20 11.91 -8.35 -4.76
N LEU A 21 12.25 -8.31 -6.04
CA LEU A 21 13.60 -8.02 -6.47
C LEU A 21 13.68 -6.67 -7.17
N GLU A 22 14.76 -5.93 -6.91
CA GLU A 22 14.94 -4.62 -7.52
C GLU A 22 14.68 -4.67 -9.02
N GLY A 23 13.66 -3.93 -9.47
CA GLY A 23 13.32 -3.91 -10.88
C GLY A 23 11.97 -4.54 -11.15
N GLU A 24 11.58 -5.50 -10.31
CA GLU A 24 10.31 -6.19 -10.47
C GLU A 24 9.15 -5.27 -10.13
N SER A 25 7.93 -5.79 -10.27
CA SER A 25 6.73 -5.01 -9.98
C SER A 25 5.72 -5.84 -9.19
N CYS A 26 5.22 -5.27 -8.09
CA CYS A 26 4.25 -5.96 -7.25
C CYS A 26 2.99 -5.12 -7.07
N SER A 27 2.07 -5.62 -6.25
CA SER A 27 0.82 -4.92 -6.00
C SER A 27 0.26 -5.27 -4.63
N PHE A 28 0.25 -4.29 -3.73
CA PHE A 28 -0.26 -4.50 -2.38
C PHE A 28 -1.78 -4.49 -2.36
N GLU A 29 -2.35 -4.75 -1.19
CA GLU A 29 -3.80 -4.77 -1.03
C GLU A 29 -4.20 -4.42 0.40
N CYS A 30 -5.20 -3.56 0.53
CA CYS A 30 -5.69 -3.15 1.84
C CYS A 30 -7.18 -2.87 1.82
N VAL A 31 -7.94 -3.65 2.58
CA VAL A 31 -9.38 -3.48 2.64
C VAL A 31 -9.81 -2.76 3.92
N LEU A 32 -10.85 -1.95 3.81
CA LEU A 32 -11.35 -1.20 4.95
C LEU A 32 -12.78 -1.62 5.30
N SER A 33 -13.09 -1.66 6.59
CA SER A 33 -14.42 -2.05 7.05
C SER A 33 -15.48 -1.11 6.47
N HIS A 34 -15.15 0.17 6.38
CA HIS A 34 -16.07 1.17 5.84
C HIS A 34 -16.11 1.10 4.32
N GLU A 35 -17.07 1.83 3.73
CA GLU A 35 -17.22 1.85 2.29
C GLU A 35 -16.20 2.78 1.64
N SER A 36 -15.69 2.40 0.48
CA SER A 36 -14.71 3.20 -0.24
C SER A 36 -15.37 4.32 -1.02
N ALA A 37 -14.57 5.08 -1.75
CA ALA A 37 -15.08 6.19 -2.55
C ALA A 37 -15.93 7.14 -1.71
N SER A 38 -15.49 7.37 -0.47
CA SER A 38 -16.21 8.24 0.44
C SER A 38 -15.30 9.37 0.95
N ASP A 39 -14.00 9.09 1.00
CA ASP A 39 -13.03 10.07 1.46
C ASP A 39 -11.73 9.96 0.66
N PRO A 40 -10.95 11.05 0.64
CA PRO A 40 -9.68 11.11 -0.08
C PRO A 40 -8.60 10.23 0.57
N ALA A 41 -8.12 9.26 -0.18
CA ALA A 41 -7.08 8.35 0.32
C ALA A 41 -5.69 8.83 -0.10
N MET A 42 -4.70 8.54 0.74
CA MET A 42 -3.33 8.94 0.46
C MET A 42 -2.36 7.79 0.76
N TRP A 43 -1.56 7.43 -0.23
CA TRP A 43 -0.59 6.35 -0.08
C TRP A 43 0.82 6.90 0.04
N THR A 44 1.48 6.62 1.16
CA THR A 44 2.84 7.09 1.39
C THR A 44 3.79 5.93 1.67
N VAL A 45 4.69 5.66 0.73
CA VAL A 45 5.65 4.57 0.88
C VAL A 45 7.08 5.10 0.90
N GLY A 46 7.72 5.00 2.06
CA GLY A 46 9.08 5.47 2.20
C GLY A 46 9.15 6.95 2.51
N GLY A 47 8.29 7.74 1.87
CA GLY A 47 8.28 9.16 2.09
C GLY A 47 8.08 9.96 0.81
N LYS A 48 7.11 9.55 0.01
CA LYS A 48 6.82 10.22 -1.25
C LYS A 48 5.37 10.03 -1.65
N THR A 49 4.77 11.08 -2.21
CA THR A 49 3.38 11.03 -2.64
C THR A 49 3.23 10.31 -3.97
N VAL A 50 2.94 9.02 -3.92
CA VAL A 50 2.78 8.23 -5.13
C VAL A 50 1.34 8.31 -5.66
N GLY A 51 1.18 7.99 -6.94
CA GLY A 51 -0.14 8.04 -7.53
C GLY A 51 -0.10 8.36 -9.02
N SER A 52 0.62 9.43 -9.37
CA SER A 52 0.75 9.83 -10.77
C SER A 52 2.21 10.04 -11.15
N SER A 53 3.08 9.20 -10.60
CA SER A 53 4.51 9.29 -10.87
C SER A 53 5.01 8.02 -11.56
N SER A 54 4.08 7.16 -11.96
CA SER A 54 4.43 5.91 -12.62
C SER A 54 5.04 4.92 -11.62
N ARG A 55 4.51 4.93 -10.40
CA ARG A 55 5.00 4.03 -9.36
C ARG A 55 4.12 4.10 -8.13
N PHE A 56 3.74 2.94 -7.60
CA PHE A 56 2.89 2.86 -6.42
C PHE A 56 1.58 3.61 -6.65
N GLN A 57 0.95 3.37 -7.79
CA GLN A 57 -0.31 4.01 -8.13
C GLN A 57 -1.44 3.49 -7.26
N ALA A 58 -2.32 4.38 -6.84
CA ALA A 58 -3.45 4.01 -6.00
C ALA A 58 -4.72 3.82 -6.84
N THR A 59 -5.21 2.60 -6.90
CA THR A 59 -6.41 2.28 -7.67
C THR A 59 -7.64 2.16 -6.76
N ARG A 60 -8.82 2.22 -7.35
CA ARG A 60 -10.07 2.13 -6.60
C ARG A 60 -10.87 0.91 -7.04
N GLN A 61 -10.92 -0.10 -6.18
CA GLN A 61 -11.67 -1.32 -6.49
C GLN A 61 -12.58 -1.71 -5.33
N GLY A 62 -13.87 -1.87 -5.63
CA GLY A 62 -14.83 -2.23 -4.60
C GLY A 62 -14.55 -1.55 -3.28
N ARG A 63 -13.91 -2.29 -2.36
CA ARG A 63 -13.59 -1.75 -1.05
C ARG A 63 -12.14 -2.05 -0.68
N LYS A 64 -11.39 -2.54 -1.65
CA LYS A 64 -9.99 -2.88 -1.43
C LYS A 64 -9.07 -1.98 -2.27
N TYR A 65 -8.04 -1.43 -1.65
CA TYR A 65 -7.10 -0.56 -2.34
C TYR A 65 -5.88 -1.36 -2.80
N ILE A 66 -5.59 -1.29 -4.10
CA ILE A 66 -4.45 -1.99 -4.67
C ILE A 66 -3.37 -1.01 -5.12
N LEU A 67 -2.23 -1.03 -4.43
CA LEU A 67 -1.12 -0.14 -4.76
C LEU A 67 -0.20 -0.79 -5.78
N VAL A 68 -0.27 -0.30 -7.01
CA VAL A 68 0.57 -0.83 -8.09
C VAL A 68 1.99 -0.31 -7.99
N VAL A 69 2.87 -1.13 -7.44
CA VAL A 69 4.27 -0.75 -7.28
C VAL A 69 5.06 -0.97 -8.56
N ARG A 70 5.52 0.11 -9.17
CA ARG A 70 6.28 0.04 -10.41
C ARG A 70 7.61 0.78 -10.28
N GLU A 71 8.66 0.18 -10.84
CA GLU A 71 9.99 0.78 -10.78
C GLU A 71 10.54 0.74 -9.35
N ALA A 72 10.25 -0.34 -8.64
CA ALA A 72 10.71 -0.51 -7.27
C ALA A 72 12.20 -0.18 -7.15
N ALA A 73 12.68 -0.07 -5.92
CA ALA A 73 14.09 0.24 -5.67
C ALA A 73 14.50 -0.20 -4.27
N PRO A 74 15.82 -0.41 -4.08
CA PRO A 74 16.37 -0.83 -2.79
C PRO A 74 16.30 0.28 -1.74
N SER A 75 16.16 1.52 -2.20
CA SER A 75 16.08 2.65 -1.29
C SER A 75 14.69 2.76 -0.68
N ASP A 76 13.67 2.78 -1.53
CA ASP A 76 12.30 2.87 -1.07
C ASP A 76 12.03 1.89 0.08
N ALA A 77 12.60 0.69 -0.04
CA ALA A 77 12.43 -0.33 0.99
C ALA A 77 12.48 0.28 2.39
N GLY A 78 11.37 0.20 3.11
CA GLY A 78 11.32 0.74 4.45
C GLY A 78 9.97 0.51 5.12
N GLU A 79 8.93 1.16 4.60
CA GLU A 79 7.60 1.02 5.16
C GLU A 79 6.56 1.69 4.27
N VAL A 80 5.39 1.06 4.14
CA VAL A 80 4.32 1.60 3.31
C VAL A 80 3.12 1.99 4.16
N VAL A 81 3.04 3.27 4.51
CA VAL A 81 1.93 3.78 5.32
C VAL A 81 0.78 4.25 4.44
N PHE A 82 -0.43 3.83 4.79
CA PHE A 82 -1.62 4.21 4.03
C PHE A 82 -2.73 4.67 4.97
N SER A 83 -3.01 5.97 4.95
CA SER A 83 -4.04 6.54 5.80
C SER A 83 -5.30 6.86 4.99
N VAL A 84 -6.45 6.45 5.51
CA VAL A 84 -7.73 6.68 4.84
C VAL A 84 -8.77 7.21 5.81
N ARG A 85 -9.42 8.31 5.43
CA ARG A 85 -10.45 8.91 6.27
C ARG A 85 -10.11 8.75 7.74
N GLY A 86 -8.81 8.78 8.06
CA GLY A 86 -8.37 8.64 9.43
C GLY A 86 -7.53 7.41 9.65
N LEU A 87 -8.10 6.24 9.35
CA LEU A 87 -7.39 4.98 9.52
C LEU A 87 -5.96 5.09 8.99
N THR A 88 -5.14 4.09 9.30
CA THR A 88 -3.75 4.07 8.86
C THR A 88 -3.14 2.68 9.01
N SER A 89 -2.70 2.11 7.89
CA SER A 89 -2.10 0.78 7.89
C SER A 89 -0.59 0.86 7.69
N LYS A 90 0.14 -0.02 8.36
CA LYS A 90 1.60 -0.04 8.25
C LYS A 90 2.07 -1.40 7.75
N ALA A 91 3.08 -1.38 6.88
CA ALA A 91 3.63 -2.61 6.31
C ALA A 91 5.09 -2.42 5.91
N SER A 92 5.84 -3.51 5.89
CA SER A 92 7.25 -3.46 5.52
C SER A 92 7.47 -4.02 4.12
N LEU A 93 8.26 -3.30 3.34
CA LEU A 93 8.55 -3.71 1.96
C LEU A 93 10.02 -4.08 1.81
N ILE A 94 10.29 -5.31 1.39
CA ILE A 94 11.66 -5.78 1.20
C ILE A 94 12.03 -5.78 -0.27
N VAL A 95 13.21 -5.24 -0.59
CA VAL A 95 13.68 -5.19 -1.96
C VAL A 95 15.14 -5.62 -2.05
N ARG A 96 15.37 -6.75 -2.71
CA ARG A 96 16.71 -7.28 -2.87
C ARG A 96 17.34 -6.81 -4.18
N GLU A 97 18.54 -6.25 -4.10
CA GLU A 97 19.24 -5.75 -5.27
C GLU A 97 19.28 -6.82 -6.37
N ARG A 98 19.16 -6.38 -7.62
CA ARG A 98 19.18 -7.30 -8.75
C ARG A 98 20.54 -8.00 -8.84
N SER A 99 20.68 -9.10 -8.11
CA SER A 99 21.91 -9.87 -8.12
C SER A 99 21.75 -11.19 -8.87
N GLY A 100 22.08 -11.17 -10.16
CA GLY A 100 21.96 -12.37 -10.97
C GLY A 100 20.59 -13.02 -10.84
N PRO A 101 20.36 -14.10 -11.60
CA PRO A 101 19.09 -14.83 -11.58
C PRO A 101 18.89 -15.59 -10.28
N SER A 102 17.76 -15.33 -9.62
CA SER A 102 17.44 -16.00 -8.37
C SER A 102 16.10 -16.71 -8.45
N SER A 103 16.12 -18.02 -8.31
CA SER A 103 14.90 -18.83 -8.37
C SER A 103 14.16 -18.79 -7.04
N GLY A 104 12.96 -18.20 -7.05
CA GLY A 104 12.17 -18.11 -5.84
C GLY A 104 11.01 -17.13 -5.98
N GLY A 1 -13.33 19.13 21.80
CA GLY A 1 -12.88 18.39 20.63
C GLY A 1 -13.61 18.80 19.37
N SER A 2 -13.24 18.19 18.25
CA SER A 2 -13.87 18.49 16.96
C SER A 2 -14.64 17.28 16.44
N SER A 3 -15.92 17.22 16.77
CA SER A 3 -16.77 16.12 16.33
C SER A 3 -18.11 16.62 15.82
N GLY A 4 -18.89 15.73 15.21
CA GLY A 4 -20.18 16.11 14.68
C GLY A 4 -20.95 14.93 14.13
N SER A 5 -20.25 14.02 13.46
CA SER A 5 -20.89 12.85 12.88
C SER A 5 -20.60 11.61 13.74
N SER A 6 -21.37 10.54 13.49
CA SER A 6 -21.21 9.31 14.25
C SER A 6 -21.14 8.11 13.30
N GLY A 7 -20.20 7.20 13.56
CA GLY A 7 -20.05 6.03 12.73
C GLY A 7 -18.85 5.19 13.13
N HIS A 8 -19.03 3.86 13.11
CA HIS A 8 -17.96 2.95 13.48
C HIS A 8 -17.21 2.47 12.23
N VAL A 9 -15.94 2.81 12.13
CA VAL A 9 -15.11 2.41 11.00
C VAL A 9 -13.69 2.09 11.44
N GLY A 10 -13.17 0.96 10.96
CA GLY A 10 -11.82 0.56 11.31
C GLY A 10 -11.23 -0.43 10.33
N ILE A 11 -9.93 -0.35 10.11
CA ILE A 11 -9.25 -1.24 9.18
C ILE A 11 -9.45 -2.70 9.57
N THR A 12 -9.98 -3.49 8.64
CA THR A 12 -10.23 -4.91 8.89
C THR A 12 -9.06 -5.76 8.41
N LYS A 13 -8.22 -5.19 7.55
CA LYS A 13 -7.07 -5.90 7.01
C LYS A 13 -5.83 -5.00 7.02
N ARG A 14 -4.67 -5.60 7.28
CA ARG A 14 -3.42 -4.87 7.32
C ARG A 14 -2.46 -5.35 6.23
N LEU A 15 -1.81 -4.42 5.56
CA LEU A 15 -0.86 -4.75 4.50
C LEU A 15 0.16 -5.79 4.97
N LYS A 16 0.20 -6.92 4.28
CA LYS A 16 1.13 -7.99 4.62
C LYS A 16 2.51 -7.73 4.03
N THR A 17 3.54 -8.13 4.75
CA THR A 17 4.92 -7.94 4.30
C THR A 17 5.10 -8.47 2.88
N MET A 18 5.86 -7.72 2.08
CA MET A 18 6.12 -8.11 0.69
C MET A 18 7.61 -8.25 0.45
N GLU A 19 7.97 -9.11 -0.50
CA GLU A 19 9.38 -9.34 -0.83
C GLU A 19 9.56 -9.49 -2.34
N VAL A 20 10.21 -8.51 -2.95
CA VAL A 20 10.45 -8.52 -4.39
C VAL A 20 11.91 -8.24 -4.71
N LEU A 21 12.23 -8.13 -5.99
CA LEU A 21 13.58 -7.86 -6.44
C LEU A 21 13.74 -6.41 -6.86
N GLU A 22 14.98 -5.94 -6.94
CA GLU A 22 15.26 -4.56 -7.34
C GLU A 22 14.91 -4.35 -8.82
N GLY A 23 14.23 -3.24 -9.09
CA GLY A 23 13.84 -2.94 -10.46
C GLY A 23 12.63 -3.73 -10.91
N GLU A 24 11.75 -4.05 -9.96
CA GLU A 24 10.54 -4.81 -10.27
C GLU A 24 9.29 -4.04 -9.85
N SER A 25 8.13 -4.66 -10.06
CA SER A 25 6.87 -4.03 -9.71
C SER A 25 5.98 -5.00 -8.94
N CYS A 26 5.34 -4.50 -7.89
CA CYS A 26 4.45 -5.33 -7.07
C CYS A 26 3.11 -4.65 -6.87
N SER A 27 2.23 -5.30 -6.12
CA SER A 27 0.90 -4.77 -5.85
C SER A 27 0.44 -5.12 -4.44
N PHE A 28 0.03 -4.11 -3.68
CA PHE A 28 -0.43 -4.31 -2.32
C PHE A 28 -1.95 -4.29 -2.25
N GLU A 29 -2.50 -4.80 -1.15
CA GLU A 29 -3.95 -4.84 -0.96
C GLU A 29 -4.32 -4.41 0.45
N CYS A 30 -5.41 -3.65 0.55
CA CYS A 30 -5.88 -3.17 1.85
C CYS A 30 -7.40 -3.04 1.87
N VAL A 31 -8.03 -3.77 2.78
CA VAL A 31 -9.49 -3.75 2.91
C VAL A 31 -9.92 -3.01 4.17
N LEU A 32 -11.11 -2.44 4.14
CA LEU A 32 -11.65 -1.70 5.27
C LEU A 32 -12.91 -2.38 5.81
N SER A 33 -13.16 -2.20 7.11
CA SER A 33 -14.32 -2.79 7.75
C SER A 33 -15.61 -2.21 7.18
N HIS A 34 -15.70 -0.88 7.14
CA HIS A 34 -16.88 -0.21 6.61
C HIS A 34 -16.75 -0.01 5.11
N GLU A 35 -17.90 0.04 4.42
CA GLU A 35 -17.92 0.23 2.97
C GLU A 35 -17.40 1.61 2.61
N SER A 36 -16.82 1.73 1.42
CA SER A 36 -16.29 2.99 0.94
C SER A 36 -17.02 3.46 -0.32
N ALA A 37 -17.66 4.61 -0.23
CA ALA A 37 -18.40 5.16 -1.37
C ALA A 37 -17.71 6.41 -1.91
N SER A 38 -16.65 6.22 -2.69
CA SER A 38 -15.90 7.32 -3.26
C SER A 38 -15.11 8.06 -2.19
N ASP A 39 -14.74 7.34 -1.13
CA ASP A 39 -13.98 7.92 -0.04
C ASP A 39 -12.55 8.23 -0.48
N PRO A 40 -11.93 9.22 0.18
CA PRO A 40 -10.57 9.65 -0.13
C PRO A 40 -9.53 8.60 0.27
N ALA A 41 -8.27 8.85 -0.07
CA ALA A 41 -7.19 7.93 0.25
C ALA A 41 -5.84 8.53 -0.11
N MET A 42 -4.82 8.23 0.71
CA MET A 42 -3.48 8.74 0.47
C MET A 42 -2.43 7.67 0.77
N TRP A 43 -1.65 7.31 -0.25
CA TRP A 43 -0.62 6.29 -0.09
C TRP A 43 0.75 6.94 0.08
N THR A 44 1.59 6.32 0.90
CA THR A 44 2.94 6.83 1.15
C THR A 44 3.92 5.71 1.46
N VAL A 45 4.86 5.48 0.54
CA VAL A 45 5.85 4.43 0.71
C VAL A 45 7.27 5.00 0.70
N GLY A 46 7.97 4.88 1.82
CA GLY A 46 9.32 5.38 1.91
C GLY A 46 9.37 6.80 2.45
N GLY A 47 8.33 7.58 2.17
CA GLY A 47 8.28 8.96 2.63
C GLY A 47 8.02 9.94 1.51
N LYS A 48 7.02 9.64 0.68
CA LYS A 48 6.68 10.51 -0.44
C LYS A 48 5.29 10.18 -0.97
N THR A 49 4.61 11.18 -1.52
CA THR A 49 3.28 10.99 -2.07
C THR A 49 3.31 10.16 -3.34
N VAL A 50 2.70 8.97 -3.27
CA VAL A 50 2.67 8.07 -4.42
C VAL A 50 1.38 8.24 -5.21
N GLY A 51 1.47 8.07 -6.53
CA GLY A 51 0.30 8.21 -7.38
C GLY A 51 0.63 8.00 -8.85
N SER A 52 -0.41 7.87 -9.67
CA SER A 52 -0.23 7.66 -11.10
C SER A 52 0.91 8.52 -11.63
N SER A 53 0.88 9.81 -11.32
CA SER A 53 1.91 10.74 -11.78
C SER A 53 3.27 10.05 -11.82
N SER A 54 3.60 9.32 -10.75
CA SER A 54 4.87 8.62 -10.67
C SER A 54 4.69 7.13 -10.94
N ARG A 55 5.78 6.38 -10.86
CA ARG A 55 5.74 4.94 -11.10
C ARG A 55 4.56 4.30 -10.38
N PHE A 56 4.36 4.67 -9.12
CA PHE A 56 3.26 4.14 -8.33
C PHE A 56 1.91 4.46 -8.98
N GLN A 57 0.84 3.98 -8.36
CA GLN A 57 -0.51 4.22 -8.88
C GLN A 57 -1.56 3.73 -7.89
N ALA A 58 -2.45 4.63 -7.51
CA ALA A 58 -3.52 4.30 -6.57
C ALA A 58 -4.80 3.94 -7.30
N THR A 59 -5.28 2.71 -7.10
CA THR A 59 -6.50 2.25 -7.74
C THR A 59 -7.63 2.06 -6.73
N ARG A 60 -8.85 1.98 -7.22
CA ARG A 60 -10.01 1.80 -6.36
C ARG A 60 -10.84 0.60 -6.80
N GLN A 61 -10.91 -0.42 -5.95
CA GLN A 61 -11.68 -1.62 -6.26
C GLN A 61 -12.67 -1.94 -5.15
N GLY A 62 -13.95 -1.66 -5.39
CA GLY A 62 -14.97 -1.93 -4.40
C GLY A 62 -14.56 -1.48 -3.01
N ARG A 63 -14.81 -2.32 -2.02
CA ARG A 63 -14.47 -2.01 -0.64
C ARG A 63 -13.01 -2.34 -0.35
N LYS A 64 -12.18 -2.36 -1.40
CA LYS A 64 -10.77 -2.66 -1.26
C LYS A 64 -9.92 -1.69 -2.06
N TYR A 65 -8.65 -1.56 -1.68
CA TYR A 65 -7.74 -0.65 -2.37
C TYR A 65 -6.47 -1.38 -2.79
N ILE A 66 -5.94 -1.03 -3.95
CA ILE A 66 -4.72 -1.65 -4.46
C ILE A 66 -3.76 -0.59 -5.01
N LEU A 67 -2.48 -0.80 -4.78
CA LEU A 67 -1.45 0.13 -5.26
C LEU A 67 -0.42 -0.59 -6.12
N VAL A 68 -0.16 -0.05 -7.30
CA VAL A 68 0.81 -0.64 -8.21
C VAL A 68 2.15 0.08 -8.14
N VAL A 69 3.07 -0.46 -7.35
CA VAL A 69 4.39 0.13 -7.20
C VAL A 69 5.34 -0.34 -8.29
N ARG A 70 5.45 0.45 -9.35
CA ARG A 70 6.32 0.12 -10.47
C ARG A 70 7.77 0.48 -10.15
N GLU A 71 8.00 0.95 -8.93
CA GLU A 71 9.35 1.32 -8.50
C GLU A 71 9.73 0.60 -7.20
N ALA A 72 10.43 -0.51 -7.35
CA ALA A 72 10.86 -1.29 -6.18
C ALA A 72 12.38 -1.29 -6.05
N ALA A 73 12.92 -0.23 -5.48
CA ALA A 73 14.36 -0.10 -5.29
C ALA A 73 14.77 -0.57 -3.89
N PRO A 74 16.08 -0.82 -3.71
CA PRO A 74 16.63 -1.27 -2.44
C PRO A 74 16.59 -0.19 -1.37
N SER A 75 16.13 1.00 -1.76
CA SER A 75 16.04 2.12 -0.83
C SER A 75 14.65 2.21 -0.20
N ASP A 76 13.63 2.26 -1.06
CA ASP A 76 12.25 2.35 -0.59
C ASP A 76 12.00 1.38 0.56
N ALA A 77 12.55 0.18 0.44
CA ALA A 77 12.39 -0.85 1.48
C ALA A 77 12.50 -0.23 2.87
N GLY A 78 11.41 -0.26 3.61
CA GLY A 78 11.40 0.30 4.96
C GLY A 78 10.06 0.16 5.64
N GLU A 79 9.08 0.93 5.17
CA GLU A 79 7.74 0.90 5.73
C GLU A 79 6.72 1.45 4.74
N VAL A 80 5.58 0.76 4.63
CA VAL A 80 4.52 1.18 3.73
C VAL A 80 3.30 1.68 4.49
N VAL A 81 3.18 3.01 4.59
CA VAL A 81 2.06 3.61 5.30
C VAL A 81 0.94 4.01 4.33
N PHE A 82 -0.29 3.67 4.69
CA PHE A 82 -1.44 3.99 3.85
C PHE A 82 -2.59 4.53 4.70
N SER A 83 -2.87 5.82 4.55
CA SER A 83 -3.93 6.47 5.30
C SER A 83 -5.21 6.56 4.47
N VAL A 84 -6.34 6.24 5.08
CA VAL A 84 -7.62 6.28 4.39
C VAL A 84 -8.77 6.34 5.40
N ARG A 85 -9.64 7.34 5.24
CA ARG A 85 -10.78 7.51 6.12
C ARG A 85 -10.32 7.77 7.55
N GLY A 86 -9.23 8.51 7.71
CA GLY A 86 -8.71 8.80 9.03
C GLY A 86 -7.78 7.71 9.54
N LEU A 87 -8.08 6.47 9.19
CA LEU A 87 -7.27 5.34 9.62
C LEU A 87 -5.94 5.31 8.89
N THR A 88 -5.07 4.37 9.27
CA THR A 88 -3.76 4.24 8.64
C THR A 88 -3.12 2.89 8.99
N SER A 89 -2.55 2.24 7.99
CA SER A 89 -1.90 0.95 8.19
C SER A 89 -0.39 1.06 7.99
N LYS A 90 0.31 -0.05 8.18
CA LYS A 90 1.75 -0.09 8.03
C LYS A 90 2.23 -1.50 7.73
N ALA A 91 3.33 -1.60 6.98
CA ALA A 91 3.89 -2.89 6.61
C ALA A 91 5.40 -2.79 6.39
N SER A 92 6.03 -3.93 6.11
CA SER A 92 7.47 -3.96 5.87
C SER A 92 7.78 -4.47 4.48
N LEU A 93 8.40 -3.63 3.67
CA LEU A 93 8.75 -3.99 2.30
C LEU A 93 10.23 -4.35 2.19
N ILE A 94 10.52 -5.47 1.53
CA ILE A 94 11.90 -5.91 1.36
C ILE A 94 12.28 -5.97 -0.12
N VAL A 95 13.44 -5.43 -0.44
CA VAL A 95 13.92 -5.42 -1.83
C VAL A 95 15.34 -5.95 -1.91
N ARG A 96 15.54 -6.98 -2.73
CA ARG A 96 16.86 -7.58 -2.91
C ARG A 96 17.45 -7.19 -4.26
N GLU A 97 18.73 -6.81 -4.25
CA GLU A 97 19.42 -6.42 -5.47
C GLU A 97 19.55 -7.59 -6.42
N ARG A 98 19.49 -7.32 -7.72
CA ARG A 98 19.60 -8.35 -8.74
C ARG A 98 20.95 -9.06 -8.65
N SER A 99 20.91 -10.33 -8.28
CA SER A 99 22.13 -11.13 -8.15
C SER A 99 22.66 -11.53 -9.52
N GLY A 100 23.77 -10.94 -9.92
CA GLY A 100 24.36 -11.24 -11.21
C GLY A 100 25.86 -11.46 -11.13
N PRO A 101 26.51 -11.62 -12.30
CA PRO A 101 27.95 -11.84 -12.37
C PRO A 101 28.75 -10.59 -12.00
N SER A 102 28.08 -9.45 -11.97
CA SER A 102 28.72 -8.19 -11.63
C SER A 102 29.60 -8.34 -10.40
N SER A 103 30.44 -7.34 -10.14
CA SER A 103 31.33 -7.37 -9.00
C SER A 103 31.17 -6.11 -8.15
N GLY A 104 31.30 -4.95 -8.80
CA GLY A 104 31.17 -3.69 -8.10
C GLY A 104 32.51 -3.03 -7.83
N GLY A 1 -32.24 2.87 16.67
CA GLY A 1 -32.54 2.53 15.29
C GLY A 1 -31.37 2.74 14.36
N SER A 2 -30.56 1.71 14.17
CA SER A 2 -29.39 1.79 13.30
C SER A 2 -29.39 0.67 12.28
N SER A 3 -30.08 0.88 11.17
CA SER A 3 -30.17 -0.12 10.10
C SER A 3 -28.77 -0.59 9.69
N GLY A 4 -27.94 0.35 9.27
CA GLY A 4 -26.59 0.02 8.85
C GLY A 4 -25.64 -0.13 10.02
N SER A 5 -24.61 -0.94 9.84
CA SER A 5 -23.62 -1.17 10.89
C SER A 5 -22.57 -0.08 10.90
N SER A 6 -22.86 1.01 11.60
CA SER A 6 -21.94 2.14 11.69
C SER A 6 -21.62 2.48 13.15
N GLY A 7 -20.53 1.93 13.65
CA GLY A 7 -20.14 2.18 15.03
C GLY A 7 -18.63 2.13 15.22
N HIS A 8 -18.06 0.94 15.07
CA HIS A 8 -16.63 0.76 15.23
C HIS A 8 -15.98 0.30 13.93
N VAL A 9 -16.13 1.11 12.89
CA VAL A 9 -15.55 0.79 11.58
C VAL A 9 -14.04 0.82 11.62
N GLY A 10 -13.42 -0.33 11.37
CA GLY A 10 -11.96 -0.40 11.38
C GLY A 10 -11.43 -1.41 10.38
N ILE A 11 -10.30 -1.08 9.76
CA ILE A 11 -9.68 -1.97 8.78
C ILE A 11 -9.70 -3.42 9.26
N THR A 12 -10.12 -4.32 8.38
CA THR A 12 -10.18 -5.74 8.71
C THR A 12 -8.97 -6.48 8.18
N LYS A 13 -8.42 -5.99 7.07
CA LYS A 13 -7.26 -6.61 6.45
C LYS A 13 -6.06 -5.67 6.49
N ARG A 14 -5.12 -5.96 7.38
CA ARG A 14 -3.92 -5.13 7.52
C ARG A 14 -2.90 -5.47 6.44
N LEU A 15 -2.19 -4.45 5.95
CA LEU A 15 -1.18 -4.65 4.91
C LEU A 15 -0.22 -5.77 5.29
N LYS A 16 0.31 -6.45 4.28
CA LYS A 16 1.25 -7.54 4.51
C LYS A 16 2.61 -7.22 3.91
N THR A 17 3.67 -7.76 4.51
CA THR A 17 5.03 -7.54 4.04
C THR A 17 5.25 -8.21 2.69
N MET A 18 5.74 -7.45 1.72
CA MET A 18 6.00 -7.98 0.39
C MET A 18 7.49 -8.26 0.20
N GLU A 19 7.81 -9.16 -0.72
CA GLU A 19 9.19 -9.52 -0.98
C GLU A 19 9.41 -9.83 -2.47
N VAL A 20 10.18 -8.98 -3.14
CA VAL A 20 10.46 -9.15 -4.55
C VAL A 20 11.92 -8.86 -4.87
N LEU A 21 12.26 -8.89 -6.16
CA LEU A 21 13.63 -8.63 -6.59
C LEU A 21 13.71 -7.28 -7.32
N GLU A 22 14.65 -6.44 -6.87
CA GLU A 22 14.83 -5.13 -7.48
C GLU A 22 14.60 -5.19 -8.99
N GLY A 23 13.81 -4.25 -9.50
CA GLY A 23 13.52 -4.21 -10.91
C GLY A 23 12.11 -4.69 -11.23
N GLU A 24 11.62 -5.64 -10.44
CA GLU A 24 10.29 -6.20 -10.64
C GLU A 24 9.22 -5.20 -10.21
N SER A 25 7.96 -5.59 -10.36
CA SER A 25 6.84 -4.73 -9.99
C SER A 25 5.83 -5.48 -9.13
N CYS A 26 5.59 -4.97 -7.93
CA CYS A 26 4.64 -5.60 -7.01
C CYS A 26 3.48 -4.66 -6.71
N SER A 27 2.59 -5.11 -5.82
CA SER A 27 1.42 -4.31 -5.45
C SER A 27 0.77 -4.85 -4.18
N PHE A 28 0.63 -4.00 -3.18
CA PHE A 28 0.03 -4.39 -1.91
C PHE A 28 -1.49 -4.38 -2.01
N GLU A 29 -2.15 -4.64 -0.89
CA GLU A 29 -3.61 -4.67 -0.84
C GLU A 29 -4.12 -4.24 0.53
N CYS A 30 -5.11 -3.36 0.53
CA CYS A 30 -5.69 -2.86 1.78
C CYS A 30 -7.21 -2.83 1.70
N VAL A 31 -7.87 -3.57 2.58
CA VAL A 31 -9.33 -3.63 2.61
C VAL A 31 -9.87 -3.16 3.95
N LEU A 32 -11.13 -2.73 3.96
CA LEU A 32 -11.77 -2.26 5.18
C LEU A 32 -12.97 -3.13 5.54
N SER A 33 -13.31 -3.15 6.82
CA SER A 33 -14.44 -3.94 7.30
C SER A 33 -15.75 -3.42 6.72
N HIS A 34 -15.73 -2.20 6.21
CA HIS A 34 -16.91 -1.59 5.63
C HIS A 34 -16.54 -0.69 4.44
N GLU A 35 -17.49 -0.52 3.52
CA GLU A 35 -17.25 0.31 2.35
C GLU A 35 -17.42 1.80 2.68
N SER A 36 -16.53 2.62 2.15
CA SER A 36 -16.57 4.05 2.39
C SER A 36 -15.88 4.82 1.27
N ALA A 37 -16.56 5.79 0.71
CA ALA A 37 -16.01 6.61 -0.37
C ALA A 37 -16.05 8.09 -0.02
N SER A 38 -17.00 8.47 0.83
CA SER A 38 -17.15 9.86 1.23
C SER A 38 -15.80 10.49 1.53
N ASP A 39 -15.00 9.81 2.36
CA ASP A 39 -13.69 10.30 2.72
C ASP A 39 -12.64 9.86 1.71
N PRO A 40 -11.68 10.76 1.40
CA PRO A 40 -10.62 10.49 0.44
C PRO A 40 -9.61 9.47 0.96
N ALA A 41 -8.87 8.85 0.05
CA ALA A 41 -7.88 7.85 0.43
C ALA A 41 -6.48 8.33 0.09
N MET A 42 -5.56 8.17 1.04
CA MET A 42 -4.17 8.59 0.85
C MET A 42 -3.23 7.39 0.84
N TRP A 43 -2.27 7.40 -0.07
CA TRP A 43 -1.30 6.31 -0.17
C TRP A 43 0.13 6.82 0.02
N THR A 44 0.89 6.11 0.84
CA THR A 44 2.27 6.48 1.11
C THR A 44 3.20 5.27 1.06
N VAL A 45 4.37 5.46 0.49
CA VAL A 45 5.35 4.38 0.37
C VAL A 45 6.78 4.92 0.36
N GLY A 46 7.47 4.76 1.48
CA GLY A 46 8.84 5.25 1.57
C GLY A 46 8.94 6.57 2.32
N GLY A 47 7.84 7.30 2.37
CA GLY A 47 7.82 8.58 3.07
C GLY A 47 7.46 9.72 2.15
N LYS A 48 6.55 9.48 1.23
CA LYS A 48 6.12 10.50 0.28
C LYS A 48 4.63 10.35 -0.05
N THR A 49 4.14 11.18 -0.96
CA THR A 49 2.74 11.15 -1.35
C THR A 49 2.59 10.68 -2.80
N VAL A 50 2.05 9.47 -2.96
CA VAL A 50 1.85 8.90 -4.30
C VAL A 50 0.40 9.05 -4.75
N GLY A 51 0.12 8.64 -5.99
CA GLY A 51 -1.23 8.73 -6.51
C GLY A 51 -1.31 8.32 -7.96
N SER A 52 -1.34 9.31 -8.85
CA SER A 52 -1.42 9.03 -10.28
C SER A 52 -0.31 9.76 -11.04
N SER A 53 -0.02 9.29 -12.25
CA SER A 53 1.02 9.88 -13.07
C SER A 53 2.38 9.76 -12.39
N SER A 54 2.53 8.75 -11.55
CA SER A 54 3.78 8.52 -10.82
C SER A 54 4.15 7.04 -10.82
N ARG A 55 5.31 6.74 -10.25
CA ARG A 55 5.79 5.36 -10.18
C ARG A 55 4.73 4.45 -9.56
N PHE A 56 3.79 5.05 -8.83
CA PHE A 56 2.73 4.30 -8.18
C PHE A 56 1.36 4.80 -8.64
N GLN A 57 0.47 3.87 -8.95
CA GLN A 57 -0.88 4.22 -9.40
C GLN A 57 -1.93 3.72 -8.41
N ALA A 58 -2.35 4.61 -7.51
CA ALA A 58 -3.35 4.26 -6.51
C ALA A 58 -4.64 3.78 -7.16
N THR A 59 -4.75 2.46 -7.34
CA THR A 59 -5.94 1.88 -7.95
C THR A 59 -7.02 1.60 -6.91
N ARG A 60 -8.26 1.91 -7.28
CA ARG A 60 -9.38 1.70 -6.37
C ARG A 60 -10.38 0.71 -6.96
N GLN A 61 -10.67 -0.35 -6.22
CA GLN A 61 -11.60 -1.38 -6.68
C GLN A 61 -12.72 -1.59 -5.65
N GLY A 62 -13.86 -0.98 -5.91
CA GLY A 62 -14.99 -1.13 -5.01
C GLY A 62 -14.68 -0.62 -3.61
N ARG A 63 -14.48 -1.54 -2.68
CA ARG A 63 -14.17 -1.18 -1.30
C ARG A 63 -12.73 -1.52 -0.96
N LYS A 64 -12.02 -2.12 -1.91
CA LYS A 64 -10.63 -2.49 -1.71
C LYS A 64 -9.69 -1.58 -2.49
N TYR A 65 -8.46 -1.45 -2.02
CA TYR A 65 -7.48 -0.60 -2.68
C TYR A 65 -6.20 -1.38 -2.99
N ILE A 66 -5.50 -0.98 -4.04
CA ILE A 66 -4.27 -1.64 -4.44
C ILE A 66 -3.23 -0.62 -4.90
N LEU A 67 -2.06 -0.66 -4.26
CA LEU A 67 -0.99 0.26 -4.60
C LEU A 67 0.04 -0.41 -5.51
N VAL A 68 -0.03 -0.09 -6.80
CA VAL A 68 0.88 -0.67 -7.78
C VAL A 68 2.25 -0.02 -7.70
N VAL A 69 3.28 -0.82 -7.44
CA VAL A 69 4.64 -0.32 -7.33
C VAL A 69 5.45 -0.66 -8.58
N ARG A 70 5.93 0.36 -9.28
CA ARG A 70 6.72 0.17 -10.48
C ARG A 70 8.20 0.44 -10.22
N GLU A 71 9.06 -0.20 -10.99
CA GLU A 71 10.51 -0.02 -10.84
C GLU A 71 10.90 -0.02 -9.37
N ALA A 72 10.46 -1.05 -8.65
CA ALA A 72 10.77 -1.18 -7.23
C ALA A 72 12.27 -1.05 -6.98
N ALA A 73 12.67 0.07 -6.40
CA ALA A 73 14.08 0.32 -6.10
C ALA A 73 14.41 -0.07 -4.65
N PRO A 74 15.70 -0.36 -4.41
CA PRO A 74 16.18 -0.74 -3.07
C PRO A 74 16.14 0.42 -2.09
N SER A 75 15.90 1.62 -2.60
CA SER A 75 15.84 2.82 -1.76
C SER A 75 14.45 2.99 -1.16
N ASP A 76 13.45 2.42 -1.83
CA ASP A 76 12.08 2.51 -1.36
C ASP A 76 11.85 1.60 -0.15
N ALA A 77 12.52 0.46 -0.15
CA ALA A 77 12.40 -0.50 0.95
C ALA A 77 12.46 0.21 2.30
N GLY A 78 11.36 0.16 3.04
CA GLY A 78 11.30 0.79 4.34
C GLY A 78 10.05 0.44 5.11
N GLU A 79 8.98 1.21 4.87
CA GLU A 79 7.71 0.97 5.54
C GLU A 79 6.56 1.64 4.77
N VAL A 80 5.59 0.83 4.36
CA VAL A 80 4.44 1.33 3.63
C VAL A 80 3.30 1.70 4.57
N VAL A 81 2.73 2.89 4.36
CA VAL A 81 1.64 3.37 5.19
C VAL A 81 0.44 3.78 4.34
N PHE A 82 -0.76 3.59 4.89
CA PHE A 82 -1.98 3.94 4.18
C PHE A 82 -3.01 4.55 5.13
N SER A 83 -3.31 5.82 4.91
CA SER A 83 -4.28 6.53 5.74
C SER A 83 -5.61 6.70 5.02
N VAL A 84 -6.69 6.42 5.73
CA VAL A 84 -8.03 6.55 5.16
C VAL A 84 -9.05 6.97 6.22
N ARG A 85 -9.98 7.82 5.82
CA ARG A 85 -11.01 8.31 6.74
C ARG A 85 -10.43 8.53 8.14
N GLY A 86 -9.13 8.82 8.20
CA GLY A 86 -8.49 9.05 9.48
C GLY A 86 -7.58 7.91 9.88
N LEU A 87 -8.07 6.69 9.70
CA LEU A 87 -7.30 5.50 10.06
C LEU A 87 -5.95 5.49 9.33
N THR A 88 -5.06 4.61 9.78
CA THR A 88 -3.73 4.50 9.17
C THR A 88 -3.11 3.14 9.48
N SER A 89 -2.44 2.57 8.48
CA SER A 89 -1.79 1.27 8.63
C SER A 89 -0.29 1.38 8.40
N LYS A 90 0.41 0.26 8.59
CA LYS A 90 1.85 0.23 8.39
C LYS A 90 2.31 -1.16 7.96
N ALA A 91 3.21 -1.19 6.98
CA ALA A 91 3.73 -2.46 6.47
C ALA A 91 5.22 -2.35 6.15
N SER A 92 5.81 -3.47 5.73
CA SER A 92 7.23 -3.49 5.40
C SER A 92 7.45 -4.07 4.00
N LEU A 93 8.47 -3.58 3.32
CA LEU A 93 8.79 -4.04 1.98
C LEU A 93 10.24 -4.49 1.88
N ILE A 94 10.49 -5.49 1.03
CA ILE A 94 11.84 -6.01 0.83
C ILE A 94 12.25 -5.96 -0.63
N VAL A 95 13.43 -5.41 -0.90
CA VAL A 95 13.94 -5.31 -2.25
C VAL A 95 15.38 -5.81 -2.34
N ARG A 96 15.54 -6.97 -2.96
CA ARG A 96 16.86 -7.58 -3.12
C ARG A 96 17.46 -7.23 -4.47
N GLU A 97 18.73 -6.83 -4.46
CA GLU A 97 19.42 -6.47 -5.70
C GLU A 97 19.55 -7.68 -6.62
N ARG A 98 19.48 -7.43 -7.93
CA ARG A 98 19.58 -8.50 -8.91
C ARG A 98 21.02 -8.63 -9.41
N SER A 99 21.27 -9.66 -10.21
CA SER A 99 22.60 -9.90 -10.75
C SER A 99 22.57 -11.03 -11.79
N GLY A 100 23.63 -11.11 -12.59
CA GLY A 100 23.70 -12.14 -13.61
C GLY A 100 24.89 -13.07 -13.42
N PRO A 101 24.71 -14.35 -13.78
CA PRO A 101 25.76 -15.36 -13.66
C PRO A 101 26.89 -15.13 -14.64
N SER A 102 26.55 -14.96 -15.92
CA SER A 102 27.54 -14.75 -16.97
C SER A 102 27.59 -13.27 -17.36
N SER A 103 28.80 -12.79 -17.65
CA SER A 103 29.00 -11.40 -18.03
C SER A 103 29.36 -11.29 -19.52
N GLY A 104 28.57 -10.50 -20.25
CA GLY A 104 28.82 -10.34 -21.68
C GLY A 104 27.76 -10.98 -22.54
N GLY A 1 -20.15 -13.04 23.22
CA GLY A 1 -18.86 -13.43 22.70
C GLY A 1 -17.74 -13.25 23.70
N SER A 2 -17.07 -12.11 23.64
CA SER A 2 -15.98 -11.81 24.55
C SER A 2 -16.07 -10.39 25.08
N SER A 3 -15.67 -10.19 26.34
CA SER A 3 -15.71 -8.87 26.95
C SER A 3 -15.19 -7.80 25.99
N GLY A 4 -15.94 -6.71 25.87
CA GLY A 4 -15.55 -5.63 24.98
C GLY A 4 -16.74 -5.01 24.27
N SER A 5 -16.47 -4.00 23.45
CA SER A 5 -17.52 -3.30 22.72
C SER A 5 -17.11 -3.08 21.27
N SER A 6 -18.11 -2.88 20.40
CA SER A 6 -17.86 -2.65 18.99
C SER A 6 -19.01 -1.88 18.34
N GLY A 7 -18.68 -0.96 17.46
CA GLY A 7 -19.69 -0.18 16.78
C GLY A 7 -19.14 0.63 15.63
N HIS A 8 -17.96 1.22 15.83
CA HIS A 8 -17.31 2.02 14.79
C HIS A 8 -16.71 1.14 13.70
N VAL A 9 -16.42 1.73 12.55
CA VAL A 9 -15.85 0.99 11.44
C VAL A 9 -14.33 1.09 11.43
N GLY A 10 -13.67 -0.02 11.17
CA GLY A 10 -12.21 -0.04 11.14
C GLY A 10 -11.65 -1.11 10.23
N ILE A 11 -10.45 -0.89 9.73
CA ILE A 11 -9.80 -1.84 8.82
C ILE A 11 -9.77 -3.23 9.43
N THR A 12 -10.07 -4.24 8.62
CA THR A 12 -10.06 -5.62 9.08
C THR A 12 -8.90 -6.40 8.47
N LYS A 13 -8.44 -5.96 7.31
CA LYS A 13 -7.34 -6.61 6.61
C LYS A 13 -6.11 -5.70 6.55
N ARG A 14 -5.40 -5.59 7.67
CA ARG A 14 -4.21 -4.76 7.74
C ARG A 14 -3.20 -5.15 6.66
N LEU A 15 -2.30 -4.23 6.33
CA LEU A 15 -1.29 -4.48 5.31
C LEU A 15 -0.35 -5.59 5.76
N LYS A 16 0.36 -6.19 4.79
CA LYS A 16 1.29 -7.27 5.08
C LYS A 16 2.63 -7.03 4.37
N THR A 17 3.72 -7.31 5.08
CA THR A 17 5.05 -7.13 4.53
C THR A 17 5.17 -7.78 3.15
N MET A 18 5.76 -7.05 2.21
CA MET A 18 5.94 -7.56 0.85
C MET A 18 7.40 -7.92 0.60
N GLU A 19 7.63 -8.72 -0.44
CA GLU A 19 8.99 -9.13 -0.80
C GLU A 19 9.09 -9.46 -2.28
N VAL A 20 9.84 -8.66 -3.02
CA VAL A 20 10.02 -8.88 -4.45
C VAL A 20 11.42 -8.47 -4.90
N LEU A 21 11.79 -8.89 -6.10
CA LEU A 21 13.11 -8.58 -6.65
C LEU A 21 13.09 -7.24 -7.39
N GLU A 22 14.20 -6.52 -7.32
CA GLU A 22 14.31 -5.22 -7.99
C GLU A 22 14.00 -5.35 -9.47
N GLY A 23 13.13 -4.47 -9.97
CA GLY A 23 12.77 -4.50 -11.37
C GLY A 23 11.37 -5.03 -11.61
N GLU A 24 10.94 -5.95 -10.74
CA GLU A 24 9.61 -6.53 -10.85
C GLU A 24 8.54 -5.54 -10.44
N SER A 25 7.28 -5.99 -10.41
CA SER A 25 6.18 -5.14 -10.03
C SER A 25 5.39 -5.74 -8.87
N CYS A 26 5.29 -4.98 -7.78
CA CYS A 26 4.57 -5.44 -6.59
C CYS A 26 3.39 -4.53 -6.29
N SER A 27 2.28 -5.13 -5.88
CA SER A 27 1.06 -4.38 -5.57
C SER A 27 0.49 -4.82 -4.23
N PHE A 28 0.40 -3.90 -3.28
CA PHE A 28 -0.13 -4.19 -1.96
C PHE A 28 -1.65 -4.33 -2.01
N GLU A 29 -2.25 -4.59 -0.85
CA GLU A 29 -3.70 -4.74 -0.77
C GLU A 29 -4.20 -4.35 0.62
N CYS A 30 -5.33 -3.65 0.65
CA CYS A 30 -5.92 -3.20 1.91
C CYS A 30 -7.45 -3.20 1.83
N VAL A 31 -8.08 -3.98 2.70
CA VAL A 31 -9.54 -4.08 2.73
C VAL A 31 -10.08 -3.67 4.09
N LEU A 32 -11.37 -3.32 4.12
CA LEU A 32 -12.02 -2.91 5.36
C LEU A 32 -13.31 -3.69 5.58
N SER A 33 -13.82 -3.65 6.80
CA SER A 33 -15.05 -4.36 7.14
C SER A 33 -16.22 -3.84 6.32
N HIS A 34 -16.37 -2.52 6.27
CA HIS A 34 -17.44 -1.90 5.51
C HIS A 34 -16.90 -0.85 4.54
N GLU A 35 -17.63 -0.63 3.45
CA GLU A 35 -17.21 0.35 2.45
C GLU A 35 -17.60 1.77 2.86
N SER A 36 -16.68 2.70 2.68
CA SER A 36 -16.92 4.09 3.05
C SER A 36 -17.19 4.93 1.79
N ALA A 37 -16.35 4.77 0.78
CA ALA A 37 -16.49 5.50 -0.46
C ALA A 37 -16.92 6.95 -0.20
N SER A 38 -16.37 7.53 0.86
CA SER A 38 -16.70 8.91 1.22
C SER A 38 -15.46 9.80 1.15
N ASP A 39 -14.34 9.29 1.67
CA ASP A 39 -13.09 10.04 1.66
C ASP A 39 -12.05 9.35 0.78
N PRO A 40 -11.09 10.13 0.29
CA PRO A 40 -10.02 9.61 -0.57
C PRO A 40 -9.03 8.73 0.20
N ALA A 41 -7.97 8.32 -0.48
CA ALA A 41 -6.95 7.47 0.14
C ALA A 41 -5.61 8.19 0.23
N MET A 42 -4.66 7.60 0.94
CA MET A 42 -3.34 8.19 1.10
C MET A 42 -2.28 7.10 1.25
N TRP A 43 -1.43 6.96 0.24
CA TRP A 43 -0.37 5.96 0.26
C TRP A 43 1.00 6.62 0.27
N THR A 44 1.86 6.16 1.17
CA THR A 44 3.21 6.71 1.29
C THR A 44 4.23 5.60 1.52
N VAL A 45 5.03 5.32 0.49
CA VAL A 45 6.06 4.29 0.58
C VAL A 45 7.45 4.91 0.74
N GLY A 46 7.89 5.07 1.99
CA GLY A 46 9.19 5.64 2.25
C GLY A 46 9.59 6.68 1.21
N GLY A 47 9.14 7.91 1.40
CA GLY A 47 9.46 8.97 0.47
C GLY A 47 8.44 10.08 0.47
N LYS A 48 7.20 9.75 0.10
CA LYS A 48 6.13 10.73 0.06
C LYS A 48 4.79 10.06 -0.28
N THR A 49 3.76 10.88 -0.45
CA THR A 49 2.43 10.37 -0.78
C THR A 49 2.32 10.03 -2.26
N VAL A 50 2.33 8.74 -2.57
CA VAL A 50 2.23 8.29 -3.95
C VAL A 50 0.79 7.99 -4.33
N GLY A 51 0.55 7.82 -5.64
CA GLY A 51 -0.80 7.53 -6.10
C GLY A 51 -1.09 8.18 -7.45
N SER A 52 -0.68 9.43 -7.61
CA SER A 52 -0.91 10.16 -8.85
C SER A 52 0.24 9.92 -9.84
N SER A 53 1.47 10.05 -9.35
CA SER A 53 2.65 9.86 -10.18
C SER A 53 2.43 8.72 -11.17
N SER A 54 3.11 8.79 -12.31
CA SER A 54 2.98 7.77 -13.34
C SER A 54 3.47 6.41 -12.83
N ARG A 55 4.61 6.43 -12.14
CA ARG A 55 5.19 5.21 -11.59
C ARG A 55 4.20 4.52 -10.64
N PHE A 56 3.92 5.16 -9.52
CA PHE A 56 3.00 4.62 -8.54
C PHE A 56 1.55 4.83 -8.97
N GLN A 57 0.80 3.74 -9.06
CA GLN A 57 -0.60 3.80 -9.46
C GLN A 57 -1.51 3.21 -8.38
N ALA A 58 -2.30 4.06 -7.77
CA ALA A 58 -3.22 3.63 -6.71
C ALA A 58 -4.63 3.42 -7.26
N THR A 59 -4.93 2.18 -7.66
CA THR A 59 -6.24 1.86 -8.22
C THR A 59 -7.29 1.76 -7.11
N ARG A 60 -8.54 2.06 -7.46
CA ARG A 60 -9.62 2.00 -6.49
C ARG A 60 -10.71 1.04 -6.96
N GLN A 61 -10.66 -0.20 -6.45
CA GLN A 61 -11.63 -1.21 -6.81
C GLN A 61 -12.49 -1.60 -5.61
N GLY A 62 -13.80 -1.37 -5.72
CA GLY A 62 -14.71 -1.71 -4.64
C GLY A 62 -14.19 -1.25 -3.29
N ARG A 63 -14.36 -2.08 -2.28
CA ARG A 63 -13.91 -1.76 -0.93
C ARG A 63 -12.48 -2.24 -0.69
N LYS A 64 -11.68 -2.22 -1.75
CA LYS A 64 -10.29 -2.65 -1.67
C LYS A 64 -9.36 -1.67 -2.38
N TYR A 65 -8.19 -1.45 -1.79
CA TYR A 65 -7.22 -0.52 -2.38
C TYR A 65 -5.94 -1.26 -2.77
N ILE A 66 -5.49 -1.03 -4.00
CA ILE A 66 -4.28 -1.67 -4.49
C ILE A 66 -3.28 -0.64 -5.00
N LEU A 67 -2.13 -0.55 -4.33
CA LEU A 67 -1.09 0.39 -4.72
C LEU A 67 -0.02 -0.28 -5.56
N VAL A 68 -0.12 -0.12 -6.88
CA VAL A 68 0.84 -0.72 -7.80
C VAL A 68 2.17 0.03 -7.75
N VAL A 69 3.24 -0.71 -7.47
CA VAL A 69 4.57 -0.12 -7.41
C VAL A 69 5.40 -0.51 -8.63
N ARG A 70 5.69 0.47 -9.48
CA ARG A 70 6.48 0.24 -10.68
C ARG A 70 7.94 0.62 -10.45
N GLU A 71 8.83 -0.10 -11.14
CA GLU A 71 10.27 0.16 -11.00
C GLU A 71 10.72 0.05 -9.55
N ALA A 72 10.09 -0.87 -8.82
CA ALA A 72 10.43 -1.09 -7.42
C ALA A 72 11.93 -1.08 -7.20
N ALA A 73 12.42 -0.08 -6.47
CA ALA A 73 13.84 0.04 -6.20
C ALA A 73 14.18 -0.47 -4.80
N PRO A 74 15.45 -0.83 -4.58
CA PRO A 74 15.92 -1.33 -3.29
C PRO A 74 15.94 -0.26 -2.21
N SER A 75 16.12 0.99 -2.64
CA SER A 75 16.17 2.12 -1.71
C SER A 75 14.79 2.39 -1.12
N ASP A 76 13.77 2.30 -1.96
CA ASP A 76 12.39 2.53 -1.52
C ASP A 76 12.02 1.59 -0.37
N ALA A 77 12.57 0.38 -0.41
CA ALA A 77 12.30 -0.61 0.62
C ALA A 77 12.44 0.00 2.01
N GLY A 78 11.34 0.04 2.75
CA GLY A 78 11.35 0.60 4.09
C GLY A 78 10.07 0.36 4.84
N GLU A 79 9.09 1.24 4.64
CA GLU A 79 7.80 1.12 5.31
C GLU A 79 6.69 1.76 4.48
N VAL A 80 5.56 1.06 4.35
CA VAL A 80 4.43 1.57 3.58
C VAL A 80 3.26 1.90 4.49
N VAL A 81 2.91 3.19 4.55
CA VAL A 81 1.81 3.64 5.38
C VAL A 81 0.60 4.04 4.52
N PHE A 82 -0.53 3.39 4.77
CA PHE A 82 -1.75 3.67 4.03
C PHE A 82 -2.82 4.24 4.94
N SER A 83 -3.21 5.49 4.68
CA SER A 83 -4.23 6.16 5.48
C SER A 83 -5.50 6.39 4.68
N VAL A 84 -6.65 6.27 5.34
CA VAL A 84 -7.93 6.46 4.67
C VAL A 84 -9.01 6.87 5.68
N ARG A 85 -9.78 7.89 5.33
CA ARG A 85 -10.84 8.38 6.20
C ARG A 85 -10.37 8.46 7.65
N GLY A 86 -9.08 8.76 7.83
CA GLY A 86 -8.53 8.86 9.18
C GLY A 86 -7.68 7.66 9.53
N LEU A 87 -8.20 6.47 9.25
CA LEU A 87 -7.48 5.23 9.54
C LEU A 87 -6.05 5.29 9.01
N THR A 88 -5.19 4.43 9.55
CA THR A 88 -3.80 4.38 9.13
C THR A 88 -3.17 3.03 9.47
N SER A 89 -2.53 2.42 8.48
CA SER A 89 -1.88 1.13 8.68
C SER A 89 -0.38 1.22 8.44
N LYS A 90 0.31 0.10 8.58
CA LYS A 90 1.75 0.05 8.38
C LYS A 90 2.17 -1.28 7.77
N ALA A 91 3.28 -1.26 7.03
CA ALA A 91 3.80 -2.46 6.39
C ALA A 91 5.27 -2.31 6.05
N SER A 92 5.92 -3.43 5.74
CA SER A 92 7.34 -3.43 5.39
C SER A 92 7.57 -4.02 4.00
N LEU A 93 8.27 -3.28 3.17
CA LEU A 93 8.56 -3.73 1.81
C LEU A 93 10.02 -4.12 1.66
N ILE A 94 10.27 -5.32 1.13
CA ILE A 94 11.62 -5.81 0.93
C ILE A 94 11.95 -5.93 -0.55
N VAL A 95 12.86 -5.10 -1.02
CA VAL A 95 13.27 -5.12 -2.42
C VAL A 95 14.77 -5.36 -2.55
N ARG A 96 15.14 -6.55 -2.99
CA ARG A 96 16.54 -6.91 -3.16
C ARG A 96 17.05 -6.46 -4.54
N GLU A 97 18.28 -5.95 -4.56
CA GLU A 97 18.88 -5.49 -5.81
C GLU A 97 19.30 -6.67 -6.68
N ARG A 98 19.28 -6.46 -7.99
CA ARG A 98 19.67 -7.50 -8.93
C ARG A 98 21.15 -7.41 -9.28
N SER A 99 21.73 -8.53 -9.68
CA SER A 99 23.14 -8.56 -10.05
C SER A 99 23.32 -8.98 -11.51
N GLY A 100 23.57 -8.01 -12.36
CA GLY A 100 23.75 -8.29 -13.78
C GLY A 100 22.57 -9.02 -14.38
N PRO A 101 22.80 -9.71 -15.51
CA PRO A 101 21.76 -10.46 -16.21
C PRO A 101 21.33 -11.70 -15.44
N SER A 102 22.25 -12.25 -14.66
CA SER A 102 21.96 -13.45 -13.86
C SER A 102 21.13 -13.09 -12.63
N SER A 103 20.33 -14.05 -12.16
CA SER A 103 19.50 -13.85 -10.99
C SER A 103 19.16 -15.18 -10.32
N GLY A 104 19.42 -15.26 -9.02
CA GLY A 104 19.14 -16.47 -8.29
C GLY A 104 17.76 -17.03 -8.59
N GLY A 1 -23.65 24.38 5.16
CA GLY A 1 -22.46 24.21 4.34
C GLY A 1 -21.74 22.92 4.64
N SER A 2 -21.35 22.74 5.90
CA SER A 2 -20.63 21.53 6.31
C SER A 2 -21.57 20.33 6.33
N SER A 3 -21.00 19.14 6.56
CA SER A 3 -21.78 17.91 6.60
C SER A 3 -21.68 17.24 7.96
N GLY A 4 -22.70 16.47 8.31
CA GLY A 4 -22.70 15.78 9.60
C GLY A 4 -22.19 14.36 9.49
N SER A 5 -20.99 14.13 10.01
CA SER A 5 -20.38 12.80 9.96
C SER A 5 -20.00 12.34 11.37
N SER A 6 -20.17 11.04 11.62
CA SER A 6 -19.86 10.46 12.92
C SER A 6 -19.74 8.94 12.83
N GLY A 7 -19.00 8.37 13.76
CA GLY A 7 -18.81 6.92 13.77
C GLY A 7 -17.96 6.44 12.61
N HIS A 8 -16.98 5.60 12.91
CA HIS A 8 -16.10 5.06 11.88
C HIS A 8 -15.76 3.59 12.16
N VAL A 9 -15.20 2.92 11.16
CA VAL A 9 -14.84 1.51 11.30
C VAL A 9 -13.32 1.33 11.30
N GLY A 10 -12.88 0.09 11.35
CA GLY A 10 -11.46 -0.21 11.34
C GLY A 10 -11.05 -1.07 10.17
N ILE A 11 -9.78 -1.47 10.15
CA ILE A 11 -9.26 -2.31 9.07
C ILE A 11 -9.08 -3.75 9.53
N THR A 12 -9.51 -4.69 8.71
CA THR A 12 -9.40 -6.12 9.04
C THR A 12 -8.31 -6.78 8.20
N LYS A 13 -7.96 -6.16 7.08
CA LYS A 13 -6.94 -6.70 6.20
C LYS A 13 -5.79 -5.70 6.04
N ARG A 14 -4.96 -5.58 7.07
CA ARG A 14 -3.83 -4.67 7.04
C ARG A 14 -2.75 -5.17 6.09
N LEU A 15 -1.97 -4.25 5.54
CA LEU A 15 -0.89 -4.60 4.61
C LEU A 15 0.08 -5.57 5.26
N LYS A 16 0.35 -6.67 4.57
CA LYS A 16 1.28 -7.69 5.08
C LYS A 16 2.62 -7.60 4.36
N THR A 17 3.70 -7.65 5.14
CA THR A 17 5.05 -7.58 4.59
C THR A 17 5.12 -8.26 3.22
N MET A 18 5.84 -7.65 2.30
CA MET A 18 6.00 -8.21 0.96
C MET A 18 7.47 -8.33 0.58
N GLU A 19 7.76 -9.21 -0.38
CA GLU A 19 9.13 -9.40 -0.83
C GLU A 19 9.18 -9.61 -2.35
N VAL A 20 10.09 -8.89 -2.99
CA VAL A 20 10.25 -8.99 -4.44
C VAL A 20 11.67 -8.65 -4.87
N LEU A 21 11.91 -8.67 -6.17
CA LEU A 21 13.23 -8.37 -6.71
C LEU A 21 13.32 -6.92 -7.17
N GLU A 22 14.45 -6.28 -6.87
CA GLU A 22 14.66 -4.88 -7.25
C GLU A 22 14.36 -4.67 -8.73
N GLY A 23 13.84 -3.50 -9.06
CA GLY A 23 13.51 -3.18 -10.43
C GLY A 23 12.10 -3.61 -10.81
N GLU A 24 11.70 -4.79 -10.34
CA GLU A 24 10.37 -5.32 -10.63
C GLU A 24 9.29 -4.44 -10.00
N SER A 25 8.04 -4.86 -10.16
CA SER A 25 6.92 -4.11 -9.61
C SER A 25 6.10 -4.99 -8.65
N CYS A 26 5.53 -4.37 -7.62
CA CYS A 26 4.73 -5.09 -6.65
C CYS A 26 3.39 -4.41 -6.44
N SER A 27 2.37 -5.20 -6.12
CA SER A 27 1.02 -4.67 -5.90
C SER A 27 0.50 -5.08 -4.52
N PHE A 28 0.19 -4.08 -3.70
CA PHE A 28 -0.33 -4.32 -2.36
C PHE A 28 -1.84 -4.29 -2.34
N GLU A 29 -2.43 -4.70 -1.22
CA GLU A 29 -3.87 -4.73 -1.08
C GLU A 29 -4.29 -4.34 0.34
N CYS A 30 -5.31 -3.49 0.44
CA CYS A 30 -5.80 -3.05 1.74
C CYS A 30 -7.32 -2.98 1.75
N VAL A 31 -7.93 -3.87 2.53
CA VAL A 31 -9.39 -3.92 2.63
C VAL A 31 -9.86 -3.45 4.00
N LEU A 32 -11.09 -2.93 4.05
CA LEU A 32 -11.65 -2.44 5.31
C LEU A 32 -12.57 -3.49 5.94
N SER A 33 -13.00 -3.23 7.17
CA SER A 33 -13.88 -4.16 7.88
C SER A 33 -15.26 -4.19 7.25
N HIS A 34 -15.77 -3.00 6.91
CA HIS A 34 -17.09 -2.88 6.29
C HIS A 34 -17.00 -2.23 4.92
N GLU A 35 -17.88 -2.63 4.01
CA GLU A 35 -17.89 -2.07 2.67
C GLU A 35 -18.49 -0.68 2.65
N SER A 36 -17.64 0.33 2.70
CA SER A 36 -18.08 1.73 2.70
C SER A 36 -17.01 2.64 2.10
N ALA A 37 -17.46 3.57 1.25
CA ALA A 37 -16.54 4.50 0.60
C ALA A 37 -17.00 5.95 0.82
N SER A 38 -16.41 6.60 1.81
CA SER A 38 -16.76 7.98 2.12
C SER A 38 -15.57 8.90 1.90
N ASP A 39 -14.38 8.40 2.19
CA ASP A 39 -13.15 9.17 2.02
C ASP A 39 -12.11 8.38 1.24
N PRO A 40 -11.31 9.09 0.43
CA PRO A 40 -10.26 8.49 -0.39
C PRO A 40 -9.11 7.95 0.45
N ALA A 41 -8.05 7.51 -0.22
CA ALA A 41 -6.87 6.98 0.46
C ALA A 41 -5.59 7.63 -0.05
N MET A 42 -4.73 8.01 0.89
CA MET A 42 -3.46 8.66 0.53
C MET A 42 -2.30 7.68 0.69
N TRP A 43 -1.87 7.08 -0.40
CA TRP A 43 -0.76 6.13 -0.38
C TRP A 43 0.56 6.85 -0.11
N THR A 44 1.25 6.44 0.94
CA THR A 44 2.53 7.05 1.30
C THR A 44 3.61 5.98 1.50
N VAL A 45 4.56 5.94 0.57
CA VAL A 45 5.65 4.97 0.64
C VAL A 45 7.00 5.66 0.68
N GLY A 46 7.77 5.41 1.74
CA GLY A 46 9.07 6.03 1.88
C GLY A 46 9.01 7.39 2.53
N GLY A 47 8.03 8.19 2.11
CA GLY A 47 7.87 9.53 2.67
C GLY A 47 7.54 10.56 1.62
N LYS A 48 6.60 10.22 0.74
CA LYS A 48 6.19 11.12 -0.32
C LYS A 48 4.78 10.80 -0.79
N THR A 49 4.15 11.75 -1.50
CA THR A 49 2.80 11.57 -2.01
C THR A 49 2.83 10.97 -3.41
N VAL A 50 2.55 9.67 -3.50
CA VAL A 50 2.53 8.99 -4.78
C VAL A 50 1.13 8.97 -5.38
N GLY A 51 1.05 8.78 -6.69
CA GLY A 51 -0.24 8.75 -7.37
C GLY A 51 -0.28 9.67 -8.57
N SER A 52 0.60 10.66 -8.60
CA SER A 52 0.66 11.62 -9.69
C SER A 52 1.55 11.10 -10.82
N SER A 53 1.17 9.96 -11.39
CA SER A 53 1.93 9.35 -12.48
C SER A 53 3.42 9.33 -12.14
N SER A 54 3.73 9.22 -10.85
CA SER A 54 5.12 9.20 -10.40
C SER A 54 5.54 7.78 -10.05
N ARG A 55 5.45 6.88 -11.03
CA ARG A 55 5.83 5.49 -10.84
C ARG A 55 4.93 4.83 -9.79
N PHE A 56 3.69 5.31 -9.69
CA PHE A 56 2.74 4.76 -8.73
C PHE A 56 1.31 4.92 -9.23
N GLN A 57 0.55 3.84 -9.17
CA GLN A 57 -0.84 3.85 -9.62
C GLN A 57 -1.78 3.36 -8.52
N ALA A 58 -2.67 4.24 -8.08
CA ALA A 58 -3.63 3.89 -7.04
C ALA A 58 -5.00 3.57 -7.63
N THR A 59 -5.29 2.27 -7.77
CA THR A 59 -6.56 1.84 -8.32
C THR A 59 -7.56 1.53 -7.21
N ARG A 60 -8.84 1.73 -7.51
CA ARG A 60 -9.90 1.48 -6.54
C ARG A 60 -10.85 0.40 -7.04
N GLN A 61 -11.16 -0.55 -6.17
CA GLN A 61 -12.06 -1.65 -6.53
C GLN A 61 -13.09 -1.88 -5.44
N GLY A 62 -14.32 -1.42 -5.68
CA GLY A 62 -15.37 -1.58 -4.70
C GLY A 62 -15.04 -0.96 -3.36
N ARG A 63 -14.64 -1.80 -2.41
CA ARG A 63 -14.29 -1.34 -1.08
C ARG A 63 -12.84 -1.69 -0.75
N LYS A 64 -12.07 -2.03 -1.77
CA LYS A 64 -10.67 -2.38 -1.59
C LYS A 64 -9.76 -1.39 -2.31
N TYR A 65 -8.54 -1.24 -1.81
CA TYR A 65 -7.57 -0.32 -2.42
C TYR A 65 -6.32 -1.06 -2.84
N ILE A 66 -5.76 -0.67 -3.99
CA ILE A 66 -4.55 -1.29 -4.50
C ILE A 66 -3.57 -0.24 -5.02
N LEU A 67 -2.29 -0.47 -4.77
CA LEU A 67 -1.25 0.46 -5.20
C LEU A 67 -0.17 -0.28 -6.00
N VAL A 68 -0.08 0.04 -7.29
CA VAL A 68 0.90 -0.58 -8.17
C VAL A 68 2.26 0.13 -8.06
N VAL A 69 3.24 -0.59 -7.52
CA VAL A 69 4.58 -0.04 -7.36
C VAL A 69 5.46 -0.37 -8.56
N ARG A 70 5.54 0.56 -9.51
CA ARG A 70 6.34 0.36 -10.72
C ARG A 70 7.81 0.64 -10.43
N GLU A 71 8.13 0.93 -9.17
CA GLU A 71 9.50 1.22 -8.77
C GLU A 71 9.80 0.63 -7.39
N ALA A 72 10.60 -0.42 -7.37
CA ALA A 72 10.97 -1.08 -6.12
C ALA A 72 12.46 -0.92 -5.85
N ALA A 73 12.87 0.27 -5.41
CA ALA A 73 14.26 0.54 -5.10
C ALA A 73 14.62 0.07 -3.70
N PRO A 74 15.92 -0.18 -3.47
CA PRO A 74 16.42 -0.65 -2.18
C PRO A 74 16.34 0.42 -1.11
N SER A 75 16.34 1.69 -1.54
CA SER A 75 16.27 2.80 -0.60
C SER A 75 14.82 3.09 -0.20
N ASP A 76 13.89 2.55 -0.98
CA ASP A 76 12.47 2.73 -0.71
C ASP A 76 11.97 1.73 0.33
N ALA A 77 12.63 0.58 0.38
CA ALA A 77 12.25 -0.47 1.33
C ALA A 77 12.50 -0.03 2.77
N GLY A 78 11.44 0.05 3.55
CA GLY A 78 11.57 0.46 4.94
C GLY A 78 10.27 0.33 5.72
N GLU A 79 9.23 1.02 5.25
CA GLU A 79 7.93 0.97 5.91
C GLU A 79 6.86 1.65 5.05
N VAL A 80 5.84 0.90 4.68
CA VAL A 80 4.75 1.42 3.86
C VAL A 80 3.59 1.89 4.72
N VAL A 81 3.22 3.16 4.60
CA VAL A 81 2.12 3.72 5.37
C VAL A 81 0.90 3.98 4.48
N PHE A 82 -0.27 3.70 5.00
CA PHE A 82 -1.51 3.90 4.26
C PHE A 82 -2.61 4.45 5.17
N SER A 83 -2.92 5.74 5.00
CA SER A 83 -3.93 6.39 5.81
C SER A 83 -5.27 6.46 5.05
N VAL A 84 -6.36 6.42 5.80
CA VAL A 84 -7.69 6.48 5.20
C VAL A 84 -8.76 6.75 6.25
N ARG A 85 -9.60 7.75 5.99
CA ARG A 85 -10.66 8.11 6.92
C ARG A 85 -10.13 8.19 8.35
N GLY A 86 -8.86 8.55 8.49
CA GLY A 86 -8.25 8.66 9.80
C GLY A 86 -7.40 7.46 10.14
N LEU A 87 -7.83 6.28 9.72
CA LEU A 87 -7.10 5.05 9.98
C LEU A 87 -5.74 5.06 9.30
N THR A 88 -4.87 4.15 9.71
CA THR A 88 -3.52 4.06 9.12
C THR A 88 -2.97 2.64 9.25
N SER A 89 -2.52 2.09 8.13
CA SER A 89 -1.97 0.74 8.10
C SER A 89 -0.50 0.76 7.69
N LYS A 90 0.36 0.25 8.57
CA LYS A 90 1.79 0.21 8.29
C LYS A 90 2.24 -1.21 7.92
N ALA A 91 3.37 -1.31 7.22
CA ALA A 91 3.90 -2.60 6.81
C ALA A 91 5.38 -2.50 6.47
N SER A 92 5.99 -3.63 6.15
CA SER A 92 7.41 -3.67 5.81
C SER A 92 7.61 -4.20 4.39
N LEU A 93 8.47 -3.53 3.64
CA LEU A 93 8.76 -3.92 2.27
C LEU A 93 10.24 -4.29 2.10
N ILE A 94 10.49 -5.47 1.54
CA ILE A 94 11.85 -5.93 1.33
C ILE A 94 12.26 -5.75 -0.13
N VAL A 95 13.56 -5.52 -0.35
CA VAL A 95 14.08 -5.33 -1.69
C VAL A 95 15.47 -5.96 -1.83
N ARG A 96 15.57 -6.94 -2.72
CA ARG A 96 16.84 -7.63 -2.95
C ARG A 96 17.53 -7.09 -4.20
N GLU A 97 18.65 -6.40 -3.99
CA GLU A 97 19.41 -5.83 -5.10
C GLU A 97 19.58 -6.84 -6.22
N ARG A 98 19.20 -6.46 -7.43
CA ARG A 98 19.32 -7.33 -8.58
C ARG A 98 20.78 -7.68 -8.86
N SER A 99 21.28 -8.72 -8.20
CA SER A 99 22.66 -9.15 -8.37
C SER A 99 22.73 -10.52 -9.05
N GLY A 100 23.56 -10.62 -10.07
CA GLY A 100 23.70 -11.88 -10.79
C GLY A 100 23.12 -11.82 -12.18
N PRO A 101 23.94 -11.36 -13.14
CA PRO A 101 23.51 -11.25 -14.55
C PRO A 101 23.34 -12.61 -15.22
N SER A 102 24.03 -13.61 -14.68
CA SER A 102 23.95 -14.96 -15.22
C SER A 102 23.13 -15.88 -14.31
N SER A 103 22.09 -16.48 -14.86
CA SER A 103 21.24 -17.38 -14.09
C SER A 103 21.96 -18.68 -13.76
N GLY A 104 21.96 -19.03 -12.48
CA GLY A 104 22.63 -20.24 -12.05
C GLY A 104 24.05 -20.35 -12.57
N GLY A 1 -34.45 7.89 27.94
CA GLY A 1 -33.56 6.75 27.86
C GLY A 1 -32.11 7.14 27.96
N SER A 2 -31.26 6.19 28.36
CA SER A 2 -29.83 6.45 28.50
C SER A 2 -29.16 6.54 27.14
N SER A 3 -28.14 7.38 27.04
CA SER A 3 -27.41 7.57 25.78
C SER A 3 -26.59 6.32 25.45
N GLY A 4 -26.45 6.06 24.15
CA GLY A 4 -25.69 4.90 23.72
C GLY A 4 -24.55 5.26 22.79
N SER A 5 -23.38 4.67 23.02
CA SER A 5 -22.21 4.95 22.20
C SER A 5 -21.59 3.65 21.69
N SER A 6 -22.06 3.20 20.53
CA SER A 6 -21.55 1.97 19.93
C SER A 6 -21.14 2.21 18.48
N GLY A 7 -20.19 1.40 18.00
CA GLY A 7 -19.73 1.53 16.63
C GLY A 7 -18.21 1.64 16.55
N HIS A 8 -17.60 0.73 15.80
CA HIS A 8 -16.15 0.73 15.64
C HIS A 8 -15.76 0.47 14.19
N VAL A 9 -14.89 1.31 13.65
CA VAL A 9 -14.43 1.17 12.27
C VAL A 9 -12.92 1.06 12.20
N GLY A 10 -12.43 -0.05 11.64
CA GLY A 10 -11.00 -0.26 11.51
C GLY A 10 -10.63 -1.01 10.25
N ILE A 11 -9.41 -1.54 10.21
CA ILE A 11 -8.93 -2.28 9.07
C ILE A 11 -8.94 -3.79 9.33
N THR A 12 -9.73 -4.52 8.56
CA THR A 12 -9.83 -5.96 8.72
C THR A 12 -8.74 -6.67 7.92
N LYS A 13 -8.31 -6.05 6.84
CA LYS A 13 -7.27 -6.63 5.99
C LYS A 13 -6.02 -5.75 5.98
N ARG A 14 -5.32 -5.71 7.11
CA ARG A 14 -4.11 -4.91 7.24
C ARG A 14 -3.07 -5.34 6.20
N LEU A 15 -2.26 -4.39 5.76
CA LEU A 15 -1.21 -4.66 4.78
C LEU A 15 -0.41 -5.89 5.17
N LYS A 16 0.45 -6.35 4.26
CA LYS A 16 1.28 -7.52 4.51
C LYS A 16 2.68 -7.33 3.94
N THR A 17 3.69 -7.75 4.69
CA THR A 17 5.07 -7.62 4.26
C THR A 17 5.33 -8.41 2.98
N MET A 18 5.63 -7.69 1.90
CA MET A 18 5.89 -8.34 0.62
C MET A 18 7.39 -8.44 0.36
N GLU A 19 7.78 -9.47 -0.38
CA GLU A 19 9.19 -9.68 -0.70
C GLU A 19 9.39 -9.90 -2.20
N VAL A 20 10.05 -8.94 -2.85
CA VAL A 20 10.31 -9.03 -4.28
C VAL A 20 11.75 -8.66 -4.60
N LEU A 21 12.13 -8.84 -5.87
CA LEU A 21 13.49 -8.53 -6.30
C LEU A 21 13.52 -7.28 -7.17
N GLU A 22 14.45 -6.39 -6.89
CA GLU A 22 14.58 -5.14 -7.65
C GLU A 22 14.31 -5.38 -9.13
N GLY A 23 13.43 -4.57 -9.70
CA GLY A 23 13.10 -4.71 -11.10
C GLY A 23 11.72 -5.28 -11.32
N GLU A 24 11.30 -6.16 -10.41
CA GLU A 24 9.98 -6.79 -10.51
C GLU A 24 8.88 -5.79 -10.15
N SER A 25 7.64 -6.28 -10.13
CA SER A 25 6.49 -5.44 -9.81
C SER A 25 5.67 -6.05 -8.67
N CYS A 26 5.41 -5.24 -7.66
CA CYS A 26 4.64 -5.69 -6.50
C CYS A 26 3.40 -4.81 -6.29
N SER A 27 2.26 -5.46 -6.03
CA SER A 27 1.02 -4.73 -5.82
C SER A 27 0.43 -5.07 -4.46
N PHE A 28 0.37 -4.07 -3.58
CA PHE A 28 -0.17 -4.26 -2.24
C PHE A 28 -1.70 -4.24 -2.26
N GLU A 29 -2.30 -4.80 -1.22
CA GLU A 29 -3.76 -4.84 -1.13
C GLU A 29 -4.22 -4.58 0.31
N CYS A 30 -5.02 -3.54 0.48
CA CYS A 30 -5.53 -3.18 1.80
C CYS A 30 -7.05 -2.93 1.76
N VAL A 31 -7.77 -3.59 2.65
CA VAL A 31 -9.22 -3.43 2.72
C VAL A 31 -9.66 -2.88 4.07
N LEU A 32 -10.92 -2.45 4.14
CA LEU A 32 -11.45 -1.90 5.39
C LEU A 32 -12.75 -2.61 5.77
N SER A 33 -13.10 -2.52 7.05
CA SER A 33 -14.32 -3.16 7.56
C SER A 33 -15.56 -2.47 7.01
N HIS A 34 -15.62 -1.15 7.15
CA HIS A 34 -16.75 -0.38 6.66
C HIS A 34 -16.49 0.15 5.25
N GLU A 35 -17.53 0.17 4.43
CA GLU A 35 -17.40 0.66 3.06
C GLU A 35 -17.03 2.14 3.03
N SER A 36 -15.73 2.42 3.02
CA SER A 36 -15.25 3.80 2.99
C SER A 36 -14.74 4.18 1.61
N ALA A 37 -15.66 4.58 0.74
CA ALA A 37 -15.31 4.97 -0.62
C ALA A 37 -15.36 6.49 -0.78
N SER A 38 -16.29 7.13 -0.07
CA SER A 38 -16.45 8.58 -0.15
C SER A 38 -15.13 9.28 0.18
N ASP A 39 -14.71 9.17 1.44
CA ASP A 39 -13.48 9.80 1.88
C ASP A 39 -12.30 9.39 0.98
N PRO A 40 -11.42 10.36 0.70
CA PRO A 40 -10.25 10.12 -0.15
C PRO A 40 -9.21 9.24 0.53
N ALA A 41 -8.43 8.52 -0.28
CA ALA A 41 -7.39 7.64 0.24
C ALA A 41 -6.02 8.30 0.15
N MET A 42 -5.11 7.87 1.02
CA MET A 42 -3.75 8.42 1.03
C MET A 42 -2.72 7.31 1.15
N TRP A 43 -1.75 7.30 0.25
CA TRP A 43 -0.70 6.29 0.25
C TRP A 43 0.68 6.92 0.47
N THR A 44 1.25 6.69 1.65
CA THR A 44 2.55 7.24 1.98
C THR A 44 3.58 6.13 2.19
N VAL A 45 4.55 6.04 1.28
CA VAL A 45 5.59 5.03 1.38
C VAL A 45 6.97 5.63 1.19
N GLY A 46 7.83 5.47 2.20
CA GLY A 46 9.17 6.02 2.12
C GLY A 46 9.25 7.43 2.66
N GLY A 47 8.24 8.23 2.35
CA GLY A 47 8.23 9.61 2.82
C GLY A 47 7.64 10.57 1.79
N LYS A 48 6.55 10.16 1.17
CA LYS A 48 5.89 10.98 0.16
C LYS A 48 4.56 10.36 -0.27
N THR A 49 3.62 11.21 -0.67
CA THR A 49 2.31 10.74 -1.11
C THR A 49 2.37 10.22 -2.55
N VAL A 50 1.97 8.97 -2.73
CA VAL A 50 1.96 8.35 -4.05
C VAL A 50 0.56 8.24 -4.61
N GLY A 51 0.42 8.44 -5.92
CA GLY A 51 -0.88 8.36 -6.55
C GLY A 51 -0.93 9.12 -7.87
N SER A 52 -0.63 10.41 -7.82
CA SER A 52 -0.64 11.25 -9.01
C SER A 52 0.14 10.59 -10.14
N SER A 53 0.19 11.27 -11.28
CA SER A 53 0.90 10.75 -12.45
C SER A 53 2.32 10.35 -12.09
N SER A 54 2.51 9.06 -11.82
CA SER A 54 3.83 8.54 -11.45
C SER A 54 3.84 7.02 -11.50
N ARG A 55 5.03 6.44 -11.27
CA ARG A 55 5.18 4.99 -11.30
C ARG A 55 4.14 4.32 -10.40
N PHE A 56 3.68 5.05 -9.38
CA PHE A 56 2.70 4.53 -8.45
C PHE A 56 1.27 4.78 -8.96
N GLN A 57 0.42 3.77 -8.84
CA GLN A 57 -0.96 3.89 -9.28
C GLN A 57 -1.92 3.36 -8.23
N ALA A 58 -2.41 4.25 -7.37
CA ALA A 58 -3.34 3.89 -6.31
C ALA A 58 -4.75 3.71 -6.86
N THR A 59 -5.05 2.52 -7.36
CA THR A 59 -6.36 2.22 -7.92
C THR A 59 -7.32 1.73 -6.84
N ARG A 60 -8.61 1.71 -7.16
CA ARG A 60 -9.62 1.26 -6.22
C ARG A 60 -10.62 0.32 -6.89
N GLN A 61 -10.75 -0.89 -6.35
CA GLN A 61 -11.67 -1.88 -6.91
C GLN A 61 -12.31 -2.70 -5.80
N GLY A 62 -13.61 -2.48 -5.58
CA GLY A 62 -14.32 -3.21 -4.55
C GLY A 62 -13.87 -2.83 -3.15
N ARG A 63 -14.32 -1.68 -2.67
CA ARG A 63 -13.96 -1.20 -1.34
C ARG A 63 -12.53 -1.62 -0.99
N LYS A 64 -11.65 -1.61 -1.99
CA LYS A 64 -10.26 -1.98 -1.78
C LYS A 64 -9.33 -1.03 -2.52
N TYR A 65 -8.15 -0.80 -1.95
CA TYR A 65 -7.17 0.09 -2.56
C TYR A 65 -5.94 -0.68 -3.03
N ILE A 66 -5.83 -0.87 -4.34
CA ILE A 66 -4.71 -1.60 -4.92
C ILE A 66 -3.61 -0.64 -5.38
N LEU A 67 -2.44 -0.77 -4.78
CA LEU A 67 -1.30 0.10 -5.12
C LEU A 67 -0.31 -0.65 -6.00
N VAL A 68 -0.27 -0.28 -7.28
CA VAL A 68 0.64 -0.91 -8.22
C VAL A 68 2.00 -0.21 -8.23
N VAL A 69 3.06 -0.99 -8.07
CA VAL A 69 4.42 -0.44 -8.06
C VAL A 69 5.18 -0.85 -9.32
N ARG A 70 5.77 0.13 -9.99
CA ARG A 70 6.53 -0.13 -11.20
C ARG A 70 8.01 0.16 -10.99
N GLU A 71 8.87 -0.68 -11.56
CA GLU A 71 10.31 -0.52 -11.42
C GLU A 71 10.72 -0.47 -9.95
N ALA A 72 10.17 -1.38 -9.16
CA ALA A 72 10.48 -1.44 -7.74
C ALA A 72 11.97 -1.31 -7.50
N ALA A 73 12.36 -0.33 -6.69
CA ALA A 73 13.76 -0.11 -6.38
C ALA A 73 14.04 -0.35 -4.90
N PRO A 74 15.31 -0.65 -4.57
CA PRO A 74 15.74 -0.92 -3.19
C PRO A 74 15.70 0.34 -2.32
N SER A 75 15.41 1.47 -2.95
CA SER A 75 15.34 2.75 -2.23
C SER A 75 13.95 2.97 -1.64
N ASP A 76 12.95 2.39 -2.29
CA ASP A 76 11.56 2.52 -1.84
C ASP A 76 11.29 1.59 -0.65
N ALA A 77 12.07 0.52 -0.56
CA ALA A 77 11.91 -0.44 0.53
C ALA A 77 12.14 0.22 1.88
N GLY A 78 11.09 0.23 2.71
CA GLY A 78 11.20 0.83 4.03
C GLY A 78 9.94 0.64 4.85
N GLU A 79 8.98 1.54 4.67
CA GLU A 79 7.72 1.46 5.41
C GLU A 79 6.57 1.98 4.58
N VAL A 80 5.60 1.12 4.29
CA VAL A 80 4.43 1.50 3.49
C VAL A 80 3.25 1.86 4.39
N VAL A 81 3.00 3.16 4.52
CA VAL A 81 1.89 3.64 5.34
C VAL A 81 0.71 4.05 4.49
N PHE A 82 -0.47 3.52 4.83
CA PHE A 82 -1.68 3.84 4.08
C PHE A 82 -2.74 4.45 5.00
N SER A 83 -2.94 5.76 4.87
CA SER A 83 -3.92 6.46 5.69
C SER A 83 -5.24 6.63 4.93
N VAL A 84 -6.34 6.60 5.68
CA VAL A 84 -7.66 6.75 5.09
C VAL A 84 -8.70 7.10 6.15
N ARG A 85 -9.48 8.15 5.88
CA ARG A 85 -10.51 8.59 6.82
C ARG A 85 -10.01 8.50 8.26
N GLY A 86 -8.76 8.90 8.48
CA GLY A 86 -8.20 8.87 9.82
C GLY A 86 -7.38 7.61 10.05
N LEU A 87 -7.87 6.48 9.56
CA LEU A 87 -7.18 5.20 9.73
C LEU A 87 -5.78 5.27 9.11
N THR A 88 -4.91 4.35 9.55
CA THR A 88 -3.55 4.30 9.05
C THR A 88 -2.97 2.89 9.16
N SER A 89 -2.53 2.34 8.03
CA SER A 89 -1.97 1.00 7.99
C SER A 89 -0.44 1.06 8.01
N LYS A 90 0.18 -0.10 8.22
CA LYS A 90 1.64 -0.19 8.24
C LYS A 90 2.12 -1.49 7.62
N ALA A 91 3.28 -1.45 6.99
CA ALA A 91 3.86 -2.63 6.35
C ALA A 91 5.34 -2.43 6.05
N SER A 92 5.98 -3.47 5.54
CA SER A 92 7.39 -3.41 5.20
C SER A 92 7.65 -4.01 3.82
N LEU A 93 8.43 -3.31 3.01
CA LEU A 93 8.75 -3.77 1.67
C LEU A 93 10.21 -4.22 1.59
N ILE A 94 10.42 -5.48 1.21
CA ILE A 94 11.76 -6.02 1.09
C ILE A 94 12.20 -6.08 -0.37
N VAL A 95 12.97 -5.08 -0.80
CA VAL A 95 13.46 -5.02 -2.17
C VAL A 95 14.95 -5.29 -2.23
N ARG A 96 15.32 -6.48 -2.69
CA ARG A 96 16.71 -6.87 -2.79
C ARG A 96 17.30 -6.42 -4.13
N GLU A 97 18.61 -6.23 -4.16
CA GLU A 97 19.30 -5.81 -5.37
C GLU A 97 19.76 -7.00 -6.20
N ARG A 98 19.35 -7.05 -7.46
CA ARG A 98 19.73 -8.15 -8.34
C ARG A 98 21.20 -8.04 -8.74
N SER A 99 21.98 -9.06 -8.37
CA SER A 99 23.40 -9.08 -8.68
C SER A 99 23.62 -9.40 -10.17
N GLY A 100 24.65 -8.78 -10.75
CA GLY A 100 24.95 -9.01 -12.15
C GLY A 100 26.31 -9.63 -12.35
N PRO A 101 26.48 -10.36 -13.46
CA PRO A 101 27.73 -11.04 -13.79
C PRO A 101 28.84 -10.05 -14.17
N SER A 102 30.00 -10.57 -14.55
CA SER A 102 31.13 -9.73 -14.93
C SER A 102 31.47 -9.94 -16.41
N SER A 103 30.58 -9.49 -17.28
CA SER A 103 30.79 -9.62 -18.72
C SER A 103 32.04 -8.88 -19.16
N GLY A 104 32.81 -9.50 -20.06
CA GLY A 104 34.03 -8.88 -20.54
C GLY A 104 35.27 -9.67 -20.16
N GLY A 1 -24.75 -11.30 20.80
CA GLY A 1 -25.99 -11.15 21.55
C GLY A 1 -27.20 -11.11 20.66
N SER A 2 -27.95 -10.01 20.73
CA SER A 2 -29.16 -9.85 19.92
C SER A 2 -29.64 -8.41 19.94
N SER A 3 -29.83 -7.83 18.76
CA SER A 3 -30.28 -6.46 18.63
C SER A 3 -29.30 -5.50 19.30
N GLY A 4 -28.01 -5.76 19.12
CA GLY A 4 -26.98 -4.91 19.71
C GLY A 4 -25.67 -4.98 18.96
N SER A 5 -25.30 -3.87 18.32
CA SER A 5 -24.07 -3.80 17.56
C SER A 5 -23.69 -2.35 17.27
N SER A 6 -22.40 -2.13 17.02
CA SER A 6 -21.90 -0.78 16.74
C SER A 6 -21.09 -0.77 15.44
N GLY A 7 -21.20 0.33 14.71
CA GLY A 7 -20.48 0.46 13.45
C GLY A 7 -19.04 0.88 13.65
N HIS A 8 -18.12 -0.08 13.61
CA HIS A 8 -16.71 0.21 13.80
C HIS A 8 -15.97 0.14 12.46
N VAL A 9 -16.47 0.87 11.47
CA VAL A 9 -15.86 0.90 10.15
C VAL A 9 -14.34 1.03 10.26
N GLY A 10 -13.63 0.09 9.64
CA GLY A 10 -12.18 0.10 9.67
C GLY A 10 -11.57 -1.08 8.95
N ILE A 11 -10.28 -0.97 8.63
CA ILE A 11 -9.57 -2.04 7.93
C ILE A 11 -9.85 -3.39 8.58
N THR A 12 -10.39 -4.32 7.79
CA THR A 12 -10.71 -5.65 8.28
C THR A 12 -9.64 -6.66 7.87
N LYS A 13 -8.77 -6.24 6.96
CA LYS A 13 -7.70 -7.11 6.47
C LYS A 13 -6.36 -6.38 6.50
N ARG A 14 -5.57 -6.66 7.53
CA ARG A 14 -4.26 -6.02 7.67
C ARG A 14 -3.43 -6.20 6.40
N LEU A 15 -2.46 -5.32 6.21
CA LEU A 15 -1.59 -5.37 5.04
C LEU A 15 -0.71 -6.60 5.07
N LYS A 16 -0.01 -6.85 3.96
CA LYS A 16 0.89 -8.00 3.86
C LYS A 16 2.26 -7.57 3.38
N THR A 17 3.30 -8.16 3.96
CA THR A 17 4.68 -7.84 3.59
C THR A 17 5.04 -8.47 2.25
N MET A 18 5.50 -7.63 1.31
CA MET A 18 5.87 -8.10 -0.02
C MET A 18 7.40 -8.18 -0.15
N GLU A 19 7.89 -9.33 -0.57
CA GLU A 19 9.33 -9.53 -0.73
C GLU A 19 9.68 -9.81 -2.20
N VAL A 20 10.30 -8.84 -2.85
CA VAL A 20 10.68 -8.99 -4.25
C VAL A 20 12.12 -8.53 -4.47
N LEU A 21 12.55 -8.54 -5.74
CA LEU A 21 13.90 -8.13 -6.09
C LEU A 21 13.90 -6.77 -6.78
N GLU A 22 15.01 -6.05 -6.67
CA GLU A 22 15.13 -4.74 -7.29
C GLU A 22 14.87 -4.82 -8.79
N GLY A 23 13.97 -3.96 -9.28
CA GLY A 23 13.65 -3.95 -10.69
C GLY A 23 12.28 -4.54 -10.97
N GLU A 24 11.86 -5.49 -10.14
CA GLU A 24 10.57 -6.13 -10.31
C GLU A 24 9.43 -5.19 -9.91
N SER A 25 8.21 -5.59 -10.22
CA SER A 25 7.03 -4.78 -9.90
C SER A 25 6.18 -5.46 -8.82
N CYS A 26 5.83 -4.70 -7.80
CA CYS A 26 5.02 -5.23 -6.70
C CYS A 26 3.70 -4.46 -6.58
N SER A 27 2.80 -4.98 -5.75
CA SER A 27 1.50 -4.35 -5.56
C SER A 27 0.93 -4.69 -4.19
N PHE A 28 0.33 -3.71 -3.53
CA PHE A 28 -0.26 -3.90 -2.22
C PHE A 28 -1.76 -3.67 -2.25
N GLU A 29 -2.49 -4.40 -1.40
CA GLU A 29 -3.94 -4.27 -1.33
C GLU A 29 -4.40 -4.15 0.10
N CYS A 30 -5.53 -3.47 0.30
CA CYS A 30 -6.09 -3.28 1.64
C CYS A 30 -7.61 -3.22 1.59
N VAL A 31 -8.26 -4.15 2.28
CA VAL A 31 -9.71 -4.21 2.31
C VAL A 31 -10.26 -3.57 3.59
N LEU A 32 -11.46 -3.01 3.50
CA LEU A 32 -12.09 -2.36 4.65
C LEU A 32 -13.37 -3.10 5.05
N SER A 33 -13.64 -3.12 6.34
CA SER A 33 -14.83 -3.79 6.86
C SER A 33 -16.08 -3.33 6.12
N HIS A 34 -16.20 -2.02 5.92
CA HIS A 34 -17.34 -1.45 5.23
C HIS A 34 -16.90 -0.42 4.19
N GLU A 35 -17.73 -0.19 3.19
CA GLU A 35 -17.41 0.77 2.14
C GLU A 35 -17.53 2.19 2.65
N SER A 36 -16.69 3.08 2.11
CA SER A 36 -16.69 4.48 2.53
C SER A 36 -17.00 5.39 1.33
N ALA A 37 -17.74 6.47 1.60
CA ALA A 37 -18.10 7.41 0.55
C ALA A 37 -17.24 8.68 0.65
N SER A 38 -16.83 9.19 -0.51
CA SER A 38 -16.00 10.39 -0.56
C SER A 38 -14.80 10.27 0.38
N ASP A 39 -14.27 9.05 0.48
CA ASP A 39 -13.11 8.80 1.35
C ASP A 39 -11.85 8.59 0.51
N PRO A 40 -11.17 9.70 0.19
CA PRO A 40 -9.93 9.66 -0.61
C PRO A 40 -8.77 9.06 0.18
N ALA A 41 -8.21 7.98 -0.36
CA ALA A 41 -7.08 7.30 0.28
C ALA A 41 -5.76 7.88 -0.21
N MET A 42 -4.70 7.61 0.55
CA MET A 42 -3.37 8.10 0.20
C MET A 42 -2.30 7.05 0.51
N TRP A 43 -1.36 6.89 -0.41
CA TRP A 43 -0.28 5.93 -0.23
C TRP A 43 1.05 6.63 -0.02
N THR A 44 1.79 6.19 1.01
CA THR A 44 3.08 6.78 1.32
C THR A 44 4.13 5.71 1.56
N VAL A 45 4.98 5.46 0.55
CA VAL A 45 6.03 4.46 0.66
C VAL A 45 7.41 5.11 0.61
N GLY A 46 8.21 4.82 1.63
CA GLY A 46 9.55 5.38 1.69
C GLY A 46 9.59 6.72 2.41
N GLY A 47 8.62 7.58 2.12
CA GLY A 47 8.57 8.88 2.74
C GLY A 47 8.18 9.98 1.77
N LYS A 48 7.18 9.71 0.94
CA LYS A 48 6.72 10.68 -0.04
C LYS A 48 5.40 10.25 -0.67
N THR A 49 4.49 11.19 -0.82
CA THR A 49 3.18 10.91 -1.41
C THR A 49 3.32 10.40 -2.84
N VAL A 50 2.58 9.34 -3.16
CA VAL A 50 2.62 8.76 -4.50
C VAL A 50 1.23 8.76 -5.14
N GLY A 51 1.19 8.88 -6.46
CA GLY A 51 -0.07 8.89 -7.17
C GLY A 51 0.09 9.23 -8.64
N SER A 52 1.19 8.78 -9.23
CA SER A 52 1.46 9.06 -10.64
C SER A 52 1.29 7.79 -11.47
N SER A 53 0.27 7.79 -12.33
CA SER A 53 0.00 6.64 -13.19
C SER A 53 1.29 6.01 -13.69
N SER A 54 2.33 6.83 -13.82
CA SER A 54 3.62 6.35 -14.29
C SER A 54 3.96 5.00 -13.66
N ARG A 55 4.32 5.02 -12.39
CA ARG A 55 4.67 3.80 -11.67
C ARG A 55 3.66 3.50 -10.56
N PHE A 56 3.34 4.53 -9.79
CA PHE A 56 2.38 4.39 -8.69
C PHE A 56 0.96 4.70 -9.15
N GLN A 57 0.20 3.65 -9.44
CA GLN A 57 -1.17 3.81 -9.90
C GLN A 57 -2.16 3.39 -8.81
N ALA A 58 -2.54 4.35 -7.96
CA ALA A 58 -3.47 4.08 -6.88
C ALA A 58 -4.86 3.75 -7.43
N THR A 59 -5.28 2.50 -7.23
CA THR A 59 -6.59 2.06 -7.70
C THR A 59 -7.56 1.89 -6.55
N ARG A 60 -8.86 1.93 -6.86
CA ARG A 60 -9.89 1.78 -5.85
C ARG A 60 -11.01 0.85 -6.34
N GLN A 61 -11.08 -0.34 -5.74
CA GLN A 61 -12.10 -1.31 -6.12
C GLN A 61 -13.11 -1.50 -5.00
N GLY A 62 -14.24 -0.82 -5.11
CA GLY A 62 -15.28 -0.92 -4.10
C GLY A 62 -14.76 -0.61 -2.71
N ARG A 63 -14.77 -1.61 -1.83
CA ARG A 63 -14.30 -1.43 -0.46
C ARG A 63 -12.86 -1.91 -0.32
N LYS A 64 -12.11 -1.86 -1.41
CA LYS A 64 -10.71 -2.29 -1.41
C LYS A 64 -9.83 -1.28 -2.12
N TYR A 65 -8.62 -1.10 -1.61
CA TYR A 65 -7.68 -0.16 -2.19
C TYR A 65 -6.33 -0.82 -2.47
N ILE A 66 -5.90 -0.80 -3.73
CA ILE A 66 -4.64 -1.40 -4.13
C ILE A 66 -3.71 -0.35 -4.75
N LEU A 67 -2.42 -0.51 -4.50
CA LEU A 67 -1.42 0.41 -5.03
C LEU A 67 -0.36 -0.34 -5.83
N VAL A 68 -0.51 -0.32 -7.16
CA VAL A 68 0.43 -0.99 -8.04
C VAL A 68 1.80 -0.32 -8.01
N VAL A 69 2.71 -0.87 -7.22
CA VAL A 69 4.05 -0.32 -7.10
C VAL A 69 4.92 -0.75 -8.28
N ARG A 70 5.39 0.24 -9.04
CA ARG A 70 6.24 -0.04 -10.20
C ARG A 70 7.60 0.63 -10.04
N GLU A 71 8.63 0.04 -10.65
CA GLU A 71 9.98 0.57 -10.58
C GLU A 71 10.50 0.56 -9.14
N ALA A 72 10.35 -0.59 -8.48
CA ALA A 72 10.80 -0.75 -7.11
C ALA A 72 12.26 -0.33 -6.97
N ALA A 73 12.67 -0.05 -5.74
CA ALA A 73 14.05 0.35 -5.46
C ALA A 73 14.47 -0.05 -4.05
N PRO A 74 15.77 -0.30 -3.87
CA PRO A 74 16.33 -0.70 -2.58
C PRO A 74 16.31 0.43 -1.56
N SER A 75 16.15 1.66 -2.05
CA SER A 75 16.11 2.83 -1.18
C SER A 75 14.71 3.02 -0.59
N ASP A 76 13.70 2.96 -1.46
CA ASP A 76 12.33 3.13 -1.02
C ASP A 76 12.00 2.20 0.14
N ALA A 77 12.52 0.98 0.09
CA ALA A 77 12.30 0.00 1.14
C ALA A 77 12.43 0.63 2.52
N GLY A 78 11.40 0.48 3.34
CA GLY A 78 11.43 1.03 4.67
C GLY A 78 10.19 0.68 5.48
N GLU A 79 9.05 1.24 5.08
CA GLU A 79 7.79 0.98 5.77
C GLU A 79 6.62 1.58 5.01
N VAL A 80 5.71 0.72 4.56
CA VAL A 80 4.53 1.17 3.81
C VAL A 80 3.40 1.55 4.76
N VAL A 81 2.93 2.78 4.65
CA VAL A 81 1.85 3.27 5.49
C VAL A 81 0.66 3.71 4.65
N PHE A 82 -0.49 3.08 4.88
CA PHE A 82 -1.70 3.40 4.14
C PHE A 82 -2.69 4.17 5.02
N SER A 83 -2.90 5.43 4.69
CA SER A 83 -3.82 6.28 5.46
C SER A 83 -5.06 6.62 4.64
N VAL A 84 -6.23 6.37 5.22
CA VAL A 84 -7.49 6.65 4.54
C VAL A 84 -8.56 7.13 5.53
N ARG A 85 -9.36 8.09 5.10
CA ARG A 85 -10.41 8.63 5.95
C ARG A 85 -9.95 8.71 7.41
N GLY A 86 -8.65 8.90 7.60
CA GLY A 86 -8.11 8.98 8.94
C GLY A 86 -7.31 7.75 9.33
N LEU A 87 -7.89 6.58 9.13
CA LEU A 87 -7.23 5.32 9.46
C LEU A 87 -5.79 5.32 8.93
N THR A 88 -4.98 4.42 9.47
CA THR A 88 -3.58 4.31 9.06
C THR A 88 -3.09 2.88 9.20
N SER A 89 -2.40 2.39 8.17
CA SER A 89 -1.86 1.04 8.17
C SER A 89 -0.34 1.04 8.11
N LYS A 90 0.26 -0.13 8.26
CA LYS A 90 1.71 -0.25 8.21
C LYS A 90 2.12 -1.59 7.61
N ALA A 91 3.26 -1.59 6.91
CA ALA A 91 3.77 -2.81 6.29
C ALA A 91 5.25 -2.67 5.94
N SER A 92 5.87 -3.78 5.58
CA SER A 92 7.29 -3.79 5.22
C SER A 92 7.48 -4.15 3.75
N LEU A 93 8.41 -3.45 3.09
CA LEU A 93 8.68 -3.69 1.69
C LEU A 93 10.14 -4.11 1.48
N ILE A 94 10.40 -5.41 1.54
CA ILE A 94 11.74 -5.93 1.36
C ILE A 94 12.16 -5.88 -0.11
N VAL A 95 13.23 -5.13 -0.39
CA VAL A 95 13.73 -5.00 -1.75
C VAL A 95 15.22 -5.33 -1.82
N ARG A 96 15.54 -6.49 -2.37
CA ARG A 96 16.93 -6.92 -2.49
C ARG A 96 17.56 -6.36 -3.77
N GLU A 97 18.86 -6.11 -3.72
CA GLU A 97 19.58 -5.57 -4.87
C GLU A 97 20.13 -6.70 -5.74
N ARG A 98 20.05 -6.51 -7.05
CA ARG A 98 20.54 -7.52 -7.99
C ARG A 98 22.01 -7.28 -8.31
N SER A 99 22.89 -8.04 -7.67
CA SER A 99 24.32 -7.92 -7.88
C SER A 99 24.79 -8.91 -8.95
N GLY A 100 24.36 -10.16 -8.82
CA GLY A 100 24.75 -11.17 -9.78
C GLY A 100 24.40 -12.57 -9.30
N PRO A 101 25.38 -13.26 -8.69
CA PRO A 101 25.20 -14.62 -8.18
C PRO A 101 24.27 -14.66 -6.97
N SER A 102 23.14 -15.34 -7.13
CA SER A 102 22.17 -15.45 -6.04
C SER A 102 21.86 -16.92 -5.75
N SER A 103 21.62 -17.22 -4.47
CA SER A 103 21.32 -18.58 -4.05
C SER A 103 20.16 -18.60 -3.05
N GLY A 104 19.49 -19.73 -2.95
CA GLY A 104 18.38 -19.86 -2.03
C GLY A 104 17.41 -20.96 -2.42
N GLY A 1 -20.99 -2.90 7.46
CA GLY A 1 -21.31 -2.78 8.88
C GLY A 1 -22.80 -2.93 9.14
N SER A 2 -23.26 -2.36 10.24
CA SER A 2 -24.67 -2.43 10.61
C SER A 2 -25.01 -1.38 11.66
N SER A 3 -26.30 -1.07 11.78
CA SER A 3 -26.77 -0.07 12.74
C SER A 3 -27.15 -0.74 14.06
N GLY A 4 -26.91 -0.04 15.16
CA GLY A 4 -27.25 -0.58 16.47
C GLY A 4 -26.09 -0.48 17.44
N SER A 5 -25.42 -1.61 17.68
CA SER A 5 -24.29 -1.64 18.60
C SER A 5 -23.13 -0.80 18.08
N SER A 6 -22.17 -0.50 18.96
CA SER A 6 -21.02 0.30 18.59
C SER A 6 -20.06 -0.50 17.71
N GLY A 7 -19.32 0.20 16.85
CA GLY A 7 -18.38 -0.46 15.97
C GLY A 7 -17.27 0.47 15.50
N HIS A 8 -16.11 0.37 16.15
CA HIS A 8 -14.97 1.21 15.79
C HIS A 8 -14.32 0.72 14.51
N VAL A 9 -14.60 1.42 13.41
CA VAL A 9 -14.04 1.06 12.11
C VAL A 9 -12.52 0.88 12.20
N GLY A 10 -12.05 -0.33 11.93
CA GLY A 10 -10.63 -0.60 11.97
C GLY A 10 -10.16 -1.45 10.81
N ILE A 11 -8.91 -1.24 10.39
CA ILE A 11 -8.35 -1.99 9.28
C ILE A 11 -8.58 -3.49 9.45
N THR A 12 -9.44 -4.06 8.61
CA THR A 12 -9.75 -5.48 8.67
C THR A 12 -8.68 -6.31 7.95
N LYS A 13 -8.24 -5.82 6.80
CA LYS A 13 -7.22 -6.52 6.02
C LYS A 13 -5.95 -5.67 5.92
N ARG A 14 -5.14 -5.69 6.97
CA ARG A 14 -3.90 -4.93 7.00
C ARG A 14 -2.99 -5.35 5.85
N LEU A 15 -1.96 -4.54 5.60
CA LEU A 15 -1.01 -4.83 4.52
C LEU A 15 -0.11 -5.99 4.89
N LYS A 16 0.20 -6.82 3.90
CA LYS A 16 1.06 -7.98 4.11
C LYS A 16 2.45 -7.73 3.55
N THR A 17 3.48 -8.16 4.29
CA THR A 17 4.85 -7.98 3.86
C THR A 17 5.07 -8.55 2.46
N MET A 18 5.89 -7.86 1.67
CA MET A 18 6.18 -8.29 0.30
C MET A 18 7.68 -8.38 0.08
N GLU A 19 8.10 -9.41 -0.66
CA GLU A 19 9.52 -9.61 -0.96
C GLU A 19 9.75 -9.71 -2.45
N VAL A 20 10.29 -8.65 -3.04
CA VAL A 20 10.57 -8.62 -4.47
C VAL A 20 11.99 -8.12 -4.75
N LEU A 21 12.46 -8.34 -5.96
CA LEU A 21 13.80 -7.93 -6.36
C LEU A 21 13.77 -6.58 -7.06
N GLU A 22 14.72 -5.71 -6.72
CA GLU A 22 14.80 -4.38 -7.31
C GLU A 22 14.44 -4.43 -8.80
N GLY A 23 13.70 -3.41 -9.26
CA GLY A 23 13.30 -3.37 -10.65
C GLY A 23 11.93 -3.99 -10.88
N GLU A 24 11.64 -5.05 -10.15
CA GLU A 24 10.36 -5.74 -10.29
C GLU A 24 9.20 -4.81 -9.92
N SER A 25 7.99 -5.35 -9.94
CA SER A 25 6.79 -4.57 -9.62
C SER A 25 5.85 -5.38 -8.73
N CYS A 26 5.50 -4.81 -7.59
CA CYS A 26 4.59 -5.46 -6.65
C CYS A 26 3.34 -4.62 -6.42
N SER A 27 2.24 -5.28 -6.08
CA SER A 27 0.98 -4.61 -5.83
C SER A 27 0.44 -4.93 -4.44
N PHE A 28 0.28 -3.89 -3.62
CA PHE A 28 -0.21 -4.06 -2.26
C PHE A 28 -1.75 -4.05 -2.23
N GLU A 29 -2.32 -4.58 -1.16
CA GLU A 29 -3.77 -4.62 -1.03
C GLU A 29 -4.19 -4.23 0.40
N CYS A 30 -5.00 -3.18 0.50
CA CYS A 30 -5.47 -2.71 1.80
C CYS A 30 -6.98 -2.50 1.78
N VAL A 31 -7.70 -3.29 2.57
CA VAL A 31 -9.15 -3.19 2.65
C VAL A 31 -9.60 -2.77 4.05
N LEU A 32 -10.60 -1.90 4.10
CA LEU A 32 -11.13 -1.42 5.37
C LEU A 32 -12.38 -2.19 5.78
N SER A 33 -12.51 -2.47 7.07
CA SER A 33 -13.66 -3.20 7.58
C SER A 33 -14.94 -2.72 6.92
N HIS A 34 -15.08 -1.40 6.79
CA HIS A 34 -16.27 -0.81 6.17
C HIS A 34 -16.02 -0.51 4.70
N GLU A 35 -17.03 0.05 4.04
CA GLU A 35 -16.92 0.39 2.63
C GLU A 35 -16.59 1.87 2.45
N SER A 36 -15.67 2.16 1.53
CA SER A 36 -15.26 3.53 1.27
C SER A 36 -15.57 3.92 -0.18
N ALA A 37 -16.65 4.68 -0.37
CA ALA A 37 -17.04 5.13 -1.69
C ALA A 37 -16.47 6.51 -2.00
N SER A 38 -16.58 7.42 -1.04
CA SER A 38 -16.09 8.78 -1.21
C SER A 38 -15.16 9.17 -0.07
N ASP A 39 -13.87 9.01 -0.28
CA ASP A 39 -12.88 9.35 0.73
C ASP A 39 -11.47 9.33 0.15
N PRO A 40 -10.64 10.30 0.57
CA PRO A 40 -9.26 10.42 0.10
C PRO A 40 -8.36 9.30 0.61
N ALA A 41 -7.50 8.78 -0.26
CA ALA A 41 -6.60 7.70 0.12
C ALA A 41 -5.14 8.14 -0.03
N MET A 42 -4.44 8.25 1.09
CA MET A 42 -3.04 8.66 1.08
C MET A 42 -2.12 7.45 1.05
N TRP A 43 -1.44 7.23 -0.08
CA TRP A 43 -0.53 6.12 -0.23
C TRP A 43 0.92 6.58 -0.15
N THR A 44 1.58 6.25 0.96
CA THR A 44 2.97 6.62 1.15
C THR A 44 3.86 5.40 1.33
N VAL A 45 4.67 5.11 0.32
CA VAL A 45 5.57 3.96 0.36
C VAL A 45 7.00 4.39 0.61
N GLY A 46 7.40 4.41 1.88
CA GLY A 46 8.74 4.81 2.24
C GLY A 46 9.30 5.86 1.30
N GLY A 47 8.98 7.12 1.56
CA GLY A 47 9.47 8.20 0.72
C GLY A 47 8.55 9.40 0.75
N LYS A 48 7.32 9.22 0.29
CA LYS A 48 6.33 10.30 0.25
C LYS A 48 4.98 9.79 -0.21
N THR A 49 4.01 10.70 -0.33
CA THR A 49 2.67 10.34 -0.76
C THR A 49 2.60 10.19 -2.28
N VAL A 50 2.52 8.96 -2.74
CA VAL A 50 2.45 8.67 -4.17
C VAL A 50 1.00 8.63 -4.65
N GLY A 51 0.73 9.32 -5.76
CA GLY A 51 -0.61 9.35 -6.31
C GLY A 51 -0.64 9.83 -7.74
N SER A 52 0.36 9.45 -8.52
CA SER A 52 0.46 9.86 -9.91
C SER A 52 0.23 8.66 -10.84
N SER A 53 0.39 8.88 -12.13
CA SER A 53 0.20 7.83 -13.12
C SER A 53 1.48 7.58 -13.90
N SER A 54 2.61 7.63 -13.21
CA SER A 54 3.90 7.42 -13.84
C SER A 54 4.55 6.12 -13.34
N ARG A 55 4.68 6.01 -12.03
CA ARG A 55 5.28 4.82 -11.41
C ARG A 55 4.30 4.16 -10.44
N PHE A 56 3.43 4.97 -9.84
CA PHE A 56 2.45 4.46 -8.90
C PHE A 56 1.03 4.57 -9.47
N GLN A 57 0.09 3.85 -8.86
CA GLN A 57 -1.29 3.87 -9.30
C GLN A 57 -2.23 3.44 -8.18
N ALA A 58 -3.00 4.41 -7.68
CA ALA A 58 -3.95 4.13 -6.59
C ALA A 58 -5.29 3.67 -7.15
N THR A 59 -5.40 2.37 -7.41
CA THR A 59 -6.63 1.80 -7.94
C THR A 59 -7.60 1.45 -6.83
N ARG A 60 -8.88 1.32 -7.17
CA ARG A 60 -9.91 0.99 -6.19
C ARG A 60 -10.93 0.03 -6.79
N GLN A 61 -10.90 -1.22 -6.34
CA GLN A 61 -11.82 -2.24 -6.83
C GLN A 61 -12.50 -2.96 -5.67
N GLY A 62 -13.72 -2.54 -5.36
CA GLY A 62 -14.47 -3.16 -4.27
C GLY A 62 -13.96 -2.73 -2.91
N ARG A 63 -14.34 -1.54 -2.48
CA ARG A 63 -13.90 -1.02 -1.19
C ARG A 63 -12.50 -1.50 -0.85
N LYS A 64 -11.62 -1.49 -1.84
CA LYS A 64 -10.24 -1.92 -1.65
C LYS A 64 -9.26 -0.92 -2.25
N TYR A 65 -8.05 -0.89 -1.71
CA TYR A 65 -7.02 0.03 -2.20
C TYR A 65 -5.79 -0.74 -2.67
N ILE A 66 -5.54 -0.71 -3.97
CA ILE A 66 -4.40 -1.38 -4.55
C ILE A 66 -3.41 -0.40 -5.17
N LEU A 67 -2.20 -0.38 -4.66
CA LEU A 67 -1.17 0.53 -5.16
C LEU A 67 -0.20 -0.22 -6.08
N VAL A 68 -0.31 0.05 -7.39
CA VAL A 68 0.55 -0.59 -8.38
C VAL A 68 1.94 0.04 -8.38
N VAL A 69 2.92 -0.72 -7.89
CA VAL A 69 4.29 -0.24 -7.83
C VAL A 69 5.13 -0.83 -8.97
N ARG A 70 5.33 -0.05 -10.02
CA ARG A 70 6.10 -0.49 -11.17
C ARG A 70 7.60 -0.20 -10.97
N GLU A 71 7.92 0.45 -9.85
CA GLU A 71 9.30 0.80 -9.55
C GLU A 71 9.65 0.42 -8.11
N ALA A 72 10.08 -0.82 -7.92
CA ALA A 72 10.45 -1.30 -6.60
C ALA A 72 11.95 -1.10 -6.33
N ALA A 73 12.30 0.10 -5.89
CA ALA A 73 13.69 0.43 -5.60
C ALA A 73 14.04 0.09 -4.17
N PRO A 74 15.33 -0.16 -3.91
CA PRO A 74 15.83 -0.51 -2.57
C PRO A 74 15.78 0.68 -1.62
N SER A 75 15.54 1.87 -2.17
CA SER A 75 15.47 3.09 -1.37
C SER A 75 14.05 3.34 -0.88
N ASP A 76 13.13 2.45 -1.27
CA ASP A 76 11.74 2.58 -0.88
C ASP A 76 11.39 1.56 0.20
N ALA A 77 12.29 0.61 0.43
CA ALA A 77 12.08 -0.42 1.44
C ALA A 77 12.22 0.14 2.85
N GLY A 78 11.12 0.15 3.60
CA GLY A 78 11.15 0.66 4.95
C GLY A 78 9.85 0.40 5.69
N GLU A 79 8.81 1.16 5.35
CA GLU A 79 7.51 1.00 5.99
C GLU A 79 6.42 1.71 5.18
N VAL A 80 5.55 0.91 4.56
CA VAL A 80 4.46 1.46 3.76
C VAL A 80 3.27 1.86 4.64
N VAL A 81 3.04 3.16 4.74
CA VAL A 81 1.94 3.68 5.56
C VAL A 81 0.79 4.17 4.67
N PHE A 82 -0.39 3.58 4.86
CA PHE A 82 -1.56 3.96 4.08
C PHE A 82 -2.67 4.49 4.99
N SER A 83 -2.93 5.78 4.90
CA SER A 83 -3.96 6.42 5.72
C SER A 83 -5.24 6.62 4.91
N VAL A 84 -6.37 6.71 5.61
CA VAL A 84 -7.66 6.91 4.96
C VAL A 84 -8.76 7.12 5.99
N ARG A 85 -9.57 8.15 5.77
CA ARG A 85 -10.67 8.47 6.68
C ARG A 85 -10.22 8.37 8.14
N GLY A 86 -8.98 8.76 8.39
CA GLY A 86 -8.44 8.70 9.74
C GLY A 86 -7.67 7.43 10.01
N LEU A 87 -8.11 6.33 9.39
CA LEU A 87 -7.44 5.04 9.57
C LEU A 87 -6.03 5.07 9.00
N THR A 88 -5.17 4.20 9.52
CA THR A 88 -3.79 4.12 9.06
C THR A 88 -3.25 2.70 9.20
N SER A 89 -2.54 2.25 8.17
CA SER A 89 -1.96 0.91 8.17
C SER A 89 -0.44 0.96 8.05
N LYS A 90 0.21 -0.13 8.39
CA LYS A 90 1.67 -0.21 8.32
C LYS A 90 2.12 -1.61 7.90
N ALA A 91 3.21 -1.67 7.15
CA ALA A 91 3.75 -2.94 6.69
C ALA A 91 5.20 -2.79 6.25
N SER A 92 5.90 -3.92 6.16
CA SER A 92 7.31 -3.92 5.75
C SER A 92 7.45 -4.37 4.31
N LEU A 93 8.18 -3.58 3.52
CA LEU A 93 8.40 -3.89 2.11
C LEU A 93 9.86 -4.21 1.85
N ILE A 94 10.16 -5.50 1.74
CA ILE A 94 11.53 -5.95 1.48
C ILE A 94 11.88 -5.85 -0.01
N VAL A 95 13.07 -5.35 -0.30
CA VAL A 95 13.51 -5.20 -1.68
C VAL A 95 14.95 -5.69 -1.84
N ARG A 96 15.11 -6.81 -2.54
CA ARG A 96 16.43 -7.38 -2.77
C ARG A 96 17.08 -6.77 -4.00
N GLU A 97 18.19 -6.06 -3.80
CA GLU A 97 18.89 -5.43 -4.90
C GLU A 97 19.78 -6.43 -5.64
N ARG A 98 19.61 -6.51 -6.95
CA ARG A 98 20.39 -7.43 -7.76
C ARG A 98 21.89 -7.24 -7.54
N SER A 99 22.33 -5.99 -7.61
CA SER A 99 23.75 -5.67 -7.41
C SER A 99 24.63 -6.69 -8.11
N GLY A 100 24.24 -7.08 -9.32
CA GLY A 100 25.01 -8.05 -10.08
C GLY A 100 25.67 -7.45 -11.29
N PRO A 101 26.25 -8.30 -12.15
CA PRO A 101 26.93 -7.85 -13.37
C PRO A 101 25.96 -7.33 -14.41
N SER A 102 24.67 -7.51 -14.16
CA SER A 102 23.63 -7.06 -15.08
C SER A 102 23.83 -7.66 -16.47
N SER A 103 24.17 -8.94 -16.50
CA SER A 103 24.39 -9.63 -17.77
C SER A 103 23.17 -10.45 -18.17
N GLY A 104 23.15 -10.90 -19.42
CA GLY A 104 22.03 -11.68 -19.90
C GLY A 104 21.69 -11.38 -21.35
N GLY A 1 -31.79 2.36 20.79
CA GLY A 1 -32.49 2.46 19.53
C GLY A 1 -31.70 3.27 18.50
N SER A 2 -30.81 2.58 17.77
CA SER A 2 -29.99 3.23 16.76
C SER A 2 -29.36 4.52 17.32
N SER A 3 -28.71 4.39 18.47
CA SER A 3 -28.05 5.53 19.11
C SER A 3 -26.58 5.23 19.37
N GLY A 4 -25.71 6.02 18.75
CA GLY A 4 -24.28 5.82 18.92
C GLY A 4 -23.73 4.70 18.07
N SER A 5 -22.42 4.67 17.89
CA SER A 5 -21.76 3.64 17.09
C SER A 5 -21.76 2.31 17.83
N SER A 6 -22.35 1.29 17.21
CA SER A 6 -22.41 -0.04 17.80
C SER A 6 -21.16 -0.85 17.47
N GLY A 7 -20.83 -0.89 16.19
CA GLY A 7 -19.66 -1.64 15.75
C GLY A 7 -18.52 -0.73 15.33
N HIS A 8 -17.44 -0.75 16.10
CA HIS A 8 -16.27 0.08 15.79
C HIS A 8 -15.58 -0.38 14.52
N VAL A 9 -15.37 0.54 13.58
CA VAL A 9 -14.73 0.21 12.32
C VAL A 9 -13.21 0.10 12.49
N GLY A 10 -12.62 -0.85 11.78
CA GLY A 10 -11.19 -1.05 11.87
C GLY A 10 -10.65 -1.92 10.76
N ILE A 11 -9.58 -1.46 10.10
CA ILE A 11 -8.98 -2.22 9.01
C ILE A 11 -8.88 -3.70 9.35
N THR A 12 -9.66 -4.51 8.65
CA THR A 12 -9.65 -5.96 8.88
C THR A 12 -8.55 -6.64 8.07
N LYS A 13 -8.10 -5.98 7.01
CA LYS A 13 -7.05 -6.51 6.17
C LYS A 13 -5.87 -5.54 6.06
N ARG A 14 -5.00 -5.58 7.06
CA ARG A 14 -3.83 -4.70 7.09
C ARG A 14 -2.80 -5.14 6.05
N LEU A 15 -2.01 -4.18 5.57
CA LEU A 15 -0.98 -4.47 4.57
C LEU A 15 -0.04 -5.56 5.06
N LYS A 16 0.26 -6.52 4.18
CA LYS A 16 1.15 -7.61 4.52
C LYS A 16 2.55 -7.38 3.94
N THR A 17 3.56 -7.88 4.64
CA THR A 17 4.94 -7.73 4.20
C THR A 17 5.15 -8.34 2.83
N MET A 18 5.64 -7.53 1.89
CA MET A 18 5.89 -8.00 0.53
C MET A 18 7.38 -8.23 0.29
N GLU A 19 7.69 -9.08 -0.67
CA GLU A 19 9.08 -9.39 -1.00
C GLU A 19 9.28 -9.52 -2.50
N VAL A 20 10.03 -8.59 -3.08
CA VAL A 20 10.29 -8.59 -4.51
C VAL A 20 11.76 -8.31 -4.80
N LEU A 21 12.14 -8.41 -6.08
CA LEU A 21 13.51 -8.17 -6.48
C LEU A 21 13.67 -6.76 -7.06
N GLU A 22 14.83 -6.16 -6.83
CA GLU A 22 15.11 -4.81 -7.33
C GLU A 22 14.65 -4.67 -8.78
N GLY A 23 13.88 -3.61 -9.05
CA GLY A 23 13.40 -3.38 -10.39
C GLY A 23 12.01 -3.96 -10.63
N GLU A 24 11.73 -5.06 -9.95
CA GLU A 24 10.43 -5.72 -10.08
C GLU A 24 9.29 -4.73 -9.87
N SER A 25 8.06 -5.18 -10.10
CA SER A 25 6.90 -4.33 -9.95
C SER A 25 5.71 -5.13 -9.42
N CYS A 26 5.38 -4.92 -8.15
CA CYS A 26 4.27 -5.63 -7.51
C CYS A 26 3.19 -4.64 -7.08
N SER A 27 2.16 -5.16 -6.43
CA SER A 27 1.05 -4.34 -5.96
C SER A 27 0.60 -4.76 -4.56
N PHE A 28 0.13 -3.79 -3.78
CA PHE A 28 -0.33 -4.07 -2.43
C PHE A 28 -1.86 -4.20 -2.39
N GLU A 29 -2.39 -4.50 -1.20
CA GLU A 29 -3.83 -4.66 -1.03
C GLU A 29 -4.25 -4.22 0.37
N CYS A 30 -5.34 -3.46 0.44
CA CYS A 30 -5.85 -2.97 1.71
C CYS A 30 -7.38 -2.91 1.70
N VAL A 31 -8.00 -3.81 2.45
CA VAL A 31 -9.46 -3.87 2.52
C VAL A 31 -9.96 -3.34 3.86
N LEU A 32 -10.98 -2.48 3.82
CA LEU A 32 -11.56 -1.91 5.03
C LEU A 32 -12.86 -2.60 5.39
N SER A 33 -13.10 -2.77 6.69
CA SER A 33 -14.31 -3.42 7.17
C SER A 33 -15.54 -2.85 6.48
N HIS A 34 -15.71 -1.54 6.57
CA HIS A 34 -16.86 -0.87 5.95
C HIS A 34 -16.56 -0.55 4.49
N GLU A 35 -17.33 -1.17 3.59
CA GLU A 35 -17.16 -0.95 2.16
C GLU A 35 -16.96 0.53 1.85
N SER A 36 -15.76 0.89 1.40
CA SER A 36 -15.45 2.27 1.07
C SER A 36 -15.53 2.51 -0.43
N ALA A 37 -16.56 3.22 -0.87
CA ALA A 37 -16.75 3.52 -2.28
C ALA A 37 -16.18 4.88 -2.63
N SER A 38 -16.51 5.90 -1.83
CA SER A 38 -16.03 7.25 -2.06
C SER A 38 -15.36 7.81 -0.81
N ASP A 39 -14.03 7.69 -0.76
CA ASP A 39 -13.26 8.19 0.37
C ASP A 39 -11.85 8.57 -0.06
N PRO A 40 -11.32 9.64 0.55
CA PRO A 40 -9.97 10.13 0.25
C PRO A 40 -8.88 9.19 0.75
N ALA A 41 -8.09 8.65 -0.16
CA ALA A 41 -7.02 7.74 0.19
C ALA A 41 -5.65 8.34 -0.13
N MET A 42 -4.71 8.19 0.80
CA MET A 42 -3.37 8.72 0.61
C MET A 42 -2.31 7.64 0.87
N TRP A 43 -1.69 7.17 -0.21
CA TRP A 43 -0.66 6.13 -0.10
C TRP A 43 0.72 6.76 0.03
N THR A 44 1.54 6.18 0.90
CA THR A 44 2.89 6.67 1.11
C THR A 44 3.90 5.53 1.18
N VAL A 45 4.79 5.47 0.20
CA VAL A 45 5.80 4.43 0.14
C VAL A 45 7.21 5.02 0.16
N GLY A 46 7.95 4.74 1.23
CA GLY A 46 9.30 5.24 1.35
C GLY A 46 9.36 6.52 2.16
N GLY A 47 8.27 7.28 2.16
CA GLY A 47 8.23 8.52 2.91
C GLY A 47 7.85 9.70 2.03
N LYS A 48 7.08 9.45 0.99
CA LYS A 48 6.64 10.49 0.07
C LYS A 48 5.18 10.31 -0.31
N THR A 49 4.61 11.32 -0.97
CA THR A 49 3.22 11.28 -1.40
C THR A 49 3.10 10.84 -2.85
N VAL A 50 2.64 9.61 -3.06
CA VAL A 50 2.49 9.07 -4.41
C VAL A 50 1.02 9.11 -4.83
N GLY A 51 0.78 8.81 -6.10
CA GLY A 51 -0.57 8.82 -6.63
C GLY A 51 -0.61 8.78 -8.14
N SER A 52 -0.01 9.76 -8.78
CA SER A 52 0.02 9.83 -10.23
C SER A 52 1.37 10.35 -10.74
N SER A 53 1.54 10.38 -12.05
CA SER A 53 2.77 10.85 -12.65
C SER A 53 3.99 10.30 -11.91
N SER A 54 3.99 8.99 -11.68
CA SER A 54 5.09 8.33 -10.97
C SER A 54 5.03 6.82 -11.14
N ARG A 55 5.93 6.12 -10.47
CA ARG A 55 5.98 4.67 -10.55
C ARG A 55 5.02 4.03 -9.54
N PHE A 56 3.88 4.66 -9.33
CA PHE A 56 2.88 4.16 -8.39
C PHE A 56 1.48 4.62 -8.79
N GLN A 57 0.62 3.66 -9.08
CA GLN A 57 -0.75 3.95 -9.47
C GLN A 57 -1.75 3.35 -8.47
N ALA A 58 -2.34 4.21 -7.66
CA ALA A 58 -3.31 3.77 -6.66
C ALA A 58 -4.68 3.54 -7.29
N THR A 59 -5.04 2.27 -7.45
CA THR A 59 -6.32 1.91 -8.05
C THR A 59 -7.33 1.53 -6.97
N ARG A 60 -8.54 2.06 -7.10
CA ARG A 60 -9.61 1.78 -6.14
C ARG A 60 -10.62 0.80 -6.72
N GLN A 61 -10.59 -0.44 -6.25
CA GLN A 61 -11.50 -1.46 -6.73
C GLN A 61 -12.55 -1.81 -5.66
N GLY A 62 -13.80 -1.45 -5.92
CA GLY A 62 -14.86 -1.73 -4.99
C GLY A 62 -14.49 -1.37 -3.56
N ARG A 63 -14.42 -2.38 -2.69
CA ARG A 63 -14.07 -2.15 -1.30
C ARG A 63 -12.63 -2.60 -1.02
N LYS A 64 -11.76 -2.42 -2.01
CA LYS A 64 -10.37 -2.80 -1.86
C LYS A 64 -9.46 -1.82 -2.61
N TYR A 65 -8.35 -1.44 -1.96
CA TYR A 65 -7.41 -0.51 -2.56
C TYR A 65 -6.13 -1.22 -2.98
N ILE A 66 -5.74 -1.04 -4.24
CA ILE A 66 -4.54 -1.67 -4.77
C ILE A 66 -3.51 -0.62 -5.19
N LEU A 67 -2.34 -0.66 -4.58
CA LEU A 67 -1.27 0.28 -4.89
C LEU A 67 -0.20 -0.38 -5.73
N VAL A 68 -0.36 -0.32 -7.06
CA VAL A 68 0.60 -0.91 -7.97
C VAL A 68 1.94 -0.18 -7.93
N VAL A 69 2.95 -0.84 -7.36
CA VAL A 69 4.27 -0.25 -7.24
C VAL A 69 5.18 -0.72 -8.38
N ARG A 70 5.31 0.10 -9.41
CA ARG A 70 6.15 -0.23 -10.56
C ARG A 70 7.62 0.08 -10.26
N GLU A 71 7.88 0.60 -9.07
CA GLU A 71 9.24 0.94 -8.67
C GLU A 71 9.62 0.21 -7.39
N ALA A 72 10.43 -0.83 -7.52
CA ALA A 72 10.87 -1.61 -6.37
C ALA A 72 12.39 -1.56 -6.21
N ALA A 73 12.88 -0.52 -5.53
CA ALA A 73 14.31 -0.36 -5.31
C ALA A 73 14.70 -0.77 -3.90
N PRO A 74 15.98 -1.13 -3.72
CA PRO A 74 16.50 -1.55 -2.41
C PRO A 74 16.60 -0.39 -1.43
N SER A 75 16.25 0.81 -1.89
CA SER A 75 16.30 2.00 -1.05
C SER A 75 14.91 2.36 -0.55
N ASP A 76 13.91 2.22 -1.42
CA ASP A 76 12.54 2.53 -1.06
C ASP A 76 12.04 1.61 0.04
N ALA A 77 12.51 0.37 0.03
CA ALA A 77 12.11 -0.62 1.03
C ALA A 77 12.35 -0.08 2.44
N GLY A 78 11.29 -0.02 3.23
CA GLY A 78 11.41 0.47 4.59
C GLY A 78 10.10 0.38 5.36
N GLU A 79 9.11 1.14 4.91
CA GLU A 79 7.80 1.16 5.56
C GLU A 79 6.73 1.73 4.64
N VAL A 80 5.55 1.14 4.66
CA VAL A 80 4.44 1.59 3.82
C VAL A 80 3.27 2.05 4.68
N VAL A 81 3.03 3.35 4.72
CA VAL A 81 1.94 3.92 5.49
C VAL A 81 0.74 4.25 4.59
N PHE A 82 -0.45 3.89 5.05
CA PHE A 82 -1.67 4.14 4.29
C PHE A 82 -2.77 4.67 5.20
N SER A 83 -3.16 5.93 4.98
CA SER A 83 -4.22 6.55 5.78
C SER A 83 -5.55 6.53 5.04
N VAL A 84 -6.61 6.21 5.77
CA VAL A 84 -7.95 6.16 5.19
C VAL A 84 -9.02 6.10 6.27
N ARG A 85 -9.97 7.01 6.20
CA ARG A 85 -11.06 7.06 7.18
C ARG A 85 -10.51 7.31 8.59
N GLY A 86 -9.36 7.97 8.66
CA GLY A 86 -8.75 8.25 9.95
C GLY A 86 -7.79 7.16 10.39
N LEU A 87 -8.05 5.94 9.95
CA LEU A 87 -7.20 4.80 10.31
C LEU A 87 -5.98 4.73 9.40
N THR A 88 -4.81 4.53 10.01
CA THR A 88 -3.56 4.44 9.26
C THR A 88 -2.92 3.06 9.41
N SER A 89 -2.38 2.54 8.32
CA SER A 89 -1.73 1.24 8.33
C SER A 89 -0.22 1.37 8.19
N LYS A 90 0.49 0.30 8.52
CA LYS A 90 1.94 0.30 8.44
C LYS A 90 2.47 -1.11 8.15
N ALA A 91 3.37 -1.23 7.19
CA ALA A 91 3.96 -2.51 6.83
C ALA A 91 5.44 -2.38 6.52
N SER A 92 6.09 -3.50 6.23
CA SER A 92 7.51 -3.51 5.93
C SER A 92 7.76 -4.08 4.53
N LEU A 93 8.40 -3.28 3.68
CA LEU A 93 8.69 -3.70 2.31
C LEU A 93 10.13 -4.22 2.20
N ILE A 94 10.31 -5.30 1.45
CA ILE A 94 11.63 -5.88 1.26
C ILE A 94 11.99 -5.94 -0.22
N VAL A 95 13.22 -5.52 -0.53
CA VAL A 95 13.70 -5.53 -1.90
C VAL A 95 15.15 -6.01 -1.98
N ARG A 96 15.35 -7.15 -2.63
CA ARG A 96 16.68 -7.71 -2.77
C ARG A 96 17.39 -7.15 -4.01
N GLU A 97 18.71 -7.08 -3.95
CA GLU A 97 19.50 -6.55 -5.05
C GLU A 97 19.95 -7.68 -5.98
N ARG A 98 19.74 -7.48 -7.28
CA ARG A 98 20.13 -8.48 -8.27
C ARG A 98 21.44 -8.10 -8.95
N SER A 99 22.07 -9.07 -9.59
CA SER A 99 23.33 -8.85 -10.28
C SER A 99 23.18 -9.04 -11.79
N GLY A 100 22.93 -7.95 -12.51
CA GLY A 100 22.77 -8.03 -13.94
C GLY A 100 21.39 -8.52 -14.34
N PRO A 101 20.93 -8.11 -15.53
CA PRO A 101 19.62 -8.50 -16.06
C PRO A 101 19.56 -9.98 -16.44
N SER A 102 19.15 -10.82 -15.49
CA SER A 102 19.06 -12.25 -15.73
C SER A 102 17.77 -12.81 -15.16
N SER A 103 17.52 -14.10 -15.41
CA SER A 103 16.30 -14.75 -14.93
C SER A 103 16.59 -16.20 -14.54
N GLY A 104 16.16 -16.59 -13.35
CA GLY A 104 16.37 -17.94 -12.88
C GLY A 104 15.23 -18.44 -12.01
N GLY A 1 -17.60 8.32 12.57
CA GLY A 1 -19.02 8.26 12.35
C GLY A 1 -19.82 8.89 13.47
N SER A 2 -19.74 10.20 13.59
CA SER A 2 -20.45 10.92 14.65
C SER A 2 -21.94 10.99 14.33
N SER A 3 -22.27 11.29 13.08
CA SER A 3 -23.66 11.40 12.66
C SER A 3 -24.16 10.07 12.11
N GLY A 4 -25.22 9.54 12.71
CA GLY A 4 -25.78 8.27 12.27
C GLY A 4 -25.81 7.24 13.38
N SER A 5 -24.65 6.84 13.85
CA SER A 5 -24.55 5.85 14.91
C SER A 5 -23.15 5.83 15.52
N SER A 6 -23.04 5.35 16.75
CA SER A 6 -21.76 5.28 17.45
C SER A 6 -21.17 3.88 17.36
N GLY A 7 -20.53 3.58 16.23
CA GLY A 7 -19.93 2.27 16.04
C GLY A 7 -18.43 2.34 15.82
N HIS A 8 -17.73 1.27 16.18
CA HIS A 8 -16.28 1.22 16.02
C HIS A 8 -15.89 0.44 14.76
N VAL A 9 -14.89 0.93 14.05
CA VAL A 9 -14.43 0.28 12.83
C VAL A 9 -12.93 0.41 12.67
N GLY A 10 -12.38 -0.23 11.64
CA GLY A 10 -10.95 -0.18 11.40
C GLY A 10 -10.53 -1.02 10.21
N ILE A 11 -9.29 -1.50 10.23
CA ILE A 11 -8.77 -2.32 9.15
C ILE A 11 -8.69 -3.79 9.57
N THR A 12 -9.31 -4.66 8.78
CA THR A 12 -9.30 -6.08 9.06
C THR A 12 -8.19 -6.79 8.30
N LYS A 13 -7.82 -6.25 7.14
CA LYS A 13 -6.78 -6.83 6.32
C LYS A 13 -5.57 -5.90 6.24
N ARG A 14 -4.81 -5.82 7.33
CA ARG A 14 -3.63 -4.98 7.38
C ARG A 14 -2.62 -5.37 6.31
N LEU A 15 -1.91 -4.38 5.79
CA LEU A 15 -0.90 -4.62 4.75
C LEU A 15 0.01 -5.78 5.15
N LYS A 16 0.28 -6.66 4.19
CA LYS A 16 1.16 -7.81 4.44
C LYS A 16 2.52 -7.60 3.81
N THR A 17 3.56 -8.02 4.52
CA THR A 17 4.94 -7.88 4.04
C THR A 17 5.13 -8.60 2.71
N MET A 18 5.81 -7.95 1.78
CA MET A 18 6.06 -8.53 0.46
C MET A 18 7.57 -8.59 0.18
N GLU A 19 7.97 -9.60 -0.58
CA GLU A 19 9.38 -9.78 -0.92
C GLU A 19 9.57 -9.79 -2.43
N VAL A 20 10.31 -8.80 -2.93
CA VAL A 20 10.58 -8.69 -4.36
C VAL A 20 12.05 -8.39 -4.62
N LEU A 21 12.38 -8.16 -5.90
CA LEU A 21 13.76 -7.88 -6.29
C LEU A 21 13.89 -6.42 -6.74
N GLU A 22 15.07 -5.84 -6.51
CA GLU A 22 15.33 -4.46 -6.90
C GLU A 22 14.95 -4.22 -8.35
N GLY A 23 14.11 -3.21 -8.59
CA GLY A 23 13.68 -2.90 -9.93
C GLY A 23 12.31 -3.46 -10.25
N GLU A 24 12.10 -4.73 -9.93
CA GLU A 24 10.81 -5.38 -10.18
C GLU A 24 9.66 -4.53 -9.65
N SER A 25 8.43 -5.00 -9.88
CA SER A 25 7.25 -4.28 -9.42
C SER A 25 6.43 -5.15 -8.48
N CYS A 26 5.83 -4.52 -7.46
CA CYS A 26 5.02 -5.23 -6.50
C CYS A 26 3.69 -4.51 -6.26
N SER A 27 2.62 -5.29 -6.10
CA SER A 27 1.30 -4.73 -5.88
C SER A 27 0.80 -5.04 -4.48
N PHE A 28 0.33 -4.01 -3.78
CA PHE A 28 -0.17 -4.18 -2.42
C PHE A 28 -1.70 -4.12 -2.40
N GLU A 29 -2.28 -4.54 -1.28
CA GLU A 29 -3.73 -4.55 -1.13
C GLU A 29 -4.13 -4.29 0.33
N CYS A 30 -5.14 -3.44 0.52
CA CYS A 30 -5.61 -3.11 1.86
C CYS A 30 -7.13 -3.05 1.89
N VAL A 31 -7.73 -4.02 2.60
CA VAL A 31 -9.18 -4.08 2.71
C VAL A 31 -9.65 -3.48 4.03
N LEU A 32 -10.56 -2.52 3.95
CA LEU A 32 -11.09 -1.86 5.15
C LEU A 32 -12.40 -2.53 5.59
N SER A 33 -12.56 -2.68 6.90
CA SER A 33 -13.76 -3.29 7.46
C SER A 33 -15.01 -2.75 6.79
N HIS A 34 -15.07 -1.42 6.67
CA HIS A 34 -16.22 -0.76 6.05
C HIS A 34 -15.90 -0.36 4.62
N GLU A 35 -16.89 0.20 3.93
CA GLU A 35 -16.72 0.64 2.54
C GLU A 35 -16.30 2.10 2.48
N SER A 36 -15.21 2.36 1.77
CA SER A 36 -14.70 3.73 1.63
C SER A 36 -14.99 4.28 0.24
N ALA A 37 -15.86 5.28 0.19
CA ALA A 37 -16.23 5.91 -1.09
C ALA A 37 -16.16 7.42 -0.99
N SER A 38 -16.87 7.98 -0.01
CA SER A 38 -16.89 9.42 0.20
C SER A 38 -15.75 9.88 1.09
N ASP A 39 -14.55 9.38 0.80
CA ASP A 39 -13.37 9.73 1.57
C ASP A 39 -12.10 9.58 0.74
N PRO A 40 -11.20 10.57 0.84
CA PRO A 40 -9.94 10.56 0.10
C PRO A 40 -8.97 9.51 0.62
N ALA A 41 -7.95 9.22 -0.18
CA ALA A 41 -6.94 8.23 0.20
C ALA A 41 -5.53 8.79 0.05
N MET A 42 -4.77 8.76 1.14
CA MET A 42 -3.40 9.26 1.13
C MET A 42 -2.39 8.11 1.23
N TRP A 43 -1.93 7.65 0.07
CA TRP A 43 -0.96 6.56 0.02
C TRP A 43 0.45 7.06 0.29
N THR A 44 1.13 6.42 1.23
CA THR A 44 2.49 6.81 1.59
C THR A 44 3.41 5.59 1.66
N VAL A 45 4.24 5.42 0.63
CA VAL A 45 5.16 4.29 0.57
C VAL A 45 6.61 4.77 0.74
N GLY A 46 7.21 4.39 1.87
CA GLY A 46 8.57 4.78 2.15
C GLY A 46 8.67 6.11 2.89
N GLY A 47 7.79 7.03 2.55
CA GLY A 47 7.79 8.33 3.20
C GLY A 47 7.58 9.47 2.22
N LYS A 48 6.70 9.26 1.25
CA LYS A 48 6.40 10.28 0.24
C LYS A 48 4.98 10.14 -0.28
N THR A 49 4.41 11.25 -0.72
CA THR A 49 3.04 11.25 -1.25
C THR A 49 3.00 10.69 -2.66
N VAL A 50 2.29 9.58 -2.83
CA VAL A 50 2.16 8.95 -4.14
C VAL A 50 0.72 8.99 -4.64
N GLY A 51 0.53 8.67 -5.91
CA GLY A 51 -0.80 8.67 -6.49
C GLY A 51 -0.78 8.81 -8.00
N SER A 52 0.19 9.58 -8.51
CA SER A 52 0.31 9.79 -9.95
C SER A 52 0.26 8.46 -10.70
N SER A 53 -0.33 8.49 -11.89
CA SER A 53 -0.45 7.29 -12.71
C SER A 53 0.80 7.08 -13.55
N SER A 54 1.95 7.44 -12.99
CA SER A 54 3.22 7.29 -13.70
C SER A 54 4.14 6.34 -12.93
N ARG A 55 4.03 6.34 -11.62
CA ARG A 55 4.86 5.48 -10.77
C ARG A 55 3.99 4.52 -9.95
N PHE A 56 2.90 5.05 -9.40
CA PHE A 56 1.99 4.25 -8.59
C PHE A 56 0.54 4.45 -9.03
N GLN A 57 -0.07 3.39 -9.55
CA GLN A 57 -1.45 3.45 -10.01
C GLN A 57 -2.42 3.15 -8.87
N ALA A 58 -2.71 4.15 -8.06
CA ALA A 58 -3.63 3.98 -6.94
C ALA A 58 -5.08 3.91 -7.41
N THR A 59 -5.66 2.71 -7.34
CA THR A 59 -7.04 2.51 -7.76
C THR A 59 -7.95 2.26 -6.57
N ARG A 60 -9.26 2.41 -6.78
CA ARG A 60 -10.23 2.19 -5.72
C ARG A 60 -11.28 1.17 -6.15
N GLN A 61 -11.24 0.00 -5.54
CA GLN A 61 -12.19 -1.07 -5.86
C GLN A 61 -13.06 -1.40 -4.65
N GLY A 62 -14.28 -0.87 -4.64
CA GLY A 62 -15.20 -1.12 -3.54
C GLY A 62 -14.53 -0.94 -2.18
N ARG A 63 -14.36 -2.05 -1.46
CA ARG A 63 -13.74 -2.00 -0.15
C ARG A 63 -12.31 -2.56 -0.20
N LYS A 64 -11.64 -2.35 -1.32
CA LYS A 64 -10.28 -2.84 -1.50
C LYS A 64 -9.46 -1.86 -2.34
N TYR A 65 -8.20 -1.66 -1.95
CA TYR A 65 -7.31 -0.75 -2.67
C TYR A 65 -6.15 -1.51 -3.30
N ILE A 66 -5.56 -0.91 -4.33
CA ILE A 66 -4.43 -1.53 -5.02
C ILE A 66 -3.42 -0.48 -5.45
N LEU A 67 -2.19 -0.63 -4.96
CA LEU A 67 -1.11 0.31 -5.29
C LEU A 67 -0.03 -0.39 -6.10
N VAL A 68 -0.13 -0.32 -7.42
CA VAL A 68 0.85 -0.94 -8.31
C VAL A 68 2.19 -0.23 -8.22
N VAL A 69 3.11 -0.79 -7.44
CA VAL A 69 4.43 -0.21 -7.28
C VAL A 69 5.34 -0.55 -8.45
N ARG A 70 5.41 0.36 -9.43
CA ARG A 70 6.24 0.14 -10.60
C ARG A 70 7.71 0.42 -10.30
N GLU A 71 7.99 0.81 -9.06
CA GLU A 71 9.35 1.12 -8.63
C GLU A 71 9.66 0.47 -7.29
N ALA A 72 10.51 -0.55 -7.31
CA ALA A 72 10.89 -1.24 -6.09
C ALA A 72 12.41 -1.19 -5.87
N ALA A 73 12.87 -0.07 -5.33
CA ALA A 73 14.30 0.11 -5.06
C ALA A 73 14.65 -0.31 -3.65
N PRO A 74 15.95 -0.57 -3.41
CA PRO A 74 16.45 -0.99 -2.10
C PRO A 74 16.38 0.13 -1.07
N SER A 75 15.86 1.28 -1.49
CA SER A 75 15.75 2.43 -0.60
C SER A 75 14.31 2.59 -0.10
N ASP A 76 13.35 2.27 -0.96
CA ASP A 76 11.94 2.37 -0.60
C ASP A 76 11.57 1.32 0.45
N ALA A 77 12.33 0.23 0.49
CA ALA A 77 12.08 -0.84 1.45
C ALA A 77 12.31 -0.35 2.88
N GLY A 78 11.24 -0.36 3.67
CA GLY A 78 11.35 0.08 5.05
C GLY A 78 10.05 -0.06 5.81
N GLU A 79 9.04 0.71 5.39
CA GLU A 79 7.74 0.67 6.04
C GLU A 79 6.69 1.41 5.22
N VAL A 80 5.77 0.66 4.63
CA VAL A 80 4.71 1.24 3.81
C VAL A 80 3.52 1.67 4.66
N VAL A 81 3.11 2.92 4.50
CA VAL A 81 1.98 3.46 5.25
C VAL A 81 0.85 3.89 4.32
N PHE A 82 -0.39 3.66 4.76
CA PHE A 82 -1.55 4.03 3.97
C PHE A 82 -2.62 4.68 4.84
N SER A 83 -2.85 5.97 4.61
CA SER A 83 -3.83 6.72 5.37
C SER A 83 -5.14 6.86 4.59
N VAL A 84 -6.24 6.48 5.22
CA VAL A 84 -7.55 6.56 4.59
C VAL A 84 -8.64 6.88 5.61
N ARG A 85 -9.50 7.82 5.27
CA ARG A 85 -10.59 8.22 6.15
C ARG A 85 -10.10 8.33 7.60
N GLY A 86 -8.85 8.75 7.76
CA GLY A 86 -8.28 8.89 9.09
C GLY A 86 -7.48 7.68 9.51
N LEU A 87 -7.91 6.51 9.07
CA LEU A 87 -7.23 5.26 9.41
C LEU A 87 -5.81 5.26 8.87
N THR A 88 -4.98 4.35 9.38
CA THR A 88 -3.59 4.24 8.95
C THR A 88 -3.08 2.81 9.08
N SER A 89 -2.43 2.33 8.02
CA SER A 89 -1.90 0.97 8.01
C SER A 89 -0.37 0.98 7.89
N LYS A 90 0.26 -0.12 8.29
CA LYS A 90 1.71 -0.23 8.22
C LYS A 90 2.12 -1.61 7.72
N ALA A 91 3.19 -1.66 6.94
CA ALA A 91 3.70 -2.91 6.40
C ALA A 91 5.19 -2.83 6.12
N SER A 92 5.85 -3.99 6.12
CA SER A 92 7.29 -4.05 5.87
C SER A 92 7.57 -4.54 4.45
N LEU A 93 8.25 -3.71 3.67
CA LEU A 93 8.59 -4.05 2.29
C LEU A 93 10.04 -4.49 2.18
N ILE A 94 10.28 -5.59 1.47
CA ILE A 94 11.62 -6.10 1.28
C ILE A 94 12.07 -5.97 -0.18
N VAL A 95 13.28 -5.46 -0.38
CA VAL A 95 13.83 -5.29 -1.72
C VAL A 95 15.31 -5.68 -1.77
N ARG A 96 15.59 -6.84 -2.36
CA ARG A 96 16.95 -7.32 -2.48
C ARG A 96 17.61 -6.81 -3.76
N GLU A 97 18.74 -6.14 -3.62
CA GLU A 97 19.46 -5.60 -4.76
C GLU A 97 19.70 -6.69 -5.81
N ARG A 98 19.94 -6.26 -7.04
CA ARG A 98 20.18 -7.20 -8.14
C ARG A 98 21.65 -7.20 -8.54
N SER A 99 22.07 -8.25 -9.24
CA SER A 99 23.45 -8.38 -9.67
C SER A 99 23.53 -9.07 -11.02
N GLY A 100 23.90 -8.31 -12.06
CA GLY A 100 24.01 -8.87 -13.40
C GLY A 100 24.95 -10.06 -13.45
N PRO A 101 25.27 -10.51 -14.67
CA PRO A 101 26.16 -11.65 -14.89
C PRO A 101 27.60 -11.34 -14.52
N SER A 102 28.14 -12.09 -13.56
CA SER A 102 29.51 -11.89 -13.10
C SER A 102 30.46 -11.76 -14.29
N SER A 103 30.31 -12.65 -15.27
CA SER A 103 31.15 -12.63 -16.45
C SER A 103 30.31 -12.63 -17.72
N GLY A 104 30.90 -12.16 -18.82
CA GLY A 104 30.19 -12.11 -20.08
C GLY A 104 30.94 -12.81 -21.20
N GLY A 1 -27.17 -9.46 23.35
CA GLY A 1 -26.32 -8.94 22.29
C GLY A 1 -25.55 -7.70 22.73
N SER A 2 -25.90 -6.56 22.14
CA SER A 2 -25.24 -5.30 22.47
C SER A 2 -26.26 -4.23 22.81
N SER A 3 -25.79 -3.17 23.46
CA SER A 3 -26.67 -2.07 23.85
C SER A 3 -26.25 -0.77 23.18
N GLY A 4 -24.95 -0.47 23.25
CA GLY A 4 -24.44 0.76 22.64
C GLY A 4 -24.02 0.55 21.20
N SER A 5 -24.87 0.99 20.27
CA SER A 5 -24.59 0.84 18.86
C SER A 5 -23.47 1.79 18.42
N SER A 6 -22.42 1.23 17.82
CA SER A 6 -21.29 2.03 17.37
C SER A 6 -21.45 2.41 15.91
N GLY A 7 -20.71 3.43 15.48
CA GLY A 7 -20.79 3.89 14.11
C GLY A 7 -19.43 4.24 13.53
N HIS A 8 -18.50 3.29 13.61
CA HIS A 8 -17.15 3.50 13.09
C HIS A 8 -16.62 2.22 12.45
N VAL A 9 -16.14 2.34 11.22
CA VAL A 9 -15.60 1.19 10.49
C VAL A 9 -14.09 1.10 10.67
N GLY A 10 -13.58 -0.13 10.76
CA GLY A 10 -12.16 -0.33 10.93
C GLY A 10 -11.58 -1.27 9.89
N ILE A 11 -10.25 -1.42 9.90
CA ILE A 11 -9.58 -2.29 8.95
C ILE A 11 -9.61 -3.75 9.42
N THR A 12 -10.11 -4.63 8.57
CA THR A 12 -10.19 -6.06 8.90
C THR A 12 -9.03 -6.83 8.28
N LYS A 13 -8.55 -6.34 7.15
CA LYS A 13 -7.43 -6.99 6.45
C LYS A 13 -6.22 -6.06 6.40
N ARG A 14 -5.52 -5.96 7.52
CA ARG A 14 -4.34 -5.10 7.60
C ARG A 14 -3.34 -5.45 6.49
N LEU A 15 -2.48 -4.49 6.15
CA LEU A 15 -1.49 -4.70 5.10
C LEU A 15 -0.59 -5.88 5.43
N LYS A 16 0.01 -6.46 4.39
CA LYS A 16 0.89 -7.60 4.56
C LYS A 16 2.28 -7.32 3.98
N THR A 17 3.32 -7.79 4.66
CA THR A 17 4.68 -7.58 4.20
C THR A 17 4.89 -8.15 2.81
N MET A 18 5.57 -7.39 1.96
CA MET A 18 5.85 -7.83 0.59
C MET A 18 7.34 -8.00 0.37
N GLU A 19 7.69 -8.91 -0.53
CA GLU A 19 9.10 -9.17 -0.84
C GLU A 19 9.28 -9.42 -2.34
N VAL A 20 9.89 -8.44 -3.01
CA VAL A 20 10.14 -8.54 -4.45
C VAL A 20 11.61 -8.30 -4.77
N LEU A 21 11.97 -8.55 -6.03
CA LEU A 21 13.35 -8.36 -6.47
C LEU A 21 13.48 -7.12 -7.34
N GLU A 22 14.43 -6.26 -7.01
CA GLU A 22 14.66 -5.03 -7.76
C GLU A 22 14.48 -5.28 -9.26
N GLY A 23 13.42 -4.70 -9.83
CA GLY A 23 13.15 -4.87 -11.25
C GLY A 23 11.73 -5.32 -11.52
N GLU A 24 11.18 -6.11 -10.60
CA GLU A 24 9.81 -6.60 -10.75
C GLU A 24 8.80 -5.52 -10.45
N SER A 25 7.52 -5.88 -10.47
CA SER A 25 6.45 -4.92 -10.20
C SER A 25 5.30 -5.60 -9.46
N CYS A 26 5.08 -5.18 -8.22
CA CYS A 26 4.02 -5.75 -7.41
C CYS A 26 2.99 -4.68 -7.04
N SER A 27 2.00 -5.06 -6.22
CA SER A 27 0.96 -4.14 -5.80
C SER A 27 0.34 -4.58 -4.48
N PHE A 28 0.31 -3.68 -3.51
CA PHE A 28 -0.25 -3.98 -2.20
C PHE A 28 -1.77 -4.07 -2.27
N GLU A 29 -2.37 -4.63 -1.23
CA GLU A 29 -3.83 -4.78 -1.17
C GLU A 29 -4.33 -4.62 0.26
N CYS A 30 -5.25 -3.70 0.46
CA CYS A 30 -5.82 -3.45 1.78
C CYS A 30 -7.34 -3.36 1.71
N VAL A 31 -8.02 -4.12 2.58
CA VAL A 31 -9.48 -4.11 2.61
C VAL A 31 -9.99 -3.54 3.93
N LEU A 32 -11.25 -3.11 3.93
CA LEU A 32 -11.87 -2.55 5.13
C LEU A 32 -13.06 -3.39 5.57
N SER A 33 -13.52 -3.15 6.80
CA SER A 33 -14.66 -3.89 7.34
C SER A 33 -15.95 -3.46 6.64
N HIS A 34 -16.01 -2.20 6.24
CA HIS A 34 -17.19 -1.68 5.56
C HIS A 34 -16.79 -0.80 4.37
N GLU A 35 -17.65 -0.77 3.35
CA GLU A 35 -17.38 0.02 2.16
C GLU A 35 -17.36 1.51 2.49
N SER A 36 -16.23 1.99 2.98
CA SER A 36 -16.07 3.40 3.34
C SER A 36 -16.65 4.29 2.26
N ALA A 37 -16.99 5.52 2.64
CA ALA A 37 -17.55 6.48 1.70
C ALA A 37 -16.52 6.89 0.65
N SER A 38 -16.99 7.60 -0.38
CA SER A 38 -16.11 8.05 -1.45
C SER A 38 -15.14 9.11 -0.94
N ASP A 39 -13.96 8.67 -0.51
CA ASP A 39 -12.95 9.58 0.00
C ASP A 39 -11.57 9.25 -0.59
N PRO A 40 -10.69 10.26 -0.63
CA PRO A 40 -9.33 10.10 -1.18
C PRO A 40 -8.45 9.24 -0.28
N ALA A 41 -7.77 8.27 -0.90
CA ALA A 41 -6.89 7.37 -0.16
C ALA A 41 -5.46 7.91 -0.14
N MET A 42 -4.83 7.87 1.03
CA MET A 42 -3.46 8.34 1.18
C MET A 42 -2.48 7.18 1.19
N TRP A 43 -1.69 7.06 0.13
CA TRP A 43 -0.71 6.00 0.01
C TRP A 43 0.71 6.55 0.05
N THR A 44 1.40 6.32 1.16
CA THR A 44 2.78 6.81 1.31
C THR A 44 3.74 5.65 1.55
N VAL A 45 4.54 5.35 0.54
CA VAL A 45 5.52 4.27 0.65
C VAL A 45 6.93 4.80 0.88
N GLY A 46 7.30 4.90 2.15
CA GLY A 46 8.62 5.41 2.50
C GLY A 46 9.13 6.43 1.49
N GLY A 47 8.70 7.68 1.67
CA GLY A 47 9.13 8.74 0.77
C GLY A 47 8.17 9.91 0.76
N LYS A 48 6.94 9.67 0.35
CA LYS A 48 5.92 10.71 0.30
C LYS A 48 4.56 10.14 -0.09
N THR A 49 3.59 11.02 -0.26
CA THR A 49 2.24 10.59 -0.65
C THR A 49 2.14 10.33 -2.15
N VAL A 50 2.33 9.07 -2.53
CA VAL A 50 2.27 8.70 -3.94
C VAL A 50 0.82 8.65 -4.43
N GLY A 51 0.64 8.80 -5.74
CA GLY A 51 -0.69 8.76 -6.31
C GLY A 51 -0.70 9.13 -7.78
N SER A 52 -0.41 10.39 -8.08
CA SER A 52 -0.38 10.86 -9.46
C SER A 52 0.97 10.57 -10.11
N SER A 53 1.66 9.55 -9.60
CA SER A 53 2.96 9.18 -10.14
C SER A 53 2.85 7.99 -11.09
N SER A 54 3.48 8.10 -12.25
CA SER A 54 3.44 7.03 -13.24
C SER A 54 3.78 5.69 -12.61
N ARG A 55 4.88 5.65 -11.86
CA ARG A 55 5.30 4.41 -11.20
C ARG A 55 4.28 3.98 -10.14
N PHE A 56 4.18 4.75 -9.06
CA PHE A 56 3.25 4.45 -7.98
C PHE A 56 1.83 4.86 -8.36
N GLN A 57 1.00 3.86 -8.68
CA GLN A 57 -0.39 4.13 -9.05
C GLN A 57 -1.35 3.43 -8.11
N ALA A 58 -2.13 4.22 -7.37
CA ALA A 58 -3.10 3.67 -6.43
C ALA A 58 -4.44 3.43 -7.10
N THR A 59 -4.79 2.16 -7.28
CA THR A 59 -6.05 1.79 -7.91
C THR A 59 -7.14 1.56 -6.88
N ARG A 60 -8.40 1.59 -7.33
CA ARG A 60 -9.53 1.39 -6.43
C ARG A 60 -10.43 0.27 -6.94
N GLN A 61 -10.74 -0.67 -6.07
CA GLN A 61 -11.60 -1.80 -6.43
C GLN A 61 -12.72 -1.99 -5.42
N GLY A 62 -13.89 -1.43 -5.72
CA GLY A 62 -15.02 -1.54 -4.82
C GLY A 62 -14.72 -1.00 -3.45
N ARG A 63 -14.34 -1.90 -2.54
CA ARG A 63 -14.03 -1.50 -1.17
C ARG A 63 -12.61 -1.92 -0.78
N LYS A 64 -11.78 -2.14 -1.80
CA LYS A 64 -10.40 -2.56 -1.57
C LYS A 64 -9.43 -1.65 -2.32
N TYR A 65 -8.39 -1.21 -1.63
CA TYR A 65 -7.38 -0.33 -2.24
C TYR A 65 -6.12 -1.11 -2.60
N ILE A 66 -5.51 -0.73 -3.71
CA ILE A 66 -4.30 -1.39 -4.17
C ILE A 66 -3.28 -0.37 -4.68
N LEU A 67 -2.04 -0.49 -4.20
CA LEU A 67 -0.97 0.41 -4.61
C LEU A 67 0.03 -0.30 -5.51
N VAL A 68 0.02 0.06 -6.79
CA VAL A 68 0.92 -0.54 -7.76
C VAL A 68 2.32 0.06 -7.66
N VAL A 69 3.34 -0.79 -7.68
CA VAL A 69 4.72 -0.33 -7.59
C VAL A 69 5.53 -0.83 -8.78
N ARG A 70 5.94 0.10 -9.64
CA ARG A 70 6.73 -0.24 -10.82
C ARG A 70 8.20 0.11 -10.60
N GLU A 71 9.08 -0.60 -11.32
CA GLU A 71 10.52 -0.36 -11.20
C GLU A 71 10.93 -0.20 -9.74
N ALA A 72 10.51 -1.15 -8.90
CA ALA A 72 10.83 -1.11 -7.48
C ALA A 72 12.33 -0.92 -7.26
N ALA A 73 12.69 -0.27 -6.15
CA ALA A 73 14.09 -0.03 -5.83
C ALA A 73 14.44 -0.61 -4.47
N PRO A 74 15.75 -0.79 -4.22
CA PRO A 74 16.25 -1.33 -2.96
C PRO A 74 16.08 -0.36 -1.79
N SER A 75 16.35 0.91 -2.06
CA SER A 75 16.23 1.95 -1.04
C SER A 75 14.77 2.13 -0.63
N ASP A 76 13.90 2.32 -1.62
CA ASP A 76 12.48 2.51 -1.36
C ASP A 76 12.00 1.59 -0.25
N ALA A 77 12.42 0.33 -0.30
CA ALA A 77 12.03 -0.65 0.71
C ALA A 77 12.32 -0.14 2.11
N GLY A 78 11.27 -0.04 2.92
CA GLY A 78 11.42 0.45 4.28
C GLY A 78 10.13 0.37 5.08
N GLU A 79 9.13 1.15 4.66
CA GLU A 79 7.84 1.16 5.35
C GLU A 79 6.75 1.69 4.43
N VAL A 80 5.58 1.06 4.48
CA VAL A 80 4.45 1.47 3.66
C VAL A 80 3.24 1.83 4.51
N VAL A 81 3.01 3.12 4.70
CA VAL A 81 1.89 3.60 5.49
C VAL A 81 0.73 4.02 4.61
N PHE A 82 -0.45 3.50 4.90
CA PHE A 82 -1.65 3.83 4.13
C PHE A 82 -2.72 4.47 5.02
N SER A 83 -3.01 5.75 4.77
CA SER A 83 -4.00 6.47 5.55
C SER A 83 -5.22 6.79 4.70
N VAL A 84 -6.40 6.45 5.22
CA VAL A 84 -7.65 6.70 4.51
C VAL A 84 -8.72 7.23 5.45
N ARG A 85 -9.43 8.27 5.01
CA ARG A 85 -10.48 8.87 5.82
C ARG A 85 -10.13 8.81 7.31
N GLY A 86 -8.85 8.94 7.62
CA GLY A 86 -8.41 8.88 9.01
C GLY A 86 -7.58 7.65 9.30
N LEU A 87 -8.15 6.48 9.06
CA LEU A 87 -7.45 5.22 9.31
C LEU A 87 -6.00 5.31 8.88
N THR A 88 -5.18 4.40 9.37
CA THR A 88 -3.76 4.38 9.03
C THR A 88 -3.14 3.02 9.34
N SER A 89 -2.53 2.40 8.34
CA SER A 89 -1.90 1.09 8.50
C SER A 89 -0.40 1.18 8.24
N LYS A 90 0.32 0.12 8.60
CA LYS A 90 1.76 0.07 8.40
C LYS A 90 2.18 -1.28 7.84
N ALA A 91 3.31 -1.29 7.13
CA ALA A 91 3.82 -2.53 6.53
C ALA A 91 5.31 -2.40 6.24
N SER A 92 5.93 -3.52 5.87
CA SER A 92 7.35 -3.54 5.56
C SER A 92 7.59 -4.04 4.13
N LEU A 93 8.25 -3.21 3.33
CA LEU A 93 8.55 -3.57 1.95
C LEU A 93 10.00 -3.98 1.79
N ILE A 94 10.22 -5.13 1.16
CA ILE A 94 11.58 -5.63 0.94
C ILE A 94 11.91 -5.69 -0.55
N VAL A 95 13.13 -5.29 -0.89
CA VAL A 95 13.57 -5.29 -2.28
C VAL A 95 15.01 -5.77 -2.39
N ARG A 96 15.18 -6.97 -2.95
CA ARG A 96 16.52 -7.54 -3.12
C ARG A 96 17.14 -7.11 -4.44
N GLU A 97 18.33 -6.54 -4.38
CA GLU A 97 19.02 -6.08 -5.58
C GLU A 97 19.13 -7.21 -6.61
N ARG A 98 19.25 -6.84 -7.87
CA ARG A 98 19.36 -7.81 -8.95
C ARG A 98 20.80 -8.28 -9.12
N SER A 99 21.00 -9.59 -9.07
CA SER A 99 22.34 -10.17 -9.21
C SER A 99 22.95 -9.79 -10.56
N GLY A 100 24.23 -9.44 -10.55
CA GLY A 100 24.92 -9.07 -11.77
C GLY A 100 26.08 -8.13 -11.52
N PRO A 101 27.25 -8.71 -11.22
CA PRO A 101 28.47 -7.93 -10.96
C PRO A 101 29.01 -7.26 -12.20
N SER A 102 30.03 -6.41 -12.02
CA SER A 102 30.64 -5.70 -13.14
C SER A 102 32.05 -6.19 -13.40
N SER A 103 32.83 -6.29 -12.33
CA SER A 103 34.22 -6.75 -12.43
C SER A 103 34.54 -7.75 -11.33
N GLY A 104 35.75 -8.32 -11.39
CA GLY A 104 36.16 -9.29 -10.40
C GLY A 104 35.99 -10.71 -10.89
N GLY A 1 -14.54 21.72 16.02
CA GLY A 1 -14.48 20.32 16.38
C GLY A 1 -14.10 19.43 15.22
N SER A 2 -13.50 18.28 15.52
CA SER A 2 -13.08 17.35 14.48
C SER A 2 -14.23 16.42 14.09
N SER A 3 -14.00 15.59 13.07
CA SER A 3 -15.00 14.65 12.60
C SER A 3 -15.15 13.47 13.55
N GLY A 4 -16.38 13.05 13.77
CA GLY A 4 -16.64 11.93 14.65
C GLY A 4 -17.91 11.19 14.31
N SER A 5 -17.80 9.87 14.17
CA SER A 5 -18.96 9.05 13.84
C SER A 5 -19.05 7.84 14.76
N SER A 6 -20.26 7.31 14.91
CA SER A 6 -20.50 6.17 15.78
C SER A 6 -20.16 4.86 15.05
N GLY A 7 -20.13 3.76 15.81
CA GLY A 7 -19.82 2.47 15.23
C GLY A 7 -18.34 2.15 15.27
N HIS A 8 -18.02 0.86 15.22
CA HIS A 8 -16.63 0.42 15.26
C HIS A 8 -16.17 -0.06 13.89
N VAL A 9 -15.49 0.81 13.15
CA VAL A 9 -15.01 0.48 11.82
C VAL A 9 -13.49 0.56 11.75
N GLY A 10 -12.84 -0.61 11.64
CA GLY A 10 -11.39 -0.66 11.58
C GLY A 10 -10.90 -1.45 10.39
N ILE A 11 -9.58 -1.61 10.30
CA ILE A 11 -8.98 -2.36 9.20
C ILE A 11 -8.89 -3.85 9.52
N THR A 12 -9.61 -4.66 8.75
CA THR A 12 -9.62 -6.10 8.96
C THR A 12 -8.54 -6.77 8.13
N LYS A 13 -8.13 -6.12 7.05
CA LYS A 13 -7.10 -6.66 6.17
C LYS A 13 -5.84 -5.80 6.23
N ARG A 14 -5.05 -5.97 7.29
CA ARG A 14 -3.82 -5.20 7.46
C ARG A 14 -2.86 -5.47 6.31
N LEU A 15 -2.03 -4.47 6.00
CA LEU A 15 -1.06 -4.60 4.91
C LEU A 15 -0.13 -5.79 5.15
N LYS A 16 0.14 -6.53 4.09
CA LYS A 16 1.03 -7.69 4.18
C LYS A 16 2.41 -7.38 3.62
N THR A 17 3.43 -7.89 4.27
CA THR A 17 4.81 -7.66 3.85
C THR A 17 5.03 -8.15 2.41
N MET A 18 5.34 -7.22 1.52
CA MET A 18 5.58 -7.57 0.12
C MET A 18 7.06 -7.85 -0.13
N GLU A 19 7.32 -8.92 -0.87
CA GLU A 19 8.70 -9.31 -1.17
C GLU A 19 8.88 -9.53 -2.67
N VAL A 20 9.71 -8.70 -3.29
CA VAL A 20 9.97 -8.80 -4.73
C VAL A 20 11.44 -8.56 -5.03
N LEU A 21 11.85 -8.87 -6.25
CA LEU A 21 13.23 -8.70 -6.67
C LEU A 21 13.44 -7.33 -7.30
N GLU A 22 14.56 -6.70 -7.00
CA GLU A 22 14.89 -5.38 -7.54
C GLU A 22 14.51 -5.30 -9.02
N GLY A 23 13.65 -4.33 -9.34
CA GLY A 23 13.23 -4.16 -10.72
C GLY A 23 11.78 -4.57 -10.94
N GLU A 24 11.41 -5.70 -10.36
CA GLU A 24 10.04 -6.21 -10.49
C GLU A 24 9.04 -5.22 -9.91
N SER A 25 7.75 -5.54 -10.04
CA SER A 25 6.69 -4.67 -9.54
C SER A 25 5.82 -5.43 -8.53
N CYS A 26 5.41 -4.73 -7.48
CA CYS A 26 4.58 -5.32 -6.45
C CYS A 26 3.25 -4.58 -6.32
N SER A 27 2.34 -5.13 -5.52
CA SER A 27 1.03 -4.51 -5.31
C SER A 27 0.55 -4.72 -3.88
N PHE A 28 0.38 -3.61 -3.16
CA PHE A 28 -0.07 -3.67 -1.77
C PHE A 28 -1.59 -3.58 -1.70
N GLU A 29 -2.22 -4.65 -1.20
CA GLU A 29 -3.67 -4.68 -1.07
C GLU A 29 -4.11 -4.32 0.35
N CYS A 30 -5.11 -3.46 0.45
CA CYS A 30 -5.62 -3.03 1.75
C CYS A 30 -7.15 -2.99 1.74
N VAL A 31 -7.75 -3.84 2.55
CA VAL A 31 -9.21 -3.90 2.65
C VAL A 31 -9.70 -3.42 4.01
N LEU A 32 -10.87 -2.79 4.03
CA LEU A 32 -11.44 -2.27 5.27
C LEU A 32 -12.54 -3.22 5.79
N SER A 33 -13.03 -2.92 6.98
CA SER A 33 -14.08 -3.73 7.59
C SER A 33 -15.45 -3.37 7.04
N HIS A 34 -15.74 -2.07 6.99
CA HIS A 34 -17.02 -1.58 6.47
C HIS A 34 -16.91 -1.25 4.99
N GLU A 35 -18.04 -1.31 4.30
CA GLU A 35 -18.08 -1.02 2.87
C GLU A 35 -17.65 0.43 2.60
N SER A 36 -16.55 0.60 1.88
CA SER A 36 -16.04 1.92 1.56
C SER A 36 -16.45 2.34 0.15
N ALA A 37 -17.50 3.15 0.07
CA ALA A 37 -18.00 3.63 -1.22
C ALA A 37 -17.56 5.06 -1.48
N SER A 38 -17.90 5.95 -0.55
CA SER A 38 -17.54 7.36 -0.67
C SER A 38 -16.63 7.80 0.46
N ASP A 39 -15.33 7.69 0.25
CA ASP A 39 -14.35 8.07 1.26
C ASP A 39 -12.99 8.33 0.63
N PRO A 40 -12.32 9.40 1.07
CA PRO A 40 -10.99 9.78 0.57
C PRO A 40 -9.91 8.80 0.99
N ALA A 41 -8.75 8.89 0.34
CA ALA A 41 -7.64 8.00 0.66
C ALA A 41 -6.30 8.66 0.30
N MET A 42 -5.27 8.38 1.10
CA MET A 42 -3.95 8.94 0.86
C MET A 42 -2.86 7.90 1.10
N TRP A 43 -2.14 7.54 0.06
CA TRP A 43 -1.08 6.54 0.16
C TRP A 43 0.27 7.23 0.40
N THR A 44 1.10 6.59 1.23
CA THR A 44 2.41 7.14 1.54
C THR A 44 3.46 6.03 1.61
N VAL A 45 4.43 6.09 0.70
CA VAL A 45 5.49 5.09 0.66
C VAL A 45 6.87 5.75 0.62
N GLY A 46 7.56 5.73 1.76
CA GLY A 46 8.88 6.33 1.83
C GLY A 46 8.82 7.81 2.17
N GLY A 47 7.85 8.19 3.00
CA GLY A 47 7.71 9.57 3.39
C GLY A 47 7.55 10.50 2.20
N LYS A 48 6.55 10.22 1.37
CA LYS A 48 6.28 11.02 0.18
C LYS A 48 4.93 10.68 -0.42
N THR A 49 4.14 11.71 -0.70
CA THR A 49 2.81 11.52 -1.28
C THR A 49 2.91 10.85 -2.65
N VAL A 50 1.97 9.94 -2.92
CA VAL A 50 1.94 9.23 -4.20
C VAL A 50 0.53 9.09 -4.72
N GLY A 51 0.40 8.64 -5.96
CA GLY A 51 -0.92 8.48 -6.56
C GLY A 51 -1.07 9.24 -7.87
N SER A 52 -0.76 10.54 -7.82
CA SER A 52 -0.86 11.38 -9.00
C SER A 52 0.50 11.52 -9.69
N SER A 53 0.51 11.33 -11.00
CA SER A 53 1.74 11.44 -11.78
C SER A 53 2.90 10.78 -11.05
N SER A 54 2.66 9.58 -10.52
CA SER A 54 3.68 8.84 -9.79
C SER A 54 3.66 7.37 -10.17
N ARG A 55 4.85 6.76 -10.21
CA ARG A 55 4.98 5.35 -10.57
C ARG A 55 3.97 4.51 -9.80
N PHE A 56 3.67 4.92 -8.57
CA PHE A 56 2.72 4.19 -7.74
C PHE A 56 1.29 4.46 -8.19
N GLN A 57 0.72 3.51 -8.91
CA GLN A 57 -0.64 3.64 -9.41
C GLN A 57 -1.63 2.96 -8.47
N ALA A 58 -2.30 3.76 -7.64
CA ALA A 58 -3.28 3.24 -6.69
C ALA A 58 -4.65 3.10 -7.33
N THR A 59 -4.96 1.90 -7.81
CA THR A 59 -6.24 1.63 -8.45
C THR A 59 -7.34 1.45 -7.42
N ARG A 60 -8.54 1.90 -7.75
CA ARG A 60 -9.68 1.79 -6.85
C ARG A 60 -10.58 0.62 -7.25
N GLN A 61 -10.63 -0.41 -6.41
CA GLN A 61 -11.45 -1.59 -6.69
C GLN A 61 -12.46 -1.81 -5.57
N GLY A 62 -13.68 -1.34 -5.77
CA GLY A 62 -14.72 -1.51 -4.78
C GLY A 62 -14.22 -1.23 -3.37
N ARG A 63 -14.45 -2.18 -2.47
CA ARG A 63 -14.02 -2.03 -1.08
C ARG A 63 -12.60 -2.59 -0.89
N LYS A 64 -11.73 -2.33 -1.86
CA LYS A 64 -10.36 -2.79 -1.79
C LYS A 64 -9.41 -1.81 -2.47
N TYR A 65 -8.20 -1.70 -1.96
CA TYR A 65 -7.20 -0.79 -2.51
C TYR A 65 -6.01 -1.56 -3.07
N ILE A 66 -5.42 -1.04 -4.13
CA ILE A 66 -4.28 -1.68 -4.77
C ILE A 66 -3.27 -0.63 -5.25
N LEU A 67 -2.07 -0.68 -4.67
CA LEU A 67 -1.01 0.27 -5.04
C LEU A 67 0.02 -0.41 -5.93
N VAL A 68 -0.09 -0.20 -7.24
CA VAL A 68 0.84 -0.78 -8.20
C VAL A 68 2.19 -0.07 -8.16
N VAL A 69 3.17 -0.70 -7.53
CA VAL A 69 4.51 -0.13 -7.42
C VAL A 69 5.33 -0.42 -8.67
N ARG A 70 5.39 0.57 -9.56
CA ARG A 70 6.15 0.43 -10.80
C ARG A 70 7.63 0.75 -10.58
N GLU A 71 8.11 0.47 -9.38
CA GLU A 71 9.51 0.72 -9.04
C GLU A 71 9.87 0.07 -7.70
N ALA A 72 10.63 -1.02 -7.77
CA ALA A 72 11.05 -1.73 -6.58
C ALA A 72 12.57 -1.76 -6.46
N ALA A 73 13.14 -0.69 -5.92
CA ALA A 73 14.59 -0.59 -5.76
C ALA A 73 15.00 -0.92 -4.32
N PRO A 74 16.30 -1.17 -4.12
CA PRO A 74 16.84 -1.49 -2.81
C PRO A 74 16.82 -0.31 -1.86
N SER A 75 16.32 0.83 -2.33
CA SER A 75 16.25 2.04 -1.53
C SER A 75 14.84 2.24 -0.98
N ASP A 76 13.87 2.35 -1.87
CA ASP A 76 12.48 2.54 -1.48
C ASP A 76 12.16 1.71 -0.24
N ALA A 77 12.66 0.48 -0.19
CA ALA A 77 12.43 -0.39 0.94
C ALA A 77 12.61 0.34 2.26
N GLY A 78 11.56 0.38 3.07
CA GLY A 78 11.63 1.05 4.36
C GLY A 78 10.38 0.84 5.19
N GLU A 79 9.28 1.44 4.77
CA GLU A 79 8.01 1.32 5.48
C GLU A 79 6.87 1.92 4.68
N VAL A 80 5.81 1.14 4.49
CA VAL A 80 4.65 1.59 3.74
C VAL A 80 3.51 1.98 4.66
N VAL A 81 3.07 3.23 4.57
CA VAL A 81 1.98 3.72 5.40
C VAL A 81 0.78 4.13 4.55
N PHE A 82 -0.41 3.74 5.00
CA PHE A 82 -1.64 4.07 4.28
C PHE A 82 -2.70 4.60 5.24
N SER A 83 -3.05 5.87 5.08
CA SER A 83 -4.05 6.50 5.93
C SER A 83 -5.35 6.72 5.16
N VAL A 84 -6.47 6.35 5.79
CA VAL A 84 -7.78 6.50 5.17
C VAL A 84 -8.82 6.98 6.18
N ARG A 85 -9.52 8.05 5.84
CA ARG A 85 -10.54 8.60 6.73
C ARG A 85 -10.08 8.59 8.17
N GLY A 86 -8.77 8.77 8.37
CA GLY A 86 -8.23 8.77 9.72
C GLY A 86 -7.39 7.54 10.00
N LEU A 87 -7.97 6.37 9.75
CA LEU A 87 -7.28 5.11 9.98
C LEU A 87 -5.88 5.14 9.37
N THR A 88 -5.05 4.17 9.75
CA THR A 88 -3.68 4.08 9.24
C THR A 88 -3.16 2.65 9.30
N SER A 89 -2.36 2.27 8.32
CA SER A 89 -1.79 0.92 8.27
C SER A 89 -0.30 0.97 7.97
N LYS A 90 0.47 0.15 8.66
CA LYS A 90 1.92 0.09 8.46
C LYS A 90 2.34 -1.27 7.95
N ALA A 91 3.47 -1.31 7.22
CA ALA A 91 3.98 -2.55 6.68
C ALA A 91 5.46 -2.42 6.29
N SER A 92 6.05 -3.52 5.83
CA SER A 92 7.45 -3.51 5.44
C SER A 92 7.62 -4.05 4.03
N LEU A 93 8.51 -3.42 3.27
CA LEU A 93 8.77 -3.84 1.89
C LEU A 93 10.20 -4.33 1.73
N ILE A 94 10.36 -5.59 1.34
CA ILE A 94 11.68 -6.18 1.14
C ILE A 94 12.08 -6.15 -0.33
N VAL A 95 13.24 -5.57 -0.61
CA VAL A 95 13.74 -5.48 -1.96
C VAL A 95 15.18 -5.99 -2.06
N ARG A 96 15.36 -7.12 -2.72
CA ARG A 96 16.68 -7.71 -2.88
C ARG A 96 17.31 -7.29 -4.21
N GLU A 97 18.58 -6.89 -4.16
CA GLU A 97 19.29 -6.46 -5.34
C GLU A 97 19.39 -7.59 -6.36
N ARG A 98 19.28 -7.25 -7.64
CA ARG A 98 19.36 -8.25 -8.71
C ARG A 98 20.71 -8.20 -9.40
N SER A 99 21.75 -7.88 -8.64
CA SER A 99 23.11 -7.80 -9.18
C SER A 99 24.00 -8.86 -8.57
N GLY A 100 25.13 -9.14 -9.22
CA GLY A 100 26.05 -10.14 -8.72
C GLY A 100 25.97 -11.44 -9.50
N PRO A 101 26.68 -12.47 -9.01
CA PRO A 101 26.71 -13.79 -9.66
C PRO A 101 25.38 -14.52 -9.52
N SER A 102 25.26 -15.66 -10.18
CA SER A 102 24.05 -16.46 -10.14
C SER A 102 24.21 -17.66 -9.22
N SER A 103 25.31 -18.38 -9.40
CA SER A 103 25.59 -19.56 -8.59
C SER A 103 25.91 -19.18 -7.16
N GLY A 104 26.87 -18.26 -7.00
CA GLY A 104 27.26 -17.81 -5.68
C GLY A 104 28.76 -17.87 -5.47
N GLY A 1 -1.16 17.37 8.03
CA GLY A 1 -0.94 17.26 9.46
C GLY A 1 -2.17 17.61 10.27
N SER A 2 -3.14 16.72 10.26
CA SER A 2 -4.39 16.93 10.99
C SER A 2 -4.43 16.08 12.26
N SER A 3 -4.30 16.72 13.41
CA SER A 3 -4.32 16.01 14.69
C SER A 3 -5.67 15.35 14.92
N GLY A 4 -5.76 14.06 14.62
CA GLY A 4 -7.00 13.34 14.80
C GLY A 4 -7.96 13.51 13.64
N SER A 5 -8.61 12.42 13.24
CA SER A 5 -9.54 12.45 12.13
C SER A 5 -10.65 11.43 12.31
N SER A 6 -11.89 11.90 12.34
CA SER A 6 -13.04 11.02 12.53
C SER A 6 -13.54 10.50 11.18
N GLY A 7 -14.07 9.27 11.20
CA GLY A 7 -14.58 8.68 9.97
C GLY A 7 -13.88 7.38 9.63
N HIS A 8 -14.39 6.27 10.15
CA HIS A 8 -13.80 4.96 9.91
C HIS A 8 -14.64 3.85 10.53
N VAL A 9 -14.35 2.61 10.17
CA VAL A 9 -15.08 1.47 10.70
C VAL A 9 -14.13 0.37 11.15
N GLY A 10 -12.84 0.68 11.17
CA GLY A 10 -11.85 -0.30 11.59
C GLY A 10 -11.15 -0.95 10.42
N ILE A 11 -10.01 -1.58 10.68
CA ILE A 11 -9.24 -2.25 9.64
C ILE A 11 -9.23 -3.75 9.85
N THR A 12 -9.70 -4.49 8.85
CA THR A 12 -9.74 -5.95 8.92
C THR A 12 -8.66 -6.58 8.04
N LYS A 13 -8.29 -5.86 6.99
CA LYS A 13 -7.27 -6.34 6.07
C LYS A 13 -6.08 -5.38 6.02
N ARG A 14 -5.24 -5.44 7.06
CA ARG A 14 -4.06 -4.59 7.13
C ARG A 14 -3.05 -4.96 6.06
N LEU A 15 -2.03 -4.11 5.90
CA LEU A 15 -0.99 -4.35 4.91
C LEU A 15 -0.14 -5.56 5.29
N LYS A 16 0.42 -6.22 4.28
CA LYS A 16 1.26 -7.39 4.52
C LYS A 16 2.63 -7.22 3.88
N THR A 17 3.68 -7.45 4.67
CA THR A 17 5.04 -7.31 4.19
C THR A 17 5.24 -8.06 2.87
N MET A 18 5.73 -7.37 1.85
CA MET A 18 5.97 -7.96 0.55
C MET A 18 7.46 -8.11 0.27
N GLU A 19 7.83 -9.17 -0.44
CA GLU A 19 9.23 -9.42 -0.77
C GLU A 19 9.41 -9.62 -2.27
N VAL A 20 10.10 -8.68 -2.90
CA VAL A 20 10.34 -8.75 -4.34
C VAL A 20 11.78 -8.35 -4.67
N LEU A 21 12.25 -8.77 -5.84
CA LEU A 21 13.60 -8.46 -6.28
C LEU A 21 13.62 -7.20 -7.14
N GLU A 22 14.57 -6.30 -6.85
CA GLU A 22 14.68 -5.06 -7.59
C GLU A 22 14.33 -5.27 -9.07
N GLY A 23 13.41 -4.46 -9.57
CA GLY A 23 13.00 -4.58 -10.96
C GLY A 23 11.61 -5.17 -11.11
N GLU A 24 11.23 -6.02 -10.15
CA GLU A 24 9.93 -6.65 -10.19
C GLU A 24 8.81 -5.65 -9.91
N SER A 25 7.58 -6.14 -9.85
CA SER A 25 6.43 -5.27 -9.60
C SER A 25 5.53 -5.87 -8.52
N CYS A 26 5.08 -5.02 -7.60
CA CYS A 26 4.21 -5.47 -6.52
C CYS A 26 2.96 -4.59 -6.42
N SER A 27 2.11 -4.88 -5.44
CA SER A 27 0.88 -4.12 -5.25
C SER A 27 0.36 -4.28 -3.83
N PHE A 28 0.35 -3.18 -3.08
CA PHE A 28 -0.12 -3.21 -1.70
C PHE A 28 -1.60 -2.83 -1.63
N GLU A 29 -2.46 -3.83 -1.44
CA GLU A 29 -3.89 -3.59 -1.34
C GLU A 29 -4.37 -3.67 0.10
N CYS A 30 -5.38 -2.87 0.43
CA CYS A 30 -5.93 -2.85 1.78
C CYS A 30 -7.44 -2.67 1.75
N VAL A 31 -8.12 -3.27 2.72
CA VAL A 31 -9.57 -3.19 2.81
C VAL A 31 -10.01 -2.72 4.19
N LEU A 32 -11.11 -1.97 4.23
CA LEU A 32 -11.64 -1.45 5.49
C LEU A 32 -12.58 -2.46 6.13
N SER A 33 -12.96 -2.19 7.39
CA SER A 33 -13.86 -3.08 8.11
C SER A 33 -15.28 -2.97 7.57
N HIS A 34 -15.48 -2.04 6.64
CA HIS A 34 -16.80 -1.84 6.04
C HIS A 34 -16.69 -1.01 4.76
N GLU A 35 -17.78 -0.98 3.99
CA GLU A 35 -17.80 -0.23 2.75
C GLU A 35 -17.07 1.09 2.89
N SER A 36 -16.11 1.33 2.00
CA SER A 36 -15.33 2.56 2.04
C SER A 36 -16.22 3.78 1.81
N ALA A 37 -15.64 4.96 1.95
CA ALA A 37 -16.38 6.21 1.75
C ALA A 37 -15.89 6.95 0.51
N SER A 38 -16.47 8.12 0.26
CA SER A 38 -16.10 8.92 -0.89
C SER A 38 -14.69 9.51 -0.72
N ASP A 39 -14.24 9.56 0.53
CA ASP A 39 -12.91 10.10 0.83
C ASP A 39 -11.83 9.32 0.11
N PRO A 40 -10.79 10.03 -0.36
CA PRO A 40 -9.67 9.43 -1.07
C PRO A 40 -8.80 8.56 -0.17
N ALA A 41 -7.61 8.21 -0.66
CA ALA A 41 -6.69 7.39 0.12
C ALA A 41 -5.27 7.95 0.06
N MET A 42 -4.58 7.93 1.20
CA MET A 42 -3.22 8.45 1.28
C MET A 42 -2.21 7.31 1.18
N TRP A 43 -1.54 7.22 0.03
CA TRP A 43 -0.55 6.18 -0.20
C TRP A 43 0.86 6.73 -0.05
N THR A 44 1.56 6.27 0.98
CA THR A 44 2.93 6.72 1.24
C THR A 44 3.92 5.56 1.14
N VAL A 45 4.95 5.74 0.32
CA VAL A 45 5.96 4.71 0.15
C VAL A 45 7.36 5.33 0.02
N GLY A 46 8.20 5.08 1.01
CA GLY A 46 9.55 5.62 1.00
C GLY A 46 9.65 6.95 1.71
N GLY A 47 8.66 7.81 1.52
CA GLY A 47 8.66 9.11 2.16
C GLY A 47 8.15 10.21 1.25
N LYS A 48 7.14 9.90 0.44
CA LYS A 48 6.56 10.86 -0.48
C LYS A 48 5.15 10.46 -0.88
N THR A 49 4.28 11.46 -1.04
CA THR A 49 2.89 11.21 -1.43
C THR A 49 2.79 10.76 -2.88
N VAL A 50 2.44 9.49 -3.07
CA VAL A 50 2.29 8.93 -4.41
C VAL A 50 0.83 8.85 -4.83
N GLY A 51 0.57 9.08 -6.11
CA GLY A 51 -0.79 9.04 -6.62
C GLY A 51 -0.89 9.55 -8.03
N SER A 52 -1.62 8.82 -8.88
CA SER A 52 -1.80 9.20 -10.26
C SER A 52 -0.46 9.43 -10.95
N SER A 53 0.53 8.61 -10.57
CA SER A 53 1.87 8.73 -11.15
C SER A 53 2.17 7.55 -12.06
N SER A 54 2.99 7.79 -13.08
CA SER A 54 3.36 6.76 -14.03
C SER A 54 3.92 5.53 -13.32
N ARG A 55 4.73 5.78 -12.29
CA ARG A 55 5.33 4.69 -11.51
C ARG A 55 4.34 4.11 -10.53
N PHE A 56 3.78 4.97 -9.67
CA PHE A 56 2.82 4.53 -8.67
C PHE A 56 1.39 4.69 -9.19
N GLN A 57 0.66 3.58 -9.26
CA GLN A 57 -0.72 3.60 -9.73
C GLN A 57 -1.68 3.12 -8.65
N ALA A 58 -2.50 4.02 -8.14
CA ALA A 58 -3.47 3.70 -7.10
C ALA A 58 -4.87 3.55 -7.68
N THR A 59 -5.39 2.32 -7.66
CA THR A 59 -6.73 2.06 -8.19
C THR A 59 -7.70 1.74 -7.06
N ARG A 60 -8.94 1.42 -7.43
CA ARG A 60 -9.97 1.09 -6.45
C ARG A 60 -10.96 0.08 -7.02
N GLN A 61 -11.00 -1.10 -6.42
CA GLN A 61 -11.90 -2.16 -6.87
C GLN A 61 -12.49 -2.91 -5.68
N GLY A 62 -13.81 -2.86 -5.54
CA GLY A 62 -14.47 -3.55 -4.45
C GLY A 62 -14.06 -3.01 -3.10
N ARG A 63 -14.50 -1.81 -2.78
CA ARG A 63 -14.17 -1.18 -1.51
C ARG A 63 -12.74 -1.53 -1.09
N LYS A 64 -11.86 -1.67 -2.07
CA LYS A 64 -10.47 -2.00 -1.81
C LYS A 64 -9.54 -1.22 -2.74
N TYR A 65 -8.53 -0.58 -2.15
CA TYR A 65 -7.58 0.21 -2.92
C TYR A 65 -6.32 -0.61 -3.23
N ILE A 66 -5.88 -0.54 -4.49
CA ILE A 66 -4.69 -1.28 -4.91
C ILE A 66 -3.60 -0.33 -5.41
N LEU A 67 -2.49 -0.29 -4.69
CA LEU A 67 -1.37 0.58 -5.06
C LEU A 67 -0.25 -0.23 -5.71
N VAL A 68 -0.30 -0.33 -7.04
CA VAL A 68 0.72 -1.06 -7.78
C VAL A 68 2.03 -0.29 -7.83
N VAL A 69 3.11 -0.96 -7.41
CA VAL A 69 4.42 -0.33 -7.41
C VAL A 69 5.28 -0.85 -8.56
N ARG A 70 5.78 0.08 -9.37
CA ARG A 70 6.61 -0.28 -10.52
C ARG A 70 8.07 0.09 -10.27
N GLU A 71 8.98 -0.59 -10.97
CA GLU A 71 10.40 -0.32 -10.82
C GLU A 71 10.82 -0.36 -9.35
N ALA A 72 10.47 -1.45 -8.68
CA ALA A 72 10.81 -1.61 -7.28
C ALA A 72 12.28 -1.34 -7.02
N ALA A 73 12.57 -0.35 -6.18
CA ALA A 73 13.94 0.01 -5.86
C ALA A 73 14.21 -0.17 -4.37
N PRO A 74 15.51 -0.27 -4.01
CA PRO A 74 15.94 -0.44 -2.62
C PRO A 74 15.71 0.82 -1.79
N SER A 75 15.62 1.96 -2.46
CA SER A 75 15.41 3.23 -1.77
C SER A 75 13.94 3.39 -1.38
N ASP A 76 13.09 2.54 -1.92
CA ASP A 76 11.66 2.59 -1.63
C ASP A 76 11.31 1.62 -0.51
N ALA A 77 12.24 0.72 -0.19
CA ALA A 77 12.03 -0.26 0.86
C ALA A 77 12.24 0.36 2.25
N GLY A 78 11.24 0.23 3.11
CA GLY A 78 11.34 0.78 4.44
C GLY A 78 10.09 0.53 5.26
N GLU A 79 9.09 1.37 5.09
CA GLU A 79 7.84 1.24 5.83
C GLU A 79 6.66 1.74 5.00
N VAL A 80 5.87 0.80 4.48
CA VAL A 80 4.71 1.14 3.66
C VAL A 80 3.50 1.44 4.53
N VAL A 81 3.07 2.70 4.55
CA VAL A 81 1.92 3.10 5.34
C VAL A 81 0.69 3.29 4.47
N PHE A 82 -0.48 2.95 5.00
CA PHE A 82 -1.73 3.07 4.26
C PHE A 82 -2.84 3.61 5.16
N SER A 83 -3.27 4.84 4.89
CA SER A 83 -4.32 5.48 5.67
C SER A 83 -5.52 5.82 4.80
N VAL A 84 -6.68 5.97 5.43
CA VAL A 84 -7.90 6.30 4.70
C VAL A 84 -8.93 6.93 5.63
N ARG A 85 -9.39 8.13 5.29
CA ARG A 85 -10.38 8.83 6.09
C ARG A 85 -10.01 8.78 7.57
N GLY A 86 -8.72 8.72 7.86
CA GLY A 86 -8.26 8.67 9.23
C GLY A 86 -7.40 7.46 9.51
N LEU A 87 -8.00 6.28 9.45
CA LEU A 87 -7.29 5.03 9.70
C LEU A 87 -5.89 5.08 9.10
N THR A 88 -4.98 4.28 9.65
CA THR A 88 -3.61 4.24 9.18
C THR A 88 -2.91 2.96 9.62
N SER A 89 -2.40 2.20 8.65
CA SER A 89 -1.71 0.94 8.95
C SER A 89 -0.22 1.09 8.74
N LYS A 90 0.51 0.00 8.98
CA LYS A 90 1.96 0.01 8.83
C LYS A 90 2.47 -1.34 8.30
N ALA A 91 3.50 -1.30 7.48
CA ALA A 91 4.07 -2.52 6.91
C ALA A 91 5.51 -2.28 6.44
N SER A 92 6.17 -3.36 6.03
CA SER A 92 7.55 -3.27 5.56
C SER A 92 7.71 -3.97 4.21
N LEU A 93 8.58 -3.42 3.37
CA LEU A 93 8.82 -3.98 2.05
C LEU A 93 10.30 -4.33 1.88
N ILE A 94 10.55 -5.52 1.33
CA ILE A 94 11.93 -5.98 1.10
C ILE A 94 12.27 -5.94 -0.38
N VAL A 95 13.35 -5.23 -0.71
CA VAL A 95 13.80 -5.14 -2.10
C VAL A 95 15.28 -5.49 -2.23
N ARG A 96 15.55 -6.65 -2.81
CA ARG A 96 16.92 -7.11 -2.99
C ARG A 96 17.39 -6.87 -4.43
N GLU A 97 18.55 -6.24 -4.56
CA GLU A 97 19.10 -5.94 -5.89
C GLU A 97 19.30 -7.22 -6.69
N ARG A 98 18.81 -7.23 -7.92
CA ARG A 98 18.93 -8.39 -8.79
C ARG A 98 20.39 -8.84 -8.90
N SER A 99 20.71 -9.94 -8.22
CA SER A 99 22.07 -10.47 -8.23
C SER A 99 22.22 -11.58 -9.27
N GLY A 100 22.89 -11.28 -10.36
CA GLY A 100 23.09 -12.26 -11.41
C GLY A 100 21.84 -12.49 -12.23
N PRO A 101 21.78 -13.63 -12.93
CA PRO A 101 20.64 -13.99 -13.77
C PRO A 101 19.40 -14.33 -12.94
N SER A 102 18.34 -14.75 -13.63
CA SER A 102 17.09 -15.09 -12.96
C SER A 102 16.93 -16.60 -12.85
N SER A 103 17.01 -17.12 -11.62
CA SER A 103 16.89 -18.55 -11.38
C SER A 103 16.58 -18.83 -9.91
N GLY A 104 15.92 -19.95 -9.65
CA GLY A 104 15.59 -20.31 -8.29
C GLY A 104 14.98 -21.71 -8.19
N GLY A 1 -26.31 -4.48 -1.50
CA GLY A 1 -25.39 -4.67 -0.40
C GLY A 1 -25.96 -5.56 0.69
N SER A 2 -25.32 -5.54 1.85
CA SER A 2 -25.76 -6.35 2.97
C SER A 2 -26.36 -5.48 4.08
N SER A 3 -26.88 -6.13 5.12
CA SER A 3 -27.48 -5.40 6.24
C SER A 3 -26.73 -5.69 7.54
N GLY A 4 -26.40 -4.62 8.26
CA GLY A 4 -25.69 -4.78 9.51
C GLY A 4 -25.09 -3.48 10.00
N SER A 5 -25.94 -2.47 10.20
CA SER A 5 -25.47 -1.16 10.67
C SER A 5 -24.71 -1.29 11.98
N SER A 6 -25.27 -2.05 12.91
CA SER A 6 -24.64 -2.24 14.21
C SER A 6 -23.24 -2.82 14.06
N GLY A 7 -22.24 -2.02 14.39
CA GLY A 7 -20.86 -2.47 14.29
C GLY A 7 -19.93 -1.38 13.78
N HIS A 8 -18.86 -1.13 14.53
CA HIS A 8 -17.89 -0.09 14.16
C HIS A 8 -17.22 -0.44 12.83
N VAL A 9 -16.42 0.49 12.32
CA VAL A 9 -15.72 0.30 11.06
C VAL A 9 -14.21 0.36 11.25
N GLY A 10 -13.55 -0.77 11.05
CA GLY A 10 -12.10 -0.82 11.21
C GLY A 10 -11.43 -1.69 10.16
N ILE A 11 -10.29 -1.24 9.65
CA ILE A 11 -9.56 -1.98 8.64
C ILE A 11 -9.45 -3.46 9.02
N THR A 12 -10.11 -4.31 8.26
CA THR A 12 -10.08 -5.75 8.50
C THR A 12 -8.87 -6.40 7.84
N LYS A 13 -8.52 -5.92 6.64
CA LYS A 13 -7.39 -6.45 5.90
C LYS A 13 -6.27 -5.42 5.81
N ARG A 14 -5.21 -5.64 6.58
CA ARG A 14 -4.07 -4.72 6.59
C ARG A 14 -3.00 -5.19 5.60
N LEU A 15 -2.15 -4.26 5.17
CA LEU A 15 -1.08 -4.57 4.23
C LEU A 15 -0.22 -5.72 4.75
N LYS A 16 0.07 -6.67 3.87
CA LYS A 16 0.89 -7.82 4.23
C LYS A 16 2.29 -7.68 3.66
N THR A 17 3.30 -7.89 4.52
CA THR A 17 4.69 -7.80 4.10
C THR A 17 4.90 -8.43 2.73
N MET A 18 5.50 -7.68 1.82
CA MET A 18 5.76 -8.17 0.46
C MET A 18 7.26 -8.14 0.15
N GLU A 19 7.76 -9.25 -0.37
CA GLU A 19 9.18 -9.35 -0.71
C GLU A 19 9.37 -9.50 -2.22
N VAL A 20 10.09 -8.55 -2.81
CA VAL A 20 10.35 -8.57 -4.24
C VAL A 20 11.80 -8.21 -4.55
N LEU A 21 12.18 -8.37 -5.82
CA LEU A 21 13.55 -8.06 -6.24
C LEU A 21 13.63 -6.68 -6.87
N GLU A 22 14.55 -5.85 -6.36
CA GLU A 22 14.72 -4.50 -6.88
C GLU A 22 14.48 -4.46 -8.39
N GLY A 23 13.49 -3.69 -8.81
CA GLY A 23 13.18 -3.57 -10.22
C GLY A 23 11.82 -4.15 -10.56
N GLU A 24 11.51 -5.31 -10.00
CA GLU A 24 10.24 -5.97 -10.26
C GLU A 24 9.07 -5.06 -9.89
N SER A 25 7.86 -5.49 -10.23
CA SER A 25 6.66 -4.70 -9.95
C SER A 25 5.65 -5.54 -9.17
N CYS A 26 5.20 -5.01 -8.03
CA CYS A 26 4.23 -5.69 -7.19
C CYS A 26 2.96 -4.86 -7.02
N SER A 27 2.05 -5.35 -6.19
CA SER A 27 0.78 -4.65 -5.96
C SER A 27 0.19 -5.06 -4.61
N PHE A 28 -0.10 -4.06 -3.79
CA PHE A 28 -0.67 -4.32 -2.46
C PHE A 28 -2.19 -4.24 -2.51
N GLU A 29 -2.82 -4.52 -1.37
CA GLU A 29 -4.28 -4.48 -1.29
C GLU A 29 -4.73 -4.23 0.16
N CYS A 30 -5.68 -3.32 0.32
CA CYS A 30 -6.19 -2.97 1.64
C CYS A 30 -7.72 -2.90 1.62
N VAL A 31 -8.36 -3.85 2.30
CA VAL A 31 -9.82 -3.90 2.37
C VAL A 31 -10.30 -3.69 3.80
N LEU A 32 -11.42 -2.99 3.94
CA LEU A 32 -12.00 -2.73 5.25
C LEU A 32 -13.25 -3.56 5.47
N SER A 33 -13.56 -3.82 6.74
CA SER A 33 -14.74 -4.61 7.09
C SER A 33 -15.93 -4.23 6.23
N HIS A 34 -16.25 -2.94 6.21
CA HIS A 34 -17.37 -2.44 5.43
C HIS A 34 -17.06 -1.07 4.83
N GLU A 35 -17.94 -0.59 3.96
CA GLU A 35 -17.74 0.71 3.31
C GLU A 35 -18.14 1.84 4.26
N SER A 36 -17.48 2.99 4.10
CA SER A 36 -17.76 4.15 4.94
C SER A 36 -18.29 5.31 4.10
N ALA A 37 -17.51 5.72 3.11
CA ALA A 37 -17.91 6.82 2.23
C ALA A 37 -16.92 6.97 1.07
N SER A 38 -17.42 7.46 -0.06
CA SER A 38 -16.58 7.66 -1.24
C SER A 38 -15.46 8.65 -0.95
N ASP A 39 -14.33 8.13 -0.48
CA ASP A 39 -13.18 8.96 -0.16
C ASP A 39 -11.90 8.38 -0.77
N PRO A 40 -11.01 9.27 -1.25
CA PRO A 40 -9.74 8.87 -1.85
C PRO A 40 -8.76 8.29 -0.83
N ALA A 41 -7.60 7.87 -1.30
CA ALA A 41 -6.58 7.30 -0.43
C ALA A 41 -5.22 7.95 -0.68
N MET A 42 -4.27 7.71 0.22
CA MET A 42 -2.94 8.27 0.10
C MET A 42 -1.88 7.25 0.51
N TRP A 43 -1.09 6.80 -0.44
CA TRP A 43 -0.03 5.83 -0.18
C TRP A 43 1.31 6.52 0.04
N THR A 44 1.99 6.15 1.12
CA THR A 44 3.29 6.73 1.45
C THR A 44 4.34 5.65 1.69
N VAL A 45 5.22 5.47 0.71
CA VAL A 45 6.27 4.47 0.81
C VAL A 45 7.64 5.08 0.54
N GLY A 46 8.61 4.75 1.40
CA GLY A 46 9.95 5.28 1.25
C GLY A 46 10.10 6.65 1.87
N GLY A 47 9.01 7.40 1.94
CA GLY A 47 9.06 8.73 2.51
C GLY A 47 8.71 9.82 1.50
N LYS A 48 7.65 9.59 0.74
CA LYS A 48 7.22 10.55 -0.27
C LYS A 48 5.87 10.16 -0.85
N THR A 49 5.20 11.12 -1.48
CA THR A 49 3.90 10.87 -2.08
C THR A 49 4.03 10.22 -3.46
N VAL A 50 3.72 8.93 -3.52
CA VAL A 50 3.82 8.19 -4.78
C VAL A 50 2.49 8.26 -5.54
N GLY A 51 2.53 7.86 -6.81
CA GLY A 51 1.34 7.87 -7.64
C GLY A 51 1.43 8.85 -8.78
N SER A 52 2.41 8.65 -9.65
CA SER A 52 2.62 9.53 -10.79
C SER A 52 3.73 9.00 -11.70
N SER A 53 3.65 9.32 -12.98
CA SER A 53 4.65 8.87 -13.95
C SER A 53 4.72 7.35 -13.99
N SER A 54 3.56 6.70 -13.96
CA SER A 54 3.50 5.24 -13.99
C SER A 54 4.22 4.65 -12.79
N ARG A 55 3.84 5.07 -11.60
CA ARG A 55 4.45 4.58 -10.38
C ARG A 55 3.46 4.60 -9.22
N PHE A 56 3.36 3.48 -8.51
CA PHE A 56 2.45 3.37 -7.37
C PHE A 56 1.06 3.89 -7.75
N GLN A 57 0.50 3.33 -8.82
CA GLN A 57 -0.83 3.74 -9.27
C GLN A 57 -1.89 3.40 -8.24
N ALA A 58 -2.21 4.36 -7.39
CA ALA A 58 -3.22 4.16 -6.35
C ALA A 58 -4.61 3.99 -6.96
N THR A 59 -5.20 2.83 -6.75
CA THR A 59 -6.53 2.54 -7.27
C THR A 59 -7.42 1.93 -6.20
N ARG A 60 -8.65 1.60 -6.59
CA ARG A 60 -9.61 1.00 -5.66
C ARG A 60 -10.52 0.01 -6.38
N GLN A 61 -10.92 -1.03 -5.66
CA GLN A 61 -11.79 -2.07 -6.24
C GLN A 61 -12.77 -2.58 -5.19
N GLY A 62 -14.03 -2.17 -5.32
CA GLY A 62 -15.05 -2.59 -4.38
C GLY A 62 -14.55 -2.61 -2.95
N ARG A 63 -14.44 -1.44 -2.34
CA ARG A 63 -13.96 -1.32 -0.97
C ARG A 63 -12.57 -1.92 -0.83
N LYS A 64 -11.65 -1.48 -1.68
CA LYS A 64 -10.27 -1.97 -1.66
C LYS A 64 -9.31 -0.91 -2.16
N TYR A 65 -8.02 -1.11 -1.89
CA TYR A 65 -7.00 -0.16 -2.31
C TYR A 65 -5.79 -0.90 -2.88
N ILE A 66 -5.63 -0.85 -4.20
CA ILE A 66 -4.51 -1.51 -4.86
C ILE A 66 -3.41 -0.51 -5.20
N LEU A 67 -2.18 -0.82 -4.78
CA LEU A 67 -1.05 0.05 -5.04
C LEU A 67 -0.07 -0.61 -6.01
N VAL A 68 -0.21 -0.33 -7.29
CA VAL A 68 0.66 -0.90 -8.31
C VAL A 68 2.05 -0.27 -8.26
N VAL A 69 2.94 -0.86 -7.49
CA VAL A 69 4.30 -0.36 -7.34
C VAL A 69 5.16 -0.76 -8.54
N ARG A 70 5.68 0.24 -9.26
CA ARG A 70 6.52 -0.02 -10.42
C ARG A 70 7.92 0.56 -10.22
N GLU A 71 8.90 -0.03 -10.88
CA GLU A 71 10.28 0.42 -10.78
C GLU A 71 10.69 0.59 -9.32
N ALA A 72 10.33 -0.40 -8.50
CA ALA A 72 10.66 -0.36 -7.07
C ALA A 72 12.12 0.06 -6.87
N ALA A 73 12.40 0.61 -5.70
CA ALA A 73 13.75 1.04 -5.36
C ALA A 73 14.20 0.48 -4.01
N PRO A 74 15.52 0.28 -3.86
CA PRO A 74 16.10 -0.26 -2.62
C PRO A 74 16.01 0.73 -1.47
N SER A 75 15.92 2.02 -1.79
CA SER A 75 15.84 3.07 -0.78
C SER A 75 14.45 3.11 -0.16
N ASP A 76 13.42 3.19 -1.01
CA ASP A 76 12.04 3.24 -0.54
C ASP A 76 11.80 2.18 0.54
N ALA A 77 12.42 1.02 0.36
CA ALA A 77 12.27 -0.07 1.31
C ALA A 77 12.39 0.43 2.75
N GLY A 78 11.37 0.13 3.56
CA GLY A 78 11.39 0.55 4.95
C GLY A 78 10.05 0.32 5.62
N GLU A 79 9.02 1.02 5.16
CA GLU A 79 7.69 0.89 5.74
C GLU A 79 6.63 1.51 4.82
N VAL A 80 5.53 0.79 4.62
CA VAL A 80 4.46 1.26 3.77
C VAL A 80 3.26 1.71 4.60
N VAL A 81 3.07 3.03 4.68
CA VAL A 81 1.96 3.59 5.45
C VAL A 81 0.81 3.99 4.52
N PHE A 82 -0.40 3.64 4.92
CA PHE A 82 -1.59 3.97 4.13
C PHE A 82 -2.68 4.54 5.02
N SER A 83 -2.97 5.83 4.85
CA SER A 83 -4.01 6.49 5.64
C SER A 83 -5.27 6.68 4.81
N VAL A 84 -6.42 6.45 5.44
CA VAL A 84 -7.70 6.60 4.77
C VAL A 84 -8.79 7.00 5.76
N ARG A 85 -9.59 7.99 5.38
CA ARG A 85 -10.67 8.48 6.23
C ARG A 85 -10.22 8.53 7.69
N GLY A 86 -8.93 8.72 7.90
CA GLY A 86 -8.41 8.79 9.25
C GLY A 86 -7.56 7.58 9.61
N LEU A 87 -8.07 6.40 9.30
CA LEU A 87 -7.36 5.16 9.59
C LEU A 87 -5.94 5.19 9.02
N THR A 88 -5.10 4.28 9.50
CA THR A 88 -3.72 4.22 9.03
C THR A 88 -3.12 2.83 9.29
N SER A 89 -2.50 2.26 8.26
CA SER A 89 -1.90 0.94 8.37
C SER A 89 -0.39 1.02 8.15
N LYS A 90 0.30 -0.10 8.40
CA LYS A 90 1.74 -0.16 8.23
C LYS A 90 2.17 -1.53 7.72
N ALA A 91 3.26 -1.57 6.96
CA ALA A 91 3.78 -2.82 6.41
C ALA A 91 5.29 -2.75 6.22
N SER A 92 5.87 -3.86 5.78
CA SER A 92 7.32 -3.92 5.56
C SER A 92 7.62 -4.35 4.13
N LEU A 93 8.13 -3.42 3.33
CA LEU A 93 8.47 -3.70 1.94
C LEU A 93 9.96 -4.03 1.79
N ILE A 94 10.25 -5.22 1.30
CA ILE A 94 11.63 -5.66 1.11
C ILE A 94 12.04 -5.55 -0.36
N VAL A 95 13.13 -4.84 -0.60
CA VAL A 95 13.63 -4.66 -1.96
C VAL A 95 15.12 -5.01 -2.05
N ARG A 96 15.41 -6.23 -2.47
CA ARG A 96 16.78 -6.68 -2.60
C ARG A 96 17.34 -6.36 -3.98
N GLU A 97 18.50 -5.73 -4.02
CA GLU A 97 19.15 -5.36 -5.28
C GLU A 97 18.91 -6.43 -6.34
N ARG A 98 18.94 -6.02 -7.60
CA ARG A 98 18.73 -6.95 -8.71
C ARG A 98 19.79 -8.04 -8.71
N SER A 99 21.04 -7.66 -8.97
CA SER A 99 22.15 -8.61 -9.00
C SER A 99 21.68 -9.96 -9.54
N GLY A 100 20.86 -9.94 -10.58
CA GLY A 100 20.37 -11.15 -11.17
C GLY A 100 21.02 -11.47 -12.50
N PRO A 101 20.84 -12.72 -12.98
CA PRO A 101 21.41 -13.17 -14.25
C PRO A 101 20.75 -12.50 -15.45
N SER A 102 19.74 -11.68 -15.19
CA SER A 102 19.02 -10.98 -16.25
C SER A 102 19.99 -10.43 -17.29
N SER A 103 19.85 -10.89 -18.53
CA SER A 103 20.71 -10.43 -19.61
C SER A 103 19.97 -9.49 -20.54
N GLY A 104 20.38 -8.23 -20.55
CA GLY A 104 19.73 -7.24 -21.40
C GLY A 104 20.73 -6.29 -22.04
N GLY A 1 -25.51 2.80 5.71
CA GLY A 1 -25.61 4.11 6.31
C GLY A 1 -26.22 4.08 7.69
N SER A 2 -25.43 3.63 8.67
CA SER A 2 -25.91 3.54 10.04
C SER A 2 -24.73 3.63 11.03
N SER A 3 -24.99 4.21 12.18
CA SER A 3 -23.95 4.36 13.20
C SER A 3 -24.44 3.82 14.54
N GLY A 4 -23.53 3.78 15.52
CA GLY A 4 -23.88 3.29 16.84
C GLY A 4 -23.45 1.84 17.05
N SER A 5 -23.68 1.01 16.04
CA SER A 5 -23.32 -0.41 16.12
C SER A 5 -21.84 -0.61 15.76
N SER A 6 -21.48 -0.20 14.55
CA SER A 6 -20.10 -0.35 14.09
C SER A 6 -19.12 0.28 15.08
N GLY A 7 -19.38 1.54 15.44
CA GLY A 7 -18.52 2.23 16.37
C GLY A 7 -17.07 2.24 15.92
N HIS A 8 -16.24 1.43 16.58
CA HIS A 8 -14.83 1.35 16.25
C HIS A 8 -14.62 0.69 14.89
N VAL A 9 -14.28 1.49 13.90
CA VAL A 9 -14.06 0.98 12.54
C VAL A 9 -12.59 1.07 12.16
N GLY A 10 -12.02 -0.04 11.71
CA GLY A 10 -10.63 -0.06 11.31
C GLY A 10 -10.35 -1.06 10.20
N ILE A 11 -9.12 -1.07 9.71
CA ILE A 11 -8.73 -1.98 8.65
C ILE A 11 -9.07 -3.42 8.99
N THR A 12 -9.87 -4.06 8.15
CA THR A 12 -10.28 -5.45 8.37
C THR A 12 -9.27 -6.42 7.78
N LYS A 13 -8.58 -5.98 6.72
CA LYS A 13 -7.58 -6.82 6.06
C LYS A 13 -6.20 -6.20 6.19
N ARG A 14 -5.66 -6.19 7.41
CA ARG A 14 -4.34 -5.63 7.66
C ARG A 14 -3.39 -5.93 6.50
N LEU A 15 -2.49 -4.99 6.23
CA LEU A 15 -1.52 -5.15 5.15
C LEU A 15 -0.64 -6.37 5.38
N LYS A 16 -0.07 -6.89 4.30
CA LYS A 16 0.80 -8.05 4.39
C LYS A 16 2.16 -7.77 3.74
N THR A 17 3.22 -8.23 4.39
CA THR A 17 4.57 -8.03 3.89
C THR A 17 4.72 -8.60 2.49
N MET A 18 5.43 -7.88 1.62
CA MET A 18 5.66 -8.32 0.26
C MET A 18 7.11 -8.14 -0.14
N GLU A 19 7.76 -9.24 -0.54
CA GLU A 19 9.16 -9.21 -0.94
C GLU A 19 9.29 -9.42 -2.44
N VAL A 20 10.11 -8.60 -3.08
CA VAL A 20 10.34 -8.69 -4.51
C VAL A 20 11.77 -8.31 -4.88
N LEU A 21 12.17 -8.63 -6.11
CA LEU A 21 13.51 -8.31 -6.58
C LEU A 21 13.56 -6.91 -7.17
N GLU A 22 14.65 -6.20 -6.89
CA GLU A 22 14.83 -4.84 -7.40
C GLU A 22 14.46 -4.76 -8.88
N GLY A 23 13.47 -3.94 -9.18
CA GLY A 23 13.03 -3.79 -10.56
C GLY A 23 11.65 -4.34 -10.80
N GLU A 24 11.33 -5.44 -10.12
CA GLU A 24 10.03 -6.08 -10.26
C GLU A 24 8.90 -5.12 -9.90
N SER A 25 7.66 -5.61 -9.94
CA SER A 25 6.50 -4.80 -9.60
C SER A 25 5.55 -5.55 -8.69
N CYS A 26 5.25 -4.97 -7.54
CA CYS A 26 4.35 -5.59 -6.57
C CYS A 26 3.10 -4.73 -6.37
N SER A 27 2.16 -5.26 -5.60
CA SER A 27 0.92 -4.55 -5.33
C SER A 27 0.45 -4.78 -3.89
N PHE A 28 0.28 -3.71 -3.14
CA PHE A 28 -0.16 -3.80 -1.75
C PHE A 28 -1.66 -3.59 -1.65
N GLU A 29 -2.40 -4.67 -1.34
CA GLU A 29 -3.84 -4.60 -1.21
C GLU A 29 -4.24 -4.31 0.23
N CYS A 30 -5.22 -3.41 0.40
CA CYS A 30 -5.69 -3.05 1.73
C CYS A 30 -7.20 -2.85 1.73
N VAL A 31 -7.90 -3.62 2.56
CA VAL A 31 -9.35 -3.52 2.65
C VAL A 31 -9.77 -2.98 4.01
N LEU A 32 -10.73 -2.05 4.00
CA LEU A 32 -11.23 -1.45 5.23
C LEU A 32 -12.60 -2.02 5.60
N SER A 33 -12.92 -1.97 6.88
CA SER A 33 -14.19 -2.48 7.37
C SER A 33 -15.36 -1.84 6.63
N HIS A 34 -15.31 -0.52 6.49
CA HIS A 34 -16.37 0.21 5.80
C HIS A 34 -15.85 0.81 4.50
N GLU A 35 -16.48 0.42 3.39
CA GLU A 35 -16.08 0.91 2.07
C GLU A 35 -15.94 2.43 2.09
N SER A 36 -14.74 2.92 1.79
CA SER A 36 -14.48 4.35 1.76
C SER A 36 -14.62 4.90 0.35
N ALA A 37 -15.69 4.51 -0.34
CA ALA A 37 -15.94 4.96 -1.70
C ALA A 37 -15.97 6.48 -1.77
N SER A 38 -16.66 7.10 -0.81
CA SER A 38 -16.77 8.55 -0.77
C SER A 38 -15.48 9.19 -0.28
N ASP A 39 -15.06 8.80 0.93
CA ASP A 39 -13.83 9.32 1.52
C ASP A 39 -12.62 8.91 0.70
N PRO A 40 -11.75 9.87 0.39
CA PRO A 40 -10.53 9.63 -0.39
C PRO A 40 -9.50 8.83 0.39
N ALA A 41 -8.48 8.33 -0.31
CA ALA A 41 -7.43 7.55 0.31
C ALA A 41 -6.05 8.15 0.04
N MET A 42 -5.10 7.88 0.92
CA MET A 42 -3.74 8.39 0.76
C MET A 42 -2.72 7.27 0.85
N TRP A 43 -1.87 7.16 -0.16
CA TRP A 43 -0.84 6.13 -0.19
C TRP A 43 0.55 6.72 0.05
N THR A 44 1.29 6.14 0.99
CA THR A 44 2.62 6.61 1.31
C THR A 44 3.58 5.45 1.54
N VAL A 45 4.76 5.54 0.93
CA VAL A 45 5.76 4.48 1.07
C VAL A 45 7.17 5.08 1.16
N GLY A 46 7.87 4.75 2.24
CA GLY A 46 9.21 5.26 2.44
C GLY A 46 9.22 6.65 3.03
N GLY A 47 8.30 7.50 2.59
CA GLY A 47 8.23 8.85 3.09
C GLY A 47 7.90 9.86 1.99
N LYS A 48 6.98 9.49 1.11
CA LYS A 48 6.58 10.37 0.01
C LYS A 48 5.18 10.03 -0.47
N THR A 49 4.36 11.06 -0.67
CA THR A 49 3.00 10.87 -1.13
C THR A 49 2.96 10.23 -2.52
N VAL A 50 2.57 8.96 -2.57
CA VAL A 50 2.50 8.24 -3.83
C VAL A 50 1.06 8.14 -4.33
N GLY A 51 0.90 7.70 -5.57
CA GLY A 51 -0.42 7.55 -6.14
C GLY A 51 -0.73 8.64 -7.16
N SER A 52 -0.01 8.61 -8.28
CA SER A 52 -0.21 9.60 -9.34
C SER A 52 0.27 9.06 -10.68
N SER A 53 0.10 9.86 -11.73
CA SER A 53 0.52 9.48 -13.07
C SER A 53 1.82 8.67 -13.02
N SER A 54 2.75 9.13 -12.19
CA SER A 54 4.04 8.46 -12.05
C SER A 54 3.86 6.97 -11.82
N ARG A 55 4.97 6.24 -11.74
CA ARG A 55 4.93 4.81 -11.52
C ARG A 55 3.81 4.43 -10.56
N PHE A 56 3.89 4.95 -9.34
CA PHE A 56 2.87 4.67 -8.33
C PHE A 56 1.47 4.92 -8.87
N GLN A 57 0.69 3.85 -8.99
CA GLN A 57 -0.68 3.95 -9.50
C GLN A 57 -1.67 3.39 -8.50
N ALA A 58 -2.43 4.28 -7.86
CA ALA A 58 -3.43 3.86 -6.88
C ALA A 58 -4.78 3.58 -7.55
N THR A 59 -5.38 2.45 -7.19
CA THR A 59 -6.67 2.06 -7.76
C THR A 59 -7.62 1.57 -6.68
N ARG A 60 -8.91 1.59 -6.98
CA ARG A 60 -9.92 1.13 -6.03
C ARG A 60 -10.91 0.19 -6.70
N GLN A 61 -10.86 -1.08 -6.33
CA GLN A 61 -11.75 -2.09 -6.89
C GLN A 61 -12.44 -2.90 -5.79
N GLY A 62 -13.72 -2.65 -5.60
CA GLY A 62 -14.47 -3.36 -4.58
C GLY A 62 -13.97 -3.07 -3.18
N ARG A 63 -14.32 -1.91 -2.65
CA ARG A 63 -13.89 -1.51 -1.31
C ARG A 63 -12.49 -2.04 -1.01
N LYS A 64 -11.59 -1.88 -1.98
CA LYS A 64 -10.21 -2.34 -1.83
C LYS A 64 -9.24 -1.43 -2.57
N TYR A 65 -8.23 -0.95 -1.86
CA TYR A 65 -7.24 -0.05 -2.45
C TYR A 65 -6.01 -0.84 -2.91
N ILE A 66 -5.62 -0.64 -4.16
CA ILE A 66 -4.46 -1.32 -4.72
C ILE A 66 -3.41 -0.32 -5.19
N LEU A 67 -2.23 -0.39 -4.59
CA LEU A 67 -1.13 0.51 -4.95
C LEU A 67 -0.09 -0.23 -5.77
N VAL A 68 -0.24 -0.18 -7.10
CA VAL A 68 0.70 -0.84 -7.99
C VAL A 68 2.07 -0.17 -7.94
N VAL A 69 3.02 -0.83 -7.29
CA VAL A 69 4.37 -0.30 -7.17
C VAL A 69 5.24 -0.73 -8.34
N ARG A 70 5.57 0.21 -9.22
CA ARG A 70 6.40 -0.09 -10.38
C ARG A 70 7.83 0.40 -10.17
N GLU A 71 8.79 -0.36 -10.69
CA GLU A 71 10.19 -0.01 -10.55
C GLU A 71 10.59 0.09 -9.09
N ALA A 72 10.22 -0.93 -8.31
CA ALA A 72 10.55 -0.96 -6.88
C ALA A 72 12.05 -0.77 -6.66
N ALA A 73 12.38 0.08 -5.69
CA ALA A 73 13.78 0.35 -5.37
C ALA A 73 14.10 -0.04 -3.93
N PRO A 74 15.39 -0.31 -3.66
CA PRO A 74 15.85 -0.71 -2.33
C PRO A 74 15.77 0.43 -1.33
N SER A 75 15.41 1.61 -1.81
CA SER A 75 15.31 2.79 -0.95
C SER A 75 13.85 3.05 -0.56
N ASP A 76 12.94 2.74 -1.47
CA ASP A 76 11.51 2.92 -1.21
C ASP A 76 11.02 1.97 -0.14
N ALA A 77 11.69 0.83 0.00
CA ALA A 77 11.32 -0.17 0.99
C ALA A 77 11.67 0.31 2.40
N GLY A 78 11.44 -0.56 3.38
CA GLY A 78 11.73 -0.21 4.76
C GLY A 78 10.50 -0.17 5.63
N GLU A 79 9.52 0.65 5.24
CA GLU A 79 8.27 0.78 5.99
C GLU A 79 7.20 1.45 5.15
N VAL A 80 6.07 0.76 4.97
CA VAL A 80 4.97 1.28 4.19
C VAL A 80 3.88 1.86 5.09
N VAL A 81 3.15 2.84 4.58
CA VAL A 81 2.08 3.47 5.33
C VAL A 81 0.92 3.87 4.42
N PHE A 82 -0.30 3.56 4.84
CA PHE A 82 -1.48 3.89 4.07
C PHE A 82 -2.59 4.45 4.97
N SER A 83 -2.90 5.71 4.78
CA SER A 83 -3.93 6.38 5.57
C SER A 83 -5.22 6.53 4.77
N VAL A 84 -6.35 6.62 5.48
CA VAL A 84 -7.65 6.76 4.84
C VAL A 84 -8.70 7.21 5.83
N ARG A 85 -9.47 8.23 5.47
CA ARG A 85 -10.52 8.75 6.33
C ARG A 85 -10.04 8.83 7.78
N GLY A 86 -8.74 9.04 7.95
CA GLY A 86 -8.17 9.14 9.29
C GLY A 86 -7.37 7.92 9.66
N LEU A 87 -7.86 6.75 9.29
CA LEU A 87 -7.17 5.49 9.60
C LEU A 87 -5.76 5.50 9.04
N THR A 88 -4.96 4.53 9.47
CA THR A 88 -3.58 4.42 9.02
C THR A 88 -3.00 3.04 9.33
N SER A 89 -2.46 2.39 8.31
CA SER A 89 -1.87 1.07 8.48
C SER A 89 -0.37 1.09 8.22
N LYS A 90 0.26 -0.08 8.25
CA LYS A 90 1.70 -0.19 8.02
C LYS A 90 2.07 -1.60 7.57
N ALA A 91 3.08 -1.70 6.72
CA ALA A 91 3.54 -2.99 6.23
C ALA A 91 5.04 -2.97 5.93
N SER A 92 5.60 -4.14 5.66
CA SER A 92 7.02 -4.25 5.36
C SER A 92 7.25 -4.58 3.89
N LEU A 93 8.22 -3.90 3.28
CA LEU A 93 8.53 -4.11 1.88
C LEU A 93 10.02 -4.42 1.70
N ILE A 94 10.31 -5.64 1.28
CA ILE A 94 11.69 -6.07 1.06
C ILE A 94 12.08 -5.93 -0.41
N VAL A 95 13.17 -5.21 -0.66
CA VAL A 95 13.64 -5.01 -2.03
C VAL A 95 15.15 -5.25 -2.12
N ARG A 96 15.53 -6.43 -2.59
CA ARG A 96 16.94 -6.80 -2.72
C ARG A 96 17.45 -6.44 -4.12
N GLU A 97 18.76 -6.23 -4.21
CA GLU A 97 19.37 -5.88 -5.49
C GLU A 97 19.58 -7.12 -6.35
N ARG A 98 19.52 -6.95 -7.66
CA ARG A 98 19.70 -8.06 -8.59
C ARG A 98 21.17 -8.43 -8.71
N SER A 99 21.43 -9.72 -8.92
CA SER A 99 22.80 -10.22 -9.03
C SER A 99 22.97 -11.01 -10.32
N GLY A 100 24.21 -11.09 -10.81
CA GLY A 100 24.49 -11.82 -12.03
C GLY A 100 24.42 -13.32 -11.83
N PRO A 101 24.00 -14.04 -12.88
CA PRO A 101 23.88 -15.50 -12.84
C PRO A 101 25.23 -16.20 -12.80
N SER A 102 25.55 -16.77 -11.65
CA SER A 102 26.82 -17.47 -11.47
C SER A 102 26.96 -18.63 -12.45
N SER A 103 28.15 -18.77 -13.02
CA SER A 103 28.40 -19.83 -13.99
C SER A 103 27.68 -21.11 -13.60
N GLY A 104 26.65 -21.46 -14.37
CA GLY A 104 25.88 -22.66 -14.08
C GLY A 104 24.45 -22.36 -13.70
N GLY A 1 -9.75 10.02 18.28
CA GLY A 1 -9.02 11.26 18.10
C GLY A 1 -9.39 12.31 19.13
N SER A 2 -8.99 13.55 18.88
CA SER A 2 -9.28 14.64 19.80
C SER A 2 -10.70 15.16 19.61
N SER A 3 -11.65 14.46 20.21
CA SER A 3 -13.06 14.84 20.10
C SER A 3 -13.54 14.75 18.65
N GLY A 4 -13.13 13.69 17.97
CA GLY A 4 -13.53 13.50 16.58
C GLY A 4 -12.70 12.44 15.89
N SER A 5 -12.26 12.75 14.66
CA SER A 5 -11.46 11.82 13.89
C SER A 5 -12.30 10.64 13.41
N SER A 6 -13.52 10.93 12.96
CA SER A 6 -14.43 9.90 12.48
C SER A 6 -14.00 9.39 11.11
N GLY A 7 -14.57 8.27 10.69
CA GLY A 7 -14.23 7.69 9.41
C GLY A 7 -13.75 6.26 9.51
N HIS A 8 -12.76 6.03 10.37
CA HIS A 8 -12.21 4.70 10.57
C HIS A 8 -13.33 3.66 10.68
N VAL A 9 -13.47 2.84 9.65
CA VAL A 9 -14.50 1.80 9.62
C VAL A 9 -13.90 0.43 9.95
N GLY A 10 -12.66 0.43 10.39
CA GLY A 10 -12.00 -0.82 10.74
C GLY A 10 -11.09 -1.33 9.63
N ILE A 11 -10.09 -2.12 10.00
CA ILE A 11 -9.16 -2.67 9.02
C ILE A 11 -9.04 -4.19 9.17
N THR A 12 -9.99 -4.90 8.58
CA THR A 12 -9.99 -6.37 8.64
C THR A 12 -8.91 -6.95 7.74
N LYS A 13 -8.39 -6.14 6.82
CA LYS A 13 -7.36 -6.58 5.90
C LYS A 13 -6.21 -5.57 5.86
N ARG A 14 -5.23 -5.74 6.75
CA ARG A 14 -4.09 -4.85 6.80
C ARG A 14 -3.09 -5.18 5.69
N LEU A 15 -2.12 -4.28 5.49
CA LEU A 15 -1.11 -4.47 4.46
C LEU A 15 -0.31 -5.74 4.72
N LYS A 16 -0.04 -6.49 3.67
CA LYS A 16 0.72 -7.73 3.78
C LYS A 16 2.18 -7.51 3.39
N THR A 17 3.09 -8.16 4.11
CA THR A 17 4.52 -8.02 3.83
C THR A 17 4.87 -8.63 2.48
N MET A 18 5.11 -7.77 1.50
CA MET A 18 5.47 -8.21 0.16
C MET A 18 6.98 -8.44 0.04
N GLU A 19 7.38 -9.27 -0.93
CA GLU A 19 8.78 -9.56 -1.15
C GLU A 19 9.09 -9.65 -2.64
N VAL A 20 9.94 -8.76 -3.12
CA VAL A 20 10.32 -8.74 -4.53
C VAL A 20 11.79 -8.37 -4.70
N LEU A 21 12.22 -8.24 -5.95
CA LEU A 21 13.61 -7.90 -6.25
C LEU A 21 13.69 -6.54 -6.94
N GLU A 22 14.55 -5.68 -6.42
CA GLU A 22 14.73 -4.34 -6.99
C GLU A 22 14.58 -4.38 -8.50
N GLY A 23 13.73 -3.50 -9.03
CA GLY A 23 13.50 -3.44 -10.46
C GLY A 23 12.09 -3.88 -10.84
N GLU A 24 11.63 -4.97 -10.24
CA GLU A 24 10.30 -5.48 -10.53
C GLU A 24 9.23 -4.60 -9.90
N SER A 25 7.98 -4.80 -10.32
CA SER A 25 6.86 -4.02 -9.80
C SER A 25 6.04 -4.86 -8.81
N CYS A 26 5.67 -4.23 -7.69
CA CYS A 26 4.88 -4.90 -6.67
C CYS A 26 3.63 -4.10 -6.33
N SER A 27 2.51 -4.80 -6.16
CA SER A 27 1.24 -4.14 -5.84
C SER A 27 0.74 -4.61 -4.47
N PHE A 28 0.25 -3.65 -3.68
CA PHE A 28 -0.26 -3.95 -2.35
C PHE A 28 -1.79 -3.87 -2.33
N GLU A 29 -2.39 -4.47 -1.32
CA GLU A 29 -3.85 -4.47 -1.18
C GLU A 29 -4.26 -4.22 0.27
N CYS A 30 -5.29 -3.41 0.46
CA CYS A 30 -5.79 -3.10 1.79
C CYS A 30 -7.30 -2.94 1.80
N VAL A 31 -7.95 -3.55 2.77
CA VAL A 31 -9.40 -3.48 2.88
C VAL A 31 -9.83 -3.15 4.31
N LEU A 32 -10.97 -2.48 4.44
CA LEU A 32 -11.48 -2.10 5.75
C LEU A 32 -12.45 -3.16 6.28
N SER A 33 -12.85 -3.02 7.54
CA SER A 33 -13.77 -3.95 8.16
C SER A 33 -15.18 -3.79 7.60
N HIS A 34 -15.50 -2.58 7.16
CA HIS A 34 -16.81 -2.30 6.60
C HIS A 34 -16.68 -1.61 5.24
N GLU A 35 -17.77 -1.62 4.47
CA GLU A 35 -17.77 -0.99 3.15
C GLU A 35 -17.45 0.50 3.25
N SER A 36 -16.86 1.04 2.19
CA SER A 36 -16.49 2.45 2.16
C SER A 36 -17.29 3.19 1.10
N ALA A 37 -17.35 4.52 1.24
CA ALA A 37 -18.08 5.35 0.29
C ALA A 37 -17.13 6.10 -0.63
N SER A 38 -16.49 5.36 -1.55
CA SER A 38 -15.55 5.97 -2.48
C SER A 38 -14.73 7.07 -1.82
N ASP A 39 -14.19 6.75 -0.64
CA ASP A 39 -13.39 7.71 0.10
C ASP A 39 -11.95 7.73 -0.40
N PRO A 40 -11.33 8.93 -0.42
CA PRO A 40 -9.95 9.09 -0.87
C PRO A 40 -8.94 8.48 0.09
N ALA A 41 -7.69 8.38 -0.35
CA ALA A 41 -6.63 7.81 0.47
C ALA A 41 -5.31 8.53 0.23
N MET A 42 -4.35 8.31 1.13
CA MET A 42 -3.04 8.94 1.01
C MET A 42 -1.93 7.90 1.09
N TRP A 43 -1.62 7.29 -0.05
CA TRP A 43 -0.58 6.28 -0.12
C TRP A 43 0.80 6.90 0.10
N THR A 44 1.49 6.43 1.14
CA THR A 44 2.82 6.94 1.46
C THR A 44 3.82 5.80 1.59
N VAL A 45 4.80 5.77 0.68
CA VAL A 45 5.83 4.74 0.69
C VAL A 45 7.22 5.35 0.67
N GLY A 46 8.05 4.96 1.64
CA GLY A 46 9.40 5.49 1.70
C GLY A 46 9.46 6.86 2.34
N GLY A 47 8.51 7.72 1.97
CA GLY A 47 8.47 9.06 2.52
C GLY A 47 8.14 10.10 1.47
N LYS A 48 7.10 9.83 0.69
CA LYS A 48 6.67 10.75 -0.37
C LYS A 48 5.27 10.40 -0.85
N THR A 49 4.48 11.43 -1.16
CA THR A 49 3.12 11.23 -1.64
C THR A 49 3.11 10.66 -3.04
N VAL A 50 2.47 9.50 -3.20
CA VAL A 50 2.39 8.84 -4.50
C VAL A 50 1.00 8.99 -5.10
N GLY A 51 0.91 8.82 -6.42
CA GLY A 51 -0.37 8.94 -7.10
C GLY A 51 -0.22 8.98 -8.61
N SER A 52 0.83 9.66 -9.08
CA SER A 52 1.07 9.78 -10.51
C SER A 52 0.96 8.42 -11.20
N SER A 53 0.00 8.31 -12.12
CA SER A 53 -0.21 7.07 -12.84
C SER A 53 1.06 6.62 -13.56
N SER A 54 1.91 7.58 -13.88
CA SER A 54 3.17 7.29 -14.57
C SER A 54 4.00 6.28 -13.79
N ARG A 55 3.99 6.42 -12.46
CA ARG A 55 4.74 5.51 -11.60
C ARG A 55 3.80 4.70 -10.70
N PHE A 56 3.14 5.40 -9.77
CA PHE A 56 2.21 4.76 -8.85
C PHE A 56 0.78 4.82 -9.38
N GLN A 57 0.25 3.67 -9.77
CA GLN A 57 -1.11 3.60 -10.30
C GLN A 57 -2.09 3.20 -9.21
N ALA A 58 -2.66 4.20 -8.53
CA ALA A 58 -3.62 3.96 -7.47
C ALA A 58 -4.98 3.54 -8.03
N THR A 59 -5.48 2.41 -7.56
CA THR A 59 -6.77 1.91 -8.03
C THR A 59 -7.63 1.43 -6.86
N ARG A 60 -8.85 1.02 -7.16
CA ARG A 60 -9.77 0.53 -6.13
C ARG A 60 -10.67 -0.57 -6.68
N GLN A 61 -10.79 -1.65 -5.93
CA GLN A 61 -11.62 -2.79 -6.34
C GLN A 61 -12.47 -3.28 -5.18
N GLY A 62 -13.71 -2.81 -5.12
CA GLY A 62 -14.62 -3.22 -4.06
C GLY A 62 -14.09 -2.87 -2.68
N ARG A 63 -14.45 -1.69 -2.19
CA ARG A 63 -14.00 -1.24 -0.88
C ARG A 63 -12.57 -1.69 -0.61
N LYS A 64 -11.71 -1.52 -1.61
CA LYS A 64 -10.31 -1.91 -1.48
C LYS A 64 -9.40 -0.89 -2.15
N TYR A 65 -8.15 -0.82 -1.71
CA TYR A 65 -7.18 0.12 -2.28
C TYR A 65 -5.94 -0.62 -2.76
N ILE A 66 -5.83 -0.75 -4.08
CA ILE A 66 -4.68 -1.43 -4.68
C ILE A 66 -3.71 -0.43 -5.29
N LEU A 67 -2.48 -0.42 -4.78
CA LEU A 67 -1.46 0.49 -5.28
C LEU A 67 -0.39 -0.27 -6.05
N VAL A 68 -0.15 0.15 -7.29
CA VAL A 68 0.85 -0.49 -8.13
C VAL A 68 2.19 0.24 -8.04
N VAL A 69 3.25 -0.51 -7.71
CA VAL A 69 4.58 0.06 -7.60
C VAL A 69 5.45 -0.33 -8.78
N ARG A 70 5.51 0.55 -9.77
CA ARG A 70 6.31 0.30 -10.97
C ARG A 70 7.79 0.50 -10.68
N GLU A 71 8.10 0.95 -9.47
CA GLU A 71 9.49 1.19 -9.08
C GLU A 71 9.74 0.67 -7.66
N ALA A 72 10.48 -0.43 -7.56
CA ALA A 72 10.79 -1.02 -6.26
C ALA A 72 12.26 -0.84 -5.92
N ALA A 73 12.58 0.27 -5.24
CA ALA A 73 13.95 0.55 -4.86
C ALA A 73 14.25 0.03 -3.46
N PRO A 74 15.54 -0.20 -3.18
CA PRO A 74 15.99 -0.71 -1.87
C PRO A 74 15.83 0.33 -0.77
N SER A 75 15.67 1.59 -1.16
CA SER A 75 15.51 2.68 -0.19
C SER A 75 14.07 2.75 0.32
N ASP A 76 13.12 2.65 -0.61
CA ASP A 76 11.71 2.70 -0.25
C ASP A 76 11.36 1.59 0.73
N ALA A 77 11.98 0.43 0.55
CA ALA A 77 11.74 -0.72 1.42
C ALA A 77 12.08 -0.38 2.87
N GLY A 78 11.06 -0.34 3.73
CA GLY A 78 11.27 -0.04 5.13
C GLY A 78 9.98 -0.02 5.92
N GLU A 79 9.08 0.88 5.55
CA GLU A 79 7.79 1.00 6.23
C GLU A 79 6.74 1.60 5.32
N VAL A 80 5.76 0.79 4.93
CA VAL A 80 4.69 1.26 4.05
C VAL A 80 3.47 1.71 4.86
N VAL A 81 3.19 3.01 4.80
CA VAL A 81 2.05 3.57 5.52
C VAL A 81 0.89 3.84 4.58
N PHE A 82 -0.30 3.41 4.98
CA PHE A 82 -1.50 3.60 4.16
C PHE A 82 -2.60 4.30 4.97
N SER A 83 -2.84 5.57 4.65
CA SER A 83 -3.85 6.34 5.35
C SER A 83 -5.14 6.42 4.52
N VAL A 84 -6.27 6.19 5.18
CA VAL A 84 -7.57 6.24 4.52
C VAL A 84 -8.69 6.53 5.51
N ARG A 85 -9.61 7.40 5.11
CA ARG A 85 -10.73 7.76 5.97
C ARG A 85 -10.26 8.04 7.39
N GLY A 86 -9.00 8.43 7.53
CA GLY A 86 -8.45 8.72 8.83
C GLY A 86 -7.59 7.59 9.37
N LEU A 87 -7.98 6.36 9.06
CA LEU A 87 -7.22 5.19 9.51
C LEU A 87 -5.78 5.24 9.03
N THR A 88 -4.93 4.40 9.63
CA THR A 88 -3.52 4.35 9.25
C THR A 88 -2.91 3.01 9.63
N SER A 89 -2.35 2.32 8.63
CA SER A 89 -1.73 1.03 8.86
C SER A 89 -0.25 1.06 8.46
N LYS A 90 0.49 0.05 8.90
CA LYS A 90 1.91 -0.05 8.59
C LYS A 90 2.29 -1.48 8.22
N ALA A 91 3.27 -1.62 7.33
CA ALA A 91 3.74 -2.92 6.89
C ALA A 91 5.22 -2.89 6.54
N SER A 92 5.79 -4.07 6.30
CA SER A 92 7.21 -4.18 5.97
C SER A 92 7.39 -4.67 4.54
N LEU A 93 8.21 -3.97 3.77
CA LEU A 93 8.48 -4.34 2.39
C LEU A 93 9.91 -4.81 2.21
N ILE A 94 10.10 -5.90 1.47
CA ILE A 94 11.42 -6.45 1.22
C ILE A 94 11.84 -6.24 -0.23
N VAL A 95 12.89 -5.45 -0.43
CA VAL A 95 13.40 -5.17 -1.77
C VAL A 95 14.88 -5.51 -1.88
N ARG A 96 15.18 -6.63 -2.52
CA ARG A 96 16.56 -7.07 -2.69
C ARG A 96 17.17 -6.43 -3.93
N GLU A 97 18.15 -5.55 -3.72
CA GLU A 97 18.82 -4.86 -4.82
C GLU A 97 19.14 -5.84 -5.96
N ARG A 98 19.17 -5.33 -7.18
CA ARG A 98 19.47 -6.16 -8.35
C ARG A 98 20.97 -6.36 -8.51
N SER A 99 21.50 -7.40 -7.88
CA SER A 99 22.92 -7.69 -7.96
C SER A 99 23.17 -9.20 -8.01
N GLY A 100 23.53 -9.70 -9.19
CA GLY A 100 23.78 -11.11 -9.35
C GLY A 100 25.20 -11.40 -9.82
N PRO A 101 25.36 -11.56 -11.14
CA PRO A 101 26.67 -11.84 -11.74
C PRO A 101 27.61 -10.65 -11.66
N SER A 102 27.09 -9.51 -11.23
CA SER A 102 27.88 -8.28 -11.11
C SER A 102 28.54 -8.21 -9.74
N SER A 103 29.87 -8.19 -9.73
CA SER A 103 30.62 -8.11 -8.48
C SER A 103 30.00 -9.02 -7.41
N GLY A 104 29.62 -10.22 -7.82
CA GLY A 104 29.01 -11.16 -6.90
C GLY A 104 29.63 -12.54 -7.00
N GLY A 1 -22.54 11.69 33.52
CA GLY A 1 -23.94 11.27 33.59
C GLY A 1 -24.37 10.50 32.36
N SER A 2 -24.43 11.18 31.22
CA SER A 2 -24.83 10.55 29.97
C SER A 2 -23.65 10.46 29.00
N SER A 3 -23.53 9.32 28.32
CA SER A 3 -22.46 9.10 27.38
C SER A 3 -22.99 8.54 26.06
N GLY A 4 -22.58 9.15 24.95
CA GLY A 4 -23.02 8.70 23.64
C GLY A 4 -21.93 8.02 22.86
N SER A 5 -22.15 6.75 22.52
CA SER A 5 -21.15 5.99 21.76
C SER A 5 -21.09 6.46 20.31
N SER A 6 -19.93 6.97 19.91
CA SER A 6 -19.73 7.47 18.56
C SER A 6 -19.67 6.31 17.55
N GLY A 7 -18.87 5.31 17.88
CA GLY A 7 -18.73 4.16 17.00
C GLY A 7 -17.84 4.44 15.81
N HIS A 8 -16.78 3.64 15.66
CA HIS A 8 -15.84 3.81 14.57
C HIS A 8 -15.33 2.46 14.08
N VAL A 9 -15.67 2.10 12.84
CA VAL A 9 -15.23 0.84 12.27
C VAL A 9 -13.71 0.76 12.21
N GLY A 10 -13.20 -0.33 11.62
CA GLY A 10 -11.77 -0.52 11.52
C GLY A 10 -11.38 -1.32 10.29
N ILE A 11 -10.12 -1.74 10.25
CA ILE A 11 -9.62 -2.52 9.11
C ILE A 11 -9.69 -4.02 9.42
N THR A 12 -10.19 -4.78 8.45
CA THR A 12 -10.31 -6.22 8.61
C THR A 12 -9.13 -6.95 7.96
N LYS A 13 -8.67 -6.43 6.81
CA LYS A 13 -7.55 -7.02 6.10
C LYS A 13 -6.29 -6.20 6.30
N ARG A 14 -5.50 -6.54 7.31
CA ARG A 14 -4.26 -5.83 7.60
C ARG A 14 -3.22 -6.08 6.50
N LEU A 15 -2.38 -5.08 6.26
CA LEU A 15 -1.34 -5.20 5.24
C LEU A 15 -0.37 -6.32 5.59
N LYS A 16 0.60 -6.55 4.70
CA LYS A 16 1.60 -7.58 4.90
C LYS A 16 2.87 -7.27 4.12
N THR A 17 4.02 -7.36 4.80
CA THR A 17 5.31 -7.09 4.17
C THR A 17 5.41 -7.79 2.82
N MET A 18 5.79 -7.03 1.80
CA MET A 18 5.93 -7.58 0.45
C MET A 18 7.40 -7.79 0.11
N GLU A 19 7.74 -9.02 -0.28
CA GLU A 19 9.11 -9.35 -0.63
C GLU A 19 9.23 -9.69 -2.12
N VAL A 20 10.09 -8.95 -2.82
CA VAL A 20 10.29 -9.17 -4.25
C VAL A 20 11.74 -8.91 -4.64
N LEU A 21 12.02 -9.01 -5.94
CA LEU A 21 13.36 -8.78 -6.45
C LEU A 21 13.46 -7.43 -7.15
N GLU A 22 14.55 -6.71 -6.89
CA GLU A 22 14.76 -5.40 -7.49
C GLU A 22 14.46 -5.44 -8.99
N GLY A 23 13.75 -4.43 -9.46
CA GLY A 23 13.41 -4.36 -10.87
C GLY A 23 11.99 -4.84 -11.15
N GLU A 24 11.56 -5.85 -10.42
CA GLU A 24 10.23 -6.41 -10.59
C GLU A 24 9.16 -5.41 -10.16
N SER A 25 7.89 -5.78 -10.33
CA SER A 25 6.78 -4.92 -9.96
C SER A 25 5.73 -5.69 -9.18
N CYS A 26 5.35 -5.15 -8.03
CA CYS A 26 4.35 -5.80 -7.18
C CYS A 26 3.20 -4.83 -6.87
N SER A 27 2.18 -5.34 -6.19
CA SER A 27 1.02 -4.52 -5.83
C SER A 27 0.45 -4.95 -4.48
N PHE A 28 0.18 -3.97 -3.63
CA PHE A 28 -0.37 -4.24 -2.31
C PHE A 28 -1.89 -4.29 -2.35
N GLU A 29 -2.49 -4.70 -1.22
CA GLU A 29 -3.95 -4.79 -1.14
C GLU A 29 -4.42 -4.53 0.29
N CYS A 30 -5.46 -3.71 0.42
CA CYS A 30 -6.01 -3.38 1.73
C CYS A 30 -7.53 -3.23 1.66
N VAL A 31 -8.23 -3.97 2.51
CA VAL A 31 -9.68 -3.93 2.55
C VAL A 31 -10.18 -3.34 3.87
N LEU A 32 -11.40 -2.83 3.86
CA LEU A 32 -11.99 -2.24 5.05
C LEU A 32 -13.22 -3.03 5.51
N SER A 33 -13.43 -3.06 6.81
CA SER A 33 -14.57 -3.79 7.38
C SER A 33 -15.87 -3.38 6.71
N HIS A 34 -16.16 -2.08 6.73
CA HIS A 34 -17.38 -1.55 6.12
C HIS A 34 -17.05 -0.63 4.95
N GLU A 35 -17.89 -0.65 3.93
CA GLU A 35 -17.68 0.18 2.74
C GLU A 35 -17.42 1.63 3.14
N SER A 36 -17.22 2.48 2.14
CA SER A 36 -16.95 3.89 2.38
C SER A 36 -17.90 4.77 1.57
N ALA A 37 -17.84 6.08 1.81
CA ALA A 37 -18.68 7.03 1.10
C ALA A 37 -18.02 8.41 1.03
N SER A 38 -17.58 8.78 -0.17
CA SER A 38 -16.93 10.06 -0.38
C SER A 38 -15.75 10.23 0.58
N ASP A 39 -14.98 9.16 0.75
CA ASP A 39 -13.82 9.19 1.63
C ASP A 39 -12.57 8.68 0.92
N PRO A 40 -11.84 9.61 0.28
CA PRO A 40 -10.62 9.27 -0.46
C PRO A 40 -9.48 8.86 0.46
N ALA A 41 -8.61 7.97 -0.03
CA ALA A 41 -7.48 7.49 0.74
C ALA A 41 -6.21 8.28 0.41
N MET A 42 -5.12 7.93 1.08
CA MET A 42 -3.84 8.60 0.85
C MET A 42 -2.68 7.66 1.12
N TRP A 43 -1.97 7.28 0.06
CA TRP A 43 -0.83 6.37 0.19
C TRP A 43 0.46 7.15 0.41
N THR A 44 1.13 6.88 1.52
CA THR A 44 2.38 7.56 1.85
C THR A 44 3.53 6.56 1.98
N VAL A 45 4.36 6.51 0.95
CA VAL A 45 5.51 5.61 0.94
C VAL A 45 6.82 6.37 1.00
N GLY A 46 7.62 6.10 2.04
CA GLY A 46 8.89 6.78 2.19
C GLY A 46 8.75 8.11 2.91
N GLY A 47 7.78 8.91 2.50
CA GLY A 47 7.57 10.20 3.12
C GLY A 47 7.05 11.24 2.13
N LYS A 48 6.07 10.84 1.33
CA LYS A 48 5.49 11.74 0.34
C LYS A 48 4.16 11.19 -0.18
N THR A 49 3.35 12.07 -0.76
CA THR A 49 2.05 11.67 -1.30
C THR A 49 2.19 11.11 -2.70
N VAL A 50 1.79 9.85 -2.88
CA VAL A 50 1.87 9.21 -4.18
C VAL A 50 0.53 9.28 -4.92
N GLY A 51 0.55 8.96 -6.21
CA GLY A 51 -0.67 8.99 -7.00
C GLY A 51 -0.43 9.52 -8.40
N SER A 52 0.25 10.65 -8.50
CA SER A 52 0.54 11.26 -9.79
C SER A 52 1.93 10.86 -10.29
N SER A 53 2.26 9.58 -10.11
CA SER A 53 3.57 9.07 -10.53
C SER A 53 3.42 7.73 -11.23
N SER A 54 3.91 7.66 -12.47
CA SER A 54 3.83 6.42 -13.25
C SER A 54 4.21 5.21 -12.40
N ARG A 55 5.25 5.38 -11.58
CA ARG A 55 5.72 4.31 -10.71
C ARG A 55 4.57 3.73 -9.89
N PHE A 56 4.00 4.55 -9.01
CA PHE A 56 2.90 4.13 -8.16
C PHE A 56 1.56 4.30 -8.89
N GLN A 57 0.68 3.32 -8.72
CA GLN A 57 -0.63 3.35 -9.36
C GLN A 57 -1.73 3.03 -8.35
N ALA A 58 -2.22 4.06 -7.66
CA ALA A 58 -3.27 3.88 -6.66
C ALA A 58 -4.62 3.63 -7.34
N THR A 59 -5.00 2.36 -7.46
CA THR A 59 -6.25 2.00 -8.09
C THR A 59 -7.37 1.91 -7.05
N ARG A 60 -8.61 1.86 -7.53
CA ARG A 60 -9.78 1.77 -6.64
C ARG A 60 -10.74 0.69 -7.12
N GLN A 61 -11.11 -0.20 -6.22
CA GLN A 61 -12.02 -1.28 -6.54
C GLN A 61 -12.98 -1.57 -5.38
N GLY A 62 -14.24 -1.19 -5.56
CA GLY A 62 -15.23 -1.40 -4.52
C GLY A 62 -14.84 -0.75 -3.20
N ARG A 63 -14.26 -1.54 -2.31
CA ARG A 63 -13.84 -1.03 -1.01
C ARG A 63 -12.38 -1.39 -0.73
N LYS A 64 -11.71 -1.92 -1.73
CA LYS A 64 -10.30 -2.31 -1.60
C LYS A 64 -9.40 -1.39 -2.41
N TYR A 65 -8.18 -1.17 -1.92
CA TYR A 65 -7.23 -0.32 -2.60
C TYR A 65 -5.93 -1.06 -2.90
N ILE A 66 -5.38 -0.85 -4.09
CA ILE A 66 -4.15 -1.51 -4.48
C ILE A 66 -3.13 -0.50 -5.00
N LEU A 67 -1.97 -0.46 -4.36
CA LEU A 67 -0.91 0.46 -4.75
C LEU A 67 0.19 -0.26 -5.52
N VAL A 68 -0.05 -0.49 -6.81
CA VAL A 68 0.91 -1.17 -7.67
C VAL A 68 2.21 -0.37 -7.78
N VAL A 69 3.31 -0.95 -7.32
CA VAL A 69 4.60 -0.30 -7.39
C VAL A 69 5.44 -0.83 -8.54
N ARG A 70 5.88 0.08 -9.41
CA ARG A 70 6.70 -0.30 -10.56
C ARG A 70 8.10 0.29 -10.45
N GLU A 71 9.07 -0.39 -11.06
CA GLU A 71 10.46 0.07 -11.03
C GLU A 71 10.96 0.19 -9.60
N ALA A 72 10.82 -0.89 -8.83
CA ALA A 72 11.25 -0.91 -7.44
C ALA A 72 12.75 -0.63 -7.34
N ALA A 73 13.21 -0.36 -6.13
CA ALA A 73 14.62 -0.09 -5.89
C ALA A 73 14.99 -0.30 -4.43
N PRO A 74 16.29 -0.54 -4.17
CA PRO A 74 16.80 -0.76 -2.81
C PRO A 74 16.76 0.49 -1.97
N SER A 75 16.25 1.57 -2.54
CA SER A 75 16.17 2.85 -1.84
C SER A 75 14.76 3.06 -1.26
N ASP A 76 13.76 2.55 -1.98
CA ASP A 76 12.37 2.68 -1.54
C ASP A 76 12.10 1.78 -0.35
N ALA A 77 12.91 0.74 -0.18
CA ALA A 77 12.75 -0.19 0.92
C ALA A 77 12.77 0.54 2.27
N GLY A 78 11.64 0.52 2.97
CA GLY A 78 11.54 1.18 4.25
C GLY A 78 10.32 0.76 5.04
N GLU A 79 9.24 1.51 4.89
CA GLU A 79 8.00 1.20 5.61
C GLU A 79 6.81 1.86 4.92
N VAL A 80 5.91 1.04 4.40
CA VAL A 80 4.72 1.55 3.72
C VAL A 80 3.61 1.88 4.71
N VAL A 81 3.20 3.15 4.72
CA VAL A 81 2.15 3.59 5.63
C VAL A 81 0.92 4.06 4.86
N PHE A 82 -0.19 3.35 5.03
CA PHE A 82 -1.42 3.71 4.34
C PHE A 82 -2.36 4.48 5.27
N SER A 83 -3.35 5.15 4.68
CA SER A 83 -4.29 5.94 5.45
C SER A 83 -5.63 6.05 4.72
N VAL A 84 -6.71 6.17 5.48
CA VAL A 84 -8.05 6.28 4.91
C VAL A 84 -9.05 6.78 5.94
N ARG A 85 -9.87 7.76 5.54
CA ARG A 85 -10.87 8.31 6.44
C ARG A 85 -10.40 8.27 7.88
N GLY A 86 -9.13 8.60 8.09
CA GLY A 86 -8.57 8.60 9.43
C GLY A 86 -7.71 7.39 9.70
N LEU A 87 -8.22 6.21 9.35
CA LEU A 87 -7.49 4.96 9.55
C LEU A 87 -6.07 5.07 9.00
N THR A 88 -5.16 4.27 9.56
CA THR A 88 -3.77 4.27 9.12
C THR A 88 -3.11 2.92 9.37
N SER A 89 -2.44 2.39 8.35
CA SER A 89 -1.76 1.10 8.47
C SER A 89 -0.28 1.24 8.15
N LYS A 90 0.50 0.22 8.51
CA LYS A 90 1.93 0.22 8.25
C LYS A 90 2.39 -1.14 7.73
N ALA A 91 3.49 -1.14 6.98
CA ALA A 91 4.03 -2.37 6.42
C ALA A 91 5.50 -2.20 6.04
N SER A 92 6.17 -3.31 5.79
CA SER A 92 7.59 -3.29 5.42
C SER A 92 7.80 -3.82 4.01
N LEU A 93 8.59 -3.11 3.22
CA LEU A 93 8.87 -3.50 1.84
C LEU A 93 10.29 -4.04 1.71
N ILE A 94 10.44 -5.13 0.98
CA ILE A 94 11.75 -5.74 0.77
C ILE A 94 12.20 -5.60 -0.68
N VAL A 95 13.51 -5.54 -0.89
CA VAL A 95 14.07 -5.40 -2.23
C VAL A 95 15.41 -6.11 -2.33
N ARG A 96 15.45 -7.19 -3.09
CA ARG A 96 16.68 -7.96 -3.29
C ARG A 96 17.33 -7.62 -4.62
N GLU A 97 18.56 -7.10 -4.55
CA GLU A 97 19.30 -6.74 -5.76
C GLU A 97 19.61 -7.98 -6.60
N ARG A 98 19.38 -7.87 -7.91
CA ARG A 98 19.64 -8.96 -8.82
C ARG A 98 21.11 -9.38 -8.80
N SER A 99 21.97 -8.45 -9.20
CA SER A 99 23.41 -8.71 -9.22
C SER A 99 23.89 -9.23 -7.87
N GLY A 100 24.75 -10.24 -7.91
CA GLY A 100 25.27 -10.82 -6.68
C GLY A 100 26.04 -12.10 -6.93
N PRO A 101 26.20 -12.92 -5.87
CA PRO A 101 26.91 -14.19 -5.95
C PRO A 101 26.16 -15.23 -6.76
N SER A 102 24.87 -14.98 -7.00
CA SER A 102 24.04 -15.89 -7.76
C SER A 102 24.81 -16.49 -8.93
N SER A 103 25.21 -17.75 -8.80
CA SER A 103 25.96 -18.43 -9.84
C SER A 103 25.23 -18.37 -11.17
N GLY A 104 25.80 -19.00 -12.19
CA GLY A 104 25.19 -19.01 -13.50
C GLY A 104 24.80 -20.40 -13.96
N GLY A 1 -22.87 -7.94 29.35
CA GLY A 1 -22.81 -7.52 27.96
C GLY A 1 -22.38 -8.64 27.04
N SER A 2 -22.90 -8.62 25.82
CA SER A 2 -22.56 -9.65 24.83
C SER A 2 -21.07 -9.94 24.84
N SER A 3 -20.71 -11.19 24.56
CA SER A 3 -19.31 -11.60 24.54
C SER A 3 -18.72 -11.42 23.15
N GLY A 4 -17.76 -10.51 23.04
CA GLY A 4 -17.12 -10.26 21.75
C GLY A 4 -16.78 -8.80 21.56
N SER A 5 -15.77 -8.53 20.74
CA SER A 5 -15.32 -7.17 20.47
C SER A 5 -16.35 -6.41 19.63
N SER A 6 -16.64 -5.18 20.01
CA SER A 6 -17.61 -4.36 19.29
C SER A 6 -17.44 -2.89 19.65
N GLY A 7 -17.60 -2.03 18.65
CA GLY A 7 -17.47 -0.60 18.86
C GLY A 7 -17.51 0.20 17.58
N HIS A 8 -16.34 0.40 16.96
CA HIS A 8 -16.25 1.15 15.72
C HIS A 8 -15.65 0.30 14.62
N VAL A 9 -15.62 0.84 13.41
CA VAL A 9 -15.07 0.13 12.25
C VAL A 9 -13.55 0.17 12.27
N GLY A 10 -12.93 -0.95 11.88
CA GLY A 10 -11.48 -1.02 11.85
C GLY A 10 -10.97 -1.97 10.78
N ILE A 11 -10.00 -1.50 10.01
CA ILE A 11 -9.42 -2.31 8.94
C ILE A 11 -9.38 -3.78 9.33
N THR A 12 -9.98 -4.62 8.48
CA THR A 12 -10.02 -6.05 8.73
C THR A 12 -8.79 -6.74 8.16
N LYS A 13 -8.31 -6.26 7.01
CA LYS A 13 -7.14 -6.83 6.37
C LYS A 13 -5.95 -5.89 6.48
N ARG A 14 -4.96 -6.28 7.29
CA ARG A 14 -3.76 -5.47 7.48
C ARG A 14 -2.74 -5.75 6.39
N LEU A 15 -1.95 -4.73 6.05
CA LEU A 15 -0.93 -4.88 5.01
C LEU A 15 0.14 -5.89 5.44
N LYS A 16 0.37 -6.88 4.59
CA LYS A 16 1.37 -7.90 4.88
C LYS A 16 2.69 -7.59 4.17
N THR A 17 3.80 -7.98 4.80
CA THR A 17 5.12 -7.74 4.23
C THR A 17 5.33 -8.56 2.97
N MET A 18 5.88 -7.92 1.93
CA MET A 18 6.12 -8.59 0.66
C MET A 18 7.61 -8.69 0.39
N GLU A 19 7.99 -9.54 -0.57
CA GLU A 19 9.38 -9.73 -0.92
C GLU A 19 9.55 -9.83 -2.44
N VAL A 20 10.21 -8.83 -3.03
CA VAL A 20 10.42 -8.81 -4.47
C VAL A 20 11.89 -8.51 -4.79
N LEU A 21 12.23 -8.57 -6.07
CA LEU A 21 13.59 -8.30 -6.52
C LEU A 21 13.69 -6.94 -7.20
N GLU A 22 14.74 -6.19 -6.86
CA GLU A 22 14.94 -4.86 -7.44
C GLU A 22 14.47 -4.83 -8.89
N GLY A 23 13.81 -3.74 -9.26
CA GLY A 23 13.32 -3.60 -10.63
C GLY A 23 11.91 -4.16 -10.79
N GLU A 24 11.68 -5.33 -10.20
CA GLU A 24 10.37 -5.98 -10.29
C GLU A 24 9.27 -5.03 -9.84
N SER A 25 8.02 -5.46 -10.00
CA SER A 25 6.87 -4.66 -9.62
C SER A 25 5.91 -5.46 -8.75
N CYS A 26 5.55 -4.89 -7.59
CA CYS A 26 4.64 -5.56 -6.67
C CYS A 26 3.36 -4.75 -6.49
N SER A 27 2.35 -5.38 -5.91
CA SER A 27 1.07 -4.72 -5.69
C SER A 27 0.47 -5.13 -4.34
N PHE A 28 0.25 -4.15 -3.48
CA PHE A 28 -0.30 -4.39 -2.15
C PHE A 28 -1.83 -4.41 -2.20
N GLU A 29 -2.45 -4.76 -1.09
CA GLU A 29 -3.91 -4.81 -1.00
C GLU A 29 -4.38 -4.44 0.41
N CYS A 30 -5.46 -3.66 0.47
CA CYS A 30 -6.02 -3.23 1.75
C CYS A 30 -7.54 -3.17 1.68
N VAL A 31 -8.20 -3.88 2.59
CA VAL A 31 -9.65 -3.89 2.63
C VAL A 31 -10.18 -3.38 3.97
N LEU A 32 -11.36 -2.79 3.95
CA LEU A 32 -11.97 -2.25 5.17
C LEU A 32 -13.21 -3.06 5.55
N SER A 33 -13.49 -3.10 6.85
CA SER A 33 -14.65 -3.84 7.36
C SER A 33 -15.95 -3.20 6.87
N HIS A 34 -15.96 -1.87 6.79
CA HIS A 34 -17.14 -1.15 6.35
C HIS A 34 -16.93 -0.59 4.94
N GLU A 35 -17.60 -1.20 3.97
CA GLU A 35 -17.49 -0.76 2.58
C GLU A 35 -17.37 0.75 2.49
N SER A 36 -16.75 1.23 1.41
CA SER A 36 -16.57 2.67 1.21
C SER A 36 -17.25 3.13 -0.06
N ALA A 37 -17.99 4.23 0.04
CA ALA A 37 -18.70 4.78 -1.11
C ALA A 37 -17.97 5.98 -1.69
N SER A 38 -17.75 7.00 -0.85
CA SER A 38 -17.06 8.20 -1.28
C SER A 38 -15.94 8.57 -0.30
N ASP A 39 -15.16 7.58 0.08
CA ASP A 39 -14.05 7.79 1.02
C ASP A 39 -12.72 7.77 0.28
N PRO A 40 -12.26 8.96 -0.14
CA PRO A 40 -10.99 9.10 -0.86
C PRO A 40 -9.78 8.84 0.05
N ALA A 41 -8.99 7.85 -0.31
CA ALA A 41 -7.80 7.50 0.45
C ALA A 41 -6.53 7.94 -0.27
N MET A 42 -5.42 7.99 0.46
CA MET A 42 -4.14 8.38 -0.11
C MET A 42 -3.03 7.44 0.34
N TRP A 43 -2.19 7.02 -0.61
CA TRP A 43 -1.08 6.12 -0.30
C TRP A 43 0.22 6.90 -0.15
N THR A 44 1.10 6.40 0.70
CA THR A 44 2.39 7.04 0.95
C THR A 44 3.48 6.01 1.21
N VAL A 45 4.59 6.13 0.49
CA VAL A 45 5.71 5.21 0.65
C VAL A 45 7.04 5.96 0.69
N GLY A 46 7.69 5.94 1.84
CA GLY A 46 8.97 6.62 1.98
C GLY A 46 8.82 8.12 2.01
N GLY A 47 7.71 8.60 2.58
CA GLY A 47 7.46 10.03 2.65
C GLY A 47 7.37 10.68 1.29
N LYS A 48 6.47 10.17 0.46
CA LYS A 48 6.27 10.68 -0.89
C LYS A 48 4.85 10.45 -1.38
N THR A 49 4.23 11.48 -1.93
CA THR A 49 2.87 11.38 -2.43
C THR A 49 2.84 10.76 -3.83
N VAL A 50 2.61 9.47 -3.88
CA VAL A 50 2.56 8.75 -5.15
C VAL A 50 1.18 8.88 -5.80
N GLY A 51 0.15 8.54 -5.02
CA GLY A 51 -1.22 8.63 -5.53
C GLY A 51 -1.32 8.22 -6.99
N SER A 52 -1.78 9.13 -7.83
CA SER A 52 -1.93 8.87 -9.25
C SER A 52 -0.65 9.21 -10.00
N SER A 53 0.14 8.19 -10.32
CA SER A 53 1.39 8.38 -11.04
C SER A 53 1.92 7.07 -11.58
N SER A 54 3.00 7.14 -12.35
CA SER A 54 3.59 5.94 -12.94
C SER A 54 4.35 5.13 -11.89
N ARG A 55 4.31 5.60 -10.65
CA ARG A 55 4.98 4.93 -9.55
C ARG A 55 4.09 4.85 -8.33
N PHE A 56 3.79 3.62 -7.89
CA PHE A 56 2.94 3.40 -6.73
C PHE A 56 1.56 3.99 -6.95
N GLN A 57 0.94 3.62 -8.08
CA GLN A 57 -0.39 4.11 -8.42
C GLN A 57 -1.42 3.60 -7.42
N ALA A 58 -2.42 4.43 -7.11
CA ALA A 58 -3.47 4.06 -6.17
C ALA A 58 -4.76 3.74 -6.91
N THR A 59 -5.02 2.45 -7.14
CA THR A 59 -6.21 2.02 -7.84
C THR A 59 -7.37 1.82 -6.87
N ARG A 60 -8.50 2.46 -7.16
CA ARG A 60 -9.68 2.35 -6.31
C ARG A 60 -10.64 1.28 -6.83
N GLN A 61 -10.90 0.27 -6.02
CA GLN A 61 -11.80 -0.81 -6.40
C GLN A 61 -12.76 -1.16 -5.26
N GLY A 62 -14.04 -0.91 -5.48
CA GLY A 62 -15.03 -1.20 -4.47
C GLY A 62 -14.55 -0.86 -3.07
N ARG A 63 -14.53 -1.85 -2.19
CA ARG A 63 -14.09 -1.64 -0.82
C ARG A 63 -12.67 -2.17 -0.61
N LYS A 64 -11.81 -1.93 -1.58
CA LYS A 64 -10.43 -2.38 -1.51
C LYS A 64 -9.49 -1.41 -2.21
N TYR A 65 -8.27 -1.30 -1.71
CA TYR A 65 -7.29 -0.39 -2.30
C TYR A 65 -5.99 -1.14 -2.65
N ILE A 66 -5.52 -0.96 -3.87
CA ILE A 66 -4.30 -1.61 -4.33
C ILE A 66 -3.27 -0.59 -4.81
N LEU A 67 -2.04 -0.75 -4.35
CA LEU A 67 -0.95 0.16 -4.74
C LEU A 67 0.00 -0.51 -5.72
N VAL A 68 -0.12 -0.15 -6.99
CA VAL A 68 0.74 -0.71 -8.03
C VAL A 68 2.15 -0.17 -7.93
N VAL A 69 3.05 -0.97 -7.36
CA VAL A 69 4.45 -0.57 -7.20
C VAL A 69 5.23 -0.80 -8.49
N ARG A 70 5.63 0.28 -9.13
CA ARG A 70 6.40 0.20 -10.37
C ARG A 70 7.75 0.88 -10.22
N GLU A 71 8.78 0.28 -10.80
CA GLU A 71 10.13 0.83 -10.74
C GLU A 71 10.67 0.78 -9.31
N ALA A 72 10.52 -0.38 -8.67
CA ALA A 72 10.99 -0.57 -7.31
C ALA A 72 12.50 -0.40 -7.22
N ALA A 73 12.98 0.02 -6.06
CA ALA A 73 14.41 0.22 -5.85
C ALA A 73 14.83 -0.27 -4.47
N PRO A 74 16.13 -0.60 -4.34
CA PRO A 74 16.69 -1.10 -3.08
C PRO A 74 16.75 -0.02 -2.00
N SER A 75 16.42 1.21 -2.39
CA SER A 75 16.44 2.34 -1.46
C SER A 75 15.04 2.64 -0.94
N ASP A 76 14.03 2.27 -1.73
CA ASP A 76 12.64 2.50 -1.36
C ASP A 76 12.28 1.70 -0.12
N ALA A 77 12.84 0.49 -0.01
CA ALA A 77 12.57 -0.37 1.13
C ALA A 77 12.62 0.41 2.44
N GLY A 78 11.49 0.49 3.13
CA GLY A 78 11.44 1.21 4.39
C GLY A 78 10.20 0.87 5.20
N GLU A 79 9.11 1.61 4.97
CA GLU A 79 7.87 1.37 5.68
C GLU A 79 6.68 1.92 4.89
N VAL A 80 5.82 1.02 4.42
CA VAL A 80 4.65 1.41 3.65
C VAL A 80 3.50 1.81 4.57
N VAL A 81 2.92 2.98 4.31
CA VAL A 81 1.80 3.48 5.10
C VAL A 81 0.61 3.81 4.23
N PHE A 82 -0.58 3.50 4.73
CA PHE A 82 -1.81 3.77 3.99
C PHE A 82 -2.88 4.37 4.90
N SER A 83 -3.26 5.62 4.62
CA SER A 83 -4.26 6.32 5.41
C SER A 83 -5.58 6.41 4.67
N VAL A 84 -6.68 6.42 5.41
CA VAL A 84 -8.01 6.51 4.82
C VAL A 84 -9.04 6.95 5.84
N ARG A 85 -9.74 8.05 5.52
CA ARG A 85 -10.75 8.59 6.42
C ARG A 85 -10.26 8.61 7.86
N GLY A 86 -8.94 8.72 8.02
CA GLY A 86 -8.36 8.76 9.35
C GLY A 86 -7.49 7.54 9.64
N LEU A 87 -8.05 6.36 9.39
CA LEU A 87 -7.34 5.11 9.64
C LEU A 87 -5.94 5.16 9.03
N THR A 88 -5.07 4.26 9.46
CA THR A 88 -3.70 4.19 8.97
C THR A 88 -3.09 2.81 9.19
N SER A 89 -2.42 2.30 8.17
CA SER A 89 -1.79 0.98 8.25
C SER A 89 -0.28 1.09 8.06
N LYS A 90 0.43 0.01 8.40
CA LYS A 90 1.88 -0.02 8.26
C LYS A 90 2.35 -1.36 7.72
N ALA A 91 3.49 -1.36 7.04
CA ALA A 91 4.05 -2.58 6.47
C ALA A 91 5.51 -2.38 6.09
N SER A 92 6.20 -3.49 5.84
CA SER A 92 7.61 -3.45 5.46
C SER A 92 7.81 -3.94 4.04
N LEU A 93 8.60 -3.20 3.27
CA LEU A 93 8.87 -3.56 1.87
C LEU A 93 10.32 -4.01 1.69
N ILE A 94 10.50 -5.25 1.27
CA ILE A 94 11.84 -5.79 1.06
C ILE A 94 12.21 -5.78 -0.43
N VAL A 95 13.44 -5.37 -0.72
CA VAL A 95 13.91 -5.31 -2.09
C VAL A 95 15.34 -5.82 -2.19
N ARG A 96 15.51 -6.99 -2.80
CA ARG A 96 16.83 -7.60 -2.97
C ARG A 96 17.43 -7.23 -4.32
N GLU A 97 18.59 -6.61 -4.29
CA GLU A 97 19.28 -6.20 -5.52
C GLU A 97 19.68 -7.42 -6.35
N ARG A 98 19.40 -7.36 -7.65
CA ARG A 98 19.73 -8.46 -8.55
C ARG A 98 21.20 -8.85 -8.41
N SER A 99 21.44 -10.15 -8.23
CA SER A 99 22.81 -10.65 -8.08
C SER A 99 23.18 -11.55 -9.26
N GLY A 100 24.48 -11.71 -9.48
CA GLY A 100 24.95 -12.55 -10.56
C GLY A 100 25.73 -11.77 -11.60
N PRO A 101 27.06 -11.67 -11.40
CA PRO A 101 27.94 -10.95 -12.32
C PRO A 101 28.09 -11.66 -13.66
N SER A 102 27.91 -12.99 -13.65
CA SER A 102 28.03 -13.79 -14.86
C SER A 102 27.05 -13.32 -15.92
N SER A 103 27.10 -13.96 -17.09
CA SER A 103 26.20 -13.61 -18.18
C SER A 103 24.81 -14.18 -17.95
N GLY A 104 23.80 -13.33 -18.09
CA GLY A 104 22.43 -13.76 -17.89
C GLY A 104 22.10 -15.03 -18.66
N GLY A 1 -31.34 -1.01 10.70
CA GLY A 1 -31.86 -2.20 11.33
C GLY A 1 -30.86 -3.35 11.30
N SER A 2 -30.00 -3.41 12.32
CA SER A 2 -29.00 -4.46 12.39
C SER A 2 -29.00 -5.11 13.77
N SER A 3 -28.79 -6.42 13.81
CA SER A 3 -28.78 -7.16 15.05
C SER A 3 -27.54 -6.81 15.88
N GLY A 4 -26.38 -6.87 15.26
CA GLY A 4 -25.14 -6.55 15.95
C GLY A 4 -25.06 -5.09 16.33
N SER A 5 -24.02 -4.74 17.09
CA SER A 5 -23.83 -3.36 17.53
C SER A 5 -22.34 -3.02 17.59
N SER A 6 -21.97 -1.93 16.92
CA SER A 6 -20.58 -1.49 16.89
C SER A 6 -20.47 -0.06 16.37
N GLY A 7 -19.58 0.72 16.98
CA GLY A 7 -19.40 2.09 16.57
C GLY A 7 -18.44 2.23 15.40
N HIS A 8 -17.33 2.93 15.61
CA HIS A 8 -16.33 3.12 14.57
C HIS A 8 -15.95 1.80 13.93
N VAL A 9 -15.13 1.86 12.89
CA VAL A 9 -14.68 0.67 12.19
C VAL A 9 -13.16 0.48 12.32
N GLY A 10 -12.66 -0.62 11.78
CA GLY A 10 -11.23 -0.89 11.86
C GLY A 10 -10.79 -1.90 10.81
N ILE A 11 -9.76 -1.54 10.04
CA ILE A 11 -9.24 -2.42 9.00
C ILE A 11 -9.23 -3.88 9.47
N THR A 12 -9.74 -4.76 8.61
CA THR A 12 -9.79 -6.18 8.94
C THR A 12 -8.65 -6.94 8.27
N LYS A 13 -8.22 -6.45 7.10
CA LYS A 13 -7.13 -7.08 6.37
C LYS A 13 -5.91 -6.16 6.31
N ARG A 14 -5.28 -5.96 7.47
CA ARG A 14 -4.10 -5.11 7.55
C ARG A 14 -3.05 -5.54 6.54
N LEU A 15 -2.30 -4.57 6.02
CA LEU A 15 -1.25 -4.86 5.04
C LEU A 15 -0.33 -5.97 5.52
N LYS A 16 0.37 -6.60 4.60
CA LYS A 16 1.29 -7.69 4.93
C LYS A 16 2.67 -7.43 4.33
N THR A 17 3.70 -7.89 5.02
CA THR A 17 5.07 -7.71 4.55
C THR A 17 5.32 -8.51 3.28
N MET A 18 5.68 -7.82 2.20
CA MET A 18 5.94 -8.46 0.93
C MET A 18 7.44 -8.71 0.74
N GLU A 19 7.80 -9.25 -0.41
CA GLU A 19 9.21 -9.54 -0.71
C GLU A 19 9.42 -9.73 -2.21
N VAL A 20 10.09 -8.76 -2.83
CA VAL A 20 10.35 -8.82 -4.26
C VAL A 20 11.81 -8.50 -4.56
N LEU A 21 12.17 -8.53 -5.84
CA LEU A 21 13.54 -8.25 -6.26
C LEU A 21 13.60 -6.97 -7.08
N GLU A 22 14.65 -6.19 -6.86
CA GLU A 22 14.83 -4.93 -7.59
C GLU A 22 14.53 -5.11 -9.08
N GLY A 23 13.59 -4.32 -9.59
CA GLY A 23 13.24 -4.41 -10.99
C GLY A 23 11.85 -4.98 -11.19
N GLU A 24 11.42 -5.84 -10.28
CA GLU A 24 10.11 -6.47 -10.37
C GLU A 24 9.01 -5.47 -10.02
N SER A 25 7.76 -5.88 -10.21
CA SER A 25 6.61 -5.02 -9.93
C SER A 25 5.63 -5.73 -9.00
N CYS A 26 5.26 -5.05 -7.92
CA CYS A 26 4.31 -5.62 -6.96
C CYS A 26 3.13 -4.66 -6.73
N SER A 27 2.24 -5.05 -5.83
CA SER A 27 1.07 -4.24 -5.53
C SER A 27 0.51 -4.58 -4.14
N PHE A 28 0.31 -3.56 -3.33
CA PHE A 28 -0.21 -3.74 -1.98
C PHE A 28 -1.74 -3.58 -1.96
N GLU A 29 -2.42 -4.55 -1.35
CA GLU A 29 -3.87 -4.52 -1.26
C GLU A 29 -4.32 -4.28 0.18
N CYS A 30 -5.33 -3.42 0.34
CA CYS A 30 -5.86 -3.10 1.66
C CYS A 30 -7.38 -3.07 1.65
N VAL A 31 -7.99 -3.84 2.54
CA VAL A 31 -9.44 -3.90 2.63
C VAL A 31 -9.95 -3.22 3.90
N LEU A 32 -11.20 -2.77 3.86
CA LEU A 32 -11.79 -2.10 5.01
C LEU A 32 -13.04 -2.84 5.48
N SER A 33 -13.20 -2.93 6.80
CA SER A 33 -14.35 -3.61 7.39
C SER A 33 -15.65 -3.17 6.72
N HIS A 34 -15.84 -1.86 6.62
CA HIS A 34 -17.04 -1.31 6.00
C HIS A 34 -16.76 -0.85 4.57
N GLU A 35 -17.74 -1.03 3.70
CA GLU A 35 -17.59 -0.63 2.29
C GLU A 35 -17.02 0.78 2.19
N SER A 36 -16.44 1.09 1.03
CA SER A 36 -15.86 2.41 0.81
C SER A 36 -16.86 3.33 0.11
N ALA A 37 -17.16 4.45 0.75
CA ALA A 37 -18.10 5.42 0.18
C ALA A 37 -17.37 6.61 -0.43
N SER A 38 -16.68 6.36 -1.54
CA SER A 38 -15.93 7.41 -2.23
C SER A 38 -15.07 8.19 -1.23
N ASP A 39 -14.25 7.47 -0.48
CA ASP A 39 -13.37 8.09 0.51
C ASP A 39 -11.96 8.27 -0.06
N PRO A 40 -11.28 9.35 0.36
CA PRO A 40 -9.93 9.67 -0.09
C PRO A 40 -8.90 8.69 0.45
N ALA A 41 -7.80 8.52 -0.29
CA ALA A 41 -6.73 7.62 0.12
C ALA A 41 -5.37 8.16 -0.29
N MET A 42 -4.52 8.40 0.71
CA MET A 42 -3.17 8.91 0.46
C MET A 42 -2.11 7.84 0.72
N TRP A 43 -1.82 7.04 -0.30
CA TRP A 43 -0.82 5.98 -0.17
C TRP A 43 0.56 6.57 0.07
N THR A 44 1.15 6.22 1.21
CA THR A 44 2.48 6.71 1.57
C THR A 44 3.46 5.56 1.75
N VAL A 45 4.44 5.49 0.86
CA VAL A 45 5.44 4.43 0.92
C VAL A 45 6.85 5.01 1.08
N GLY A 46 7.31 5.11 2.31
CA GLY A 46 8.63 5.65 2.57
C GLY A 46 8.58 6.94 3.39
N GLY A 47 7.52 7.70 3.22
CA GLY A 47 7.38 8.94 3.94
C GLY A 47 6.84 10.07 3.08
N LYS A 48 5.97 9.74 2.13
CA LYS A 48 5.40 10.72 1.24
C LYS A 48 4.30 10.10 0.37
N THR A 49 3.29 10.90 0.04
CA THR A 49 2.19 10.42 -0.79
C THR A 49 2.65 10.10 -2.21
N VAL A 50 1.92 9.23 -2.89
CA VAL A 50 2.28 8.85 -4.25
C VAL A 50 1.04 8.84 -5.15
N GLY A 51 1.27 8.85 -6.46
CA GLY A 51 0.17 8.85 -7.40
C GLY A 51 0.61 9.15 -8.82
N SER A 52 1.80 8.67 -9.18
CA SER A 52 2.34 8.90 -10.51
C SER A 52 1.43 8.33 -11.58
N SER A 53 1.85 8.42 -12.84
CA SER A 53 1.07 7.91 -13.96
C SER A 53 1.16 6.39 -14.04
N SER A 54 2.37 5.87 -13.82
CA SER A 54 2.60 4.44 -13.88
C SER A 54 3.27 3.94 -12.61
N ARG A 55 4.41 4.53 -12.28
CA ARG A 55 5.16 4.15 -11.09
C ARG A 55 4.22 3.75 -9.96
N PHE A 56 3.50 4.74 -9.42
CA PHE A 56 2.55 4.49 -8.34
C PHE A 56 1.12 4.61 -8.83
N GLN A 57 0.50 3.47 -9.09
CA GLN A 57 -0.88 3.43 -9.57
C GLN A 57 -1.84 3.08 -8.44
N ALA A 58 -2.45 4.10 -7.84
CA ALA A 58 -3.39 3.88 -6.75
C ALA A 58 -4.81 3.65 -7.29
N THR A 59 -5.14 2.38 -7.52
CA THR A 59 -6.46 2.03 -8.03
C THR A 59 -7.44 1.80 -6.89
N ARG A 60 -8.73 2.02 -7.17
CA ARG A 60 -9.77 1.84 -6.17
C ARG A 60 -10.80 0.82 -6.64
N GLN A 61 -10.78 -0.37 -6.04
CA GLN A 61 -11.71 -1.43 -6.39
C GLN A 61 -12.64 -1.74 -5.23
N GLY A 62 -13.93 -1.42 -5.39
CA GLY A 62 -14.90 -1.68 -4.35
C GLY A 62 -14.40 -1.27 -2.98
N ARG A 63 -14.60 -2.14 -1.99
CA ARG A 63 -14.16 -1.85 -0.63
C ARG A 63 -12.69 -2.22 -0.44
N LYS A 64 -11.95 -2.25 -1.53
CA LYS A 64 -10.53 -2.59 -1.50
C LYS A 64 -9.72 -1.63 -2.35
N TYR A 65 -8.42 -1.55 -2.08
CA TYR A 65 -7.53 -0.67 -2.83
C TYR A 65 -6.27 -1.40 -3.26
N ILE A 66 -5.65 -0.93 -4.34
CA ILE A 66 -4.43 -1.55 -4.84
C ILE A 66 -3.48 -0.49 -5.38
N LEU A 67 -2.27 -0.44 -4.83
CA LEU A 67 -1.26 0.51 -5.26
C LEU A 67 -0.11 -0.19 -5.98
N VAL A 68 -0.20 -0.24 -7.30
CA VAL A 68 0.83 -0.89 -8.11
C VAL A 68 2.14 -0.12 -8.04
N VAL A 69 3.20 -0.80 -7.59
CA VAL A 69 4.51 -0.18 -7.47
C VAL A 69 5.45 -0.68 -8.56
N ARG A 70 5.73 0.19 -9.54
CA ARG A 70 6.61 -0.16 -10.64
C ARG A 70 8.03 0.35 -10.39
N GLU A 71 9.01 -0.30 -11.01
CA GLU A 71 10.40 0.08 -10.85
C GLU A 71 10.79 0.12 -9.37
N ALA A 72 10.54 -0.98 -8.68
CA ALA A 72 10.86 -1.08 -7.26
C ALA A 72 12.35 -0.82 -7.02
N ALA A 73 12.64 0.10 -6.11
CA ALA A 73 14.02 0.44 -5.78
C ALA A 73 14.34 0.10 -4.33
N PRO A 74 15.63 -0.13 -4.05
CA PRO A 74 16.10 -0.46 -2.70
C PRO A 74 16.00 0.72 -1.73
N SER A 75 15.59 1.87 -2.26
CA SER A 75 15.46 3.07 -1.46
C SER A 75 14.01 3.28 -1.02
N ASP A 76 13.07 2.86 -1.87
CA ASP A 76 11.66 3.00 -1.58
C ASP A 76 11.25 2.08 -0.43
N ALA A 77 11.96 0.97 -0.28
CA ALA A 77 11.67 0.01 0.78
C ALA A 77 11.72 0.68 2.16
N GLY A 78 11.59 -0.11 3.21
CA GLY A 78 11.62 0.43 4.55
C GLY A 78 10.30 0.24 5.28
N GLU A 79 9.26 0.93 4.82
CA GLU A 79 7.94 0.84 5.43
C GLU A 79 6.87 1.38 4.49
N VAL A 80 5.65 0.86 4.62
CA VAL A 80 4.54 1.29 3.79
C VAL A 80 3.34 1.70 4.64
N VAL A 81 3.05 2.99 4.65
CA VAL A 81 1.93 3.52 5.43
C VAL A 81 0.78 3.93 4.52
N PHE A 82 -0.43 3.58 4.92
CA PHE A 82 -1.63 3.91 4.14
C PHE A 82 -2.68 4.59 5.02
N SER A 83 -2.87 5.89 4.82
CA SER A 83 -3.84 6.64 5.60
C SER A 83 -5.20 6.66 4.90
N VAL A 84 -6.26 6.63 5.69
CA VAL A 84 -7.62 6.66 5.15
C VAL A 84 -8.64 6.89 6.24
N ARG A 85 -9.53 7.85 6.03
CA ARG A 85 -10.57 8.18 7.00
C ARG A 85 -10.02 8.10 8.42
N GLY A 86 -8.77 8.50 8.59
CA GLY A 86 -8.15 8.46 9.90
C GLY A 86 -7.33 7.20 10.12
N LEU A 87 -7.82 6.09 9.59
CA LEU A 87 -7.12 4.82 9.74
C LEU A 87 -5.75 4.86 9.05
N THR A 88 -4.79 4.12 9.61
CA THR A 88 -3.45 4.07 9.06
C THR A 88 -2.86 2.67 9.17
N SER A 89 -2.55 2.07 8.03
CA SER A 89 -1.98 0.72 8.01
C SER A 89 -0.50 0.77 7.62
N LYS A 90 0.34 0.20 8.48
CA LYS A 90 1.78 0.18 8.24
C LYS A 90 2.22 -1.19 7.75
N ALA A 91 3.39 -1.25 7.14
CA ALA A 91 3.94 -2.50 6.62
C ALA A 91 5.43 -2.37 6.32
N SER A 92 6.04 -3.48 5.91
CA SER A 92 7.46 -3.49 5.59
C SER A 92 7.69 -3.95 4.16
N LEU A 93 8.42 -3.15 3.39
CA LEU A 93 8.71 -3.48 2.01
C LEU A 93 10.16 -3.95 1.85
N ILE A 94 10.33 -5.15 1.30
CA ILE A 94 11.65 -5.71 1.10
C ILE A 94 12.04 -5.70 -0.39
N VAL A 95 13.24 -5.22 -0.68
CA VAL A 95 13.74 -5.16 -2.05
C VAL A 95 15.19 -5.59 -2.13
N ARG A 96 15.44 -6.69 -2.84
CA ARG A 96 16.79 -7.21 -2.99
C ARG A 96 17.33 -6.89 -4.38
N GLU A 97 18.48 -6.22 -4.42
CA GLU A 97 19.11 -5.85 -5.69
C GLU A 97 19.60 -7.09 -6.43
N ARG A 98 19.64 -7.01 -7.76
CA ARG A 98 20.08 -8.12 -8.59
C ARG A 98 21.61 -8.23 -8.56
N SER A 99 22.28 -7.14 -8.94
CA SER A 99 23.73 -7.12 -8.97
C SER A 99 24.29 -8.26 -9.82
N GLY A 100 23.71 -8.42 -11.02
CA GLY A 100 24.16 -9.47 -11.92
C GLY A 100 23.29 -9.57 -13.16
N PRO A 101 23.91 -9.93 -14.29
CA PRO A 101 23.21 -10.07 -15.58
C PRO A 101 22.28 -11.27 -15.60
N SER A 102 20.99 -11.03 -15.36
CA SER A 102 20.00 -12.09 -15.35
C SER A 102 19.18 -12.07 -16.63
N SER A 103 19.54 -12.94 -17.57
CA SER A 103 18.83 -13.02 -18.84
C SER A 103 17.41 -13.52 -18.64
N GLY A 104 16.52 -13.19 -19.58
CA GLY A 104 15.14 -13.62 -19.49
C GLY A 104 14.89 -14.93 -20.21
#